data_7CFT
#
_entry.id   7CFT
#
_cell.length_a   1.00
_cell.length_b   1.00
_cell.length_c   1.00
_cell.angle_alpha   90.00
_cell.angle_beta   90.00
_cell.angle_gamma   90.00
#
_symmetry.space_group_name_H-M   'P 1'
#
loop_
_entity.id
_entity.type
_entity.pdbx_description
1 polymer 'Acid-sensing ion channel 1'
2 polymer Mambalgin-1
3 non-polymer 2-acetamido-2-deoxy-beta-D-glucopyranose
#
loop_
_entity_poly.entity_id
_entity_poly.type
_entity_poly.pdbx_seq_one_letter_code
_entity_poly.pdbx_strand_id
1 'polypeptide(L)'
;MHHHHHHHHMELKAEEEEVGGVQPVSIQAFASSSTLHGLAHIFSYERLSLKRALWALCFLGSLAVLLCVCTERVQYYFHY
HHVTKLDEVAASQLTFPAVTLCNLNEFRFSQVSKNDLYHAGELLALLNNRYEIPDTQMADEKQLEILQDKANFRSFKPKP
FNMREFYDRAGHDIRDMLLSCHFRGEVCSAEDFKVVFTRYGKCYTFNSGRDGRPRLKTMKGGTGNGLEIMLDIQQDEYLP
VWGETDETSFEAGIKVQIHSQDEPPFIDQLGFGVAPGFQTFVACQEQRLIYLPPPWGTCKAVTMDSDLDFFDSYSITACR
IDCETRYLVENCNCRMVHMPGDAPYCTPEQYKECADPALDFLVEKDQEYCVCEMPCNLTRYGKELSMVKIPSKASAKYLA
KKFNKSEQYIGENILVLDIFFEVLNYETIEQKKAYEIAGLLGDIGGQMGLFIGASILTVLELFDYAYEVIKHKLCRR
;
A,B,C
2 'polypeptide(L)' LKCYQHGKVVTCHRDMKFCYHNTGMPFRNLKLILQGCSSSCSETENNKCCSTDRCNK D,E,F
#
loop_
_chem_comp.id
_chem_comp.type
_chem_comp.name
_chem_comp.formula
NAG D-saccharide, beta linking 2-acetamido-2-deoxy-beta-D-glucopyranose 'C8 H15 N O6'
#
# COMPACT_ATOMS: atom_id res chain seq x y z
N LEU A 57 -24.75 -9.02 58.58
CA LEU A 57 -25.02 -7.59 58.76
C LEU A 57 -24.11 -6.76 57.86
N CYS A 58 -22.93 -7.30 57.57
CA CYS A 58 -22.02 -6.72 56.58
C CYS A 58 -21.56 -7.73 55.55
N PHE A 59 -21.66 -9.02 55.86
CA PHE A 59 -21.29 -10.06 54.92
C PHE A 59 -22.32 -10.15 53.80
N LEU A 60 -23.58 -9.82 54.12
CA LEU A 60 -24.60 -9.64 53.09
C LEU A 60 -24.32 -8.42 52.24
N GLY A 61 -23.69 -7.39 52.81
CA GLY A 61 -23.38 -6.18 52.09
C GLY A 61 -22.13 -6.22 51.25
N SER A 62 -21.29 -7.24 51.43
CA SER A 62 -20.14 -7.44 50.57
C SER A 62 -20.37 -8.51 49.52
N LEU A 63 -21.39 -9.35 49.69
CA LEU A 63 -21.73 -10.35 48.69
C LEU A 63 -22.37 -9.73 47.47
N ALA A 64 -23.14 -8.65 47.65
CA ALA A 64 -23.69 -7.93 46.50
C ALA A 64 -22.60 -7.17 45.75
N VAL A 65 -21.54 -6.77 46.43
CA VAL A 65 -20.41 -6.17 45.72
C VAL A 65 -19.66 -7.25 44.95
N LEU A 66 -19.67 -8.49 45.44
CA LEU A 66 -19.13 -9.61 44.68
C LEU A 66 -20.04 -9.96 43.52
N LEU A 67 -21.36 -9.97 43.75
CA LEU A 67 -22.32 -10.39 42.74
C LEU A 67 -22.39 -9.42 41.56
N CYS A 68 -22.13 -8.13 41.78
CA CYS A 68 -22.10 -7.18 40.68
C CYS A 68 -20.86 -7.36 39.82
N VAL A 69 -19.70 -7.54 40.46
CA VAL A 69 -18.46 -7.78 39.72
C VAL A 69 -18.45 -9.15 39.06
N CYS A 70 -19.10 -10.16 39.65
CA CYS A 70 -19.20 -11.46 39.01
C CYS A 70 -20.15 -11.45 37.82
N THR A 71 -21.25 -10.68 37.89
CA THR A 71 -22.20 -10.65 36.78
C THR A 71 -21.61 -9.93 35.56
N GLU A 72 -20.86 -8.84 35.79
CA GLU A 72 -20.23 -8.17 34.65
C GLU A 72 -19.10 -9.01 34.08
N ARG A 73 -18.45 -9.82 34.90
CA ARG A 73 -17.34 -10.61 34.41
C ARG A 73 -17.80 -11.90 33.75
N VAL A 74 -19.06 -12.30 34.00
CA VAL A 74 -19.60 -13.42 33.24
C VAL A 74 -20.33 -12.91 32.00
N GLN A 75 -20.72 -11.63 32.00
CA GLN A 75 -21.24 -11.04 30.76
C GLN A 75 -20.12 -10.58 29.84
N TYR A 76 -18.95 -10.23 30.40
CA TYR A 76 -17.77 -9.96 29.59
C TYR A 76 -17.35 -11.19 28.80
N TYR A 77 -17.62 -12.37 29.33
CA TYR A 77 -17.39 -13.60 28.59
C TYR A 77 -18.37 -13.74 27.44
N PHE A 78 -19.61 -13.28 27.63
CA PHE A 78 -20.61 -13.45 26.57
C PHE A 78 -20.51 -12.40 25.49
N HIS A 79 -19.59 -11.44 25.59
CA HIS A 79 -19.29 -10.56 24.46
C HIS A 79 -18.43 -11.24 23.40
N TYR A 80 -17.63 -12.23 23.81
CA TYR A 80 -16.67 -12.93 22.95
C TYR A 80 -15.70 -11.97 22.28
N HIS A 81 -15.08 -11.11 23.09
CA HIS A 81 -14.07 -10.19 22.58
C HIS A 81 -12.85 -10.96 22.09
N HIS A 82 -12.12 -10.38 21.15
CA HIS A 82 -10.93 -11.01 20.60
C HIS A 82 -9.90 -9.96 20.18
N VAL A 83 -8.65 -10.25 20.49
CA VAL A 83 -7.53 -9.40 20.11
C VAL A 83 -6.82 -10.12 18.97
N THR A 84 -6.01 -9.38 18.21
CA THR A 84 -5.32 -9.93 17.05
C THR A 84 -3.82 -9.68 17.14
N LYS A 85 -3.04 -10.60 16.61
CA LYS A 85 -1.61 -10.65 16.79
C LYS A 85 -0.91 -10.66 15.44
N LEU A 86 0.08 -9.79 15.27
CA LEU A 86 0.81 -9.65 14.02
C LEU A 86 2.26 -10.07 14.21
N ASP A 87 2.72 -11.04 13.43
CA ASP A 87 4.09 -11.51 13.47
C ASP A 87 4.78 -11.20 12.16
N GLU A 88 6.08 -11.45 12.12
CA GLU A 88 6.86 -11.44 10.87
C GLU A 88 7.77 -12.66 10.91
N VAL A 89 7.27 -13.79 10.44
CA VAL A 89 8.01 -15.04 10.43
C VAL A 89 9.03 -14.97 9.30
N ALA A 90 10.31 -14.96 9.66
CA ALA A 90 11.35 -14.92 8.62
C ALA A 90 11.49 -16.32 8.05
N ALA A 91 10.63 -16.64 7.08
CA ALA A 91 10.61 -17.98 6.55
C ALA A 91 11.74 -18.19 5.54
N SER A 92 11.95 -19.44 5.16
CA SER A 92 13.03 -19.80 4.26
C SER A 92 12.54 -20.37 2.93
N GLN A 93 11.37 -20.96 2.88
CA GLN A 93 10.75 -21.36 1.63
C GLN A 93 9.39 -20.70 1.50
N LEU A 94 9.07 -20.28 0.28
CA LEU A 94 7.78 -19.68 0.01
C LEU A 94 7.27 -20.18 -1.34
N THR A 95 5.97 -20.47 -1.40
CA THR A 95 5.38 -20.94 -2.64
C THR A 95 4.99 -19.76 -3.51
N PHE A 96 5.20 -19.92 -4.77
CA PHE A 96 4.95 -18.80 -5.67
C PHE A 96 3.46 -18.67 -5.94
N PRO A 97 2.93 -17.46 -5.91
CA PRO A 97 1.51 -17.27 -6.14
C PRO A 97 1.16 -17.42 -7.61
N ALA A 98 -0.02 -17.97 -7.86
CA ALA A 98 -0.42 -18.30 -9.21
C ALA A 98 -0.85 -17.07 -9.96
N VAL A 99 -0.07 -16.68 -10.95
CA VAL A 99 -0.33 -15.49 -11.74
C VAL A 99 -1.21 -15.86 -12.91
N THR A 100 -2.34 -15.20 -13.05
CA THR A 100 -3.17 -15.32 -14.24
C THR A 100 -3.16 -14.00 -14.97
N LEU A 101 -3.46 -14.05 -16.27
CA LEU A 101 -3.41 -12.83 -17.05
C LEU A 101 -4.34 -12.94 -18.24
N CYS A 102 -5.08 -11.88 -18.51
CA CYS A 102 -6.07 -11.87 -19.56
C CYS A 102 -5.84 -10.66 -20.44
N ASN A 103 -5.99 -10.84 -21.74
CA ASN A 103 -6.04 -9.66 -22.59
C ASN A 103 -7.40 -8.99 -22.43
N LEU A 104 -7.44 -7.70 -22.72
CA LEU A 104 -8.68 -6.95 -22.54
C LEU A 104 -9.60 -7.06 -23.73
N ASN A 105 -9.27 -7.89 -24.70
CA ASN A 105 -10.10 -8.15 -25.87
C ASN A 105 -10.56 -9.60 -25.85
N GLU A 106 -11.79 -9.82 -26.28
CA GLU A 106 -12.37 -11.15 -26.14
C GLU A 106 -12.14 -12.04 -27.35
N PHE A 107 -12.24 -11.50 -28.56
CA PHE A 107 -12.11 -12.31 -29.77
C PHE A 107 -11.26 -11.56 -30.77
N ARG A 108 -10.25 -12.23 -31.32
CA ARG A 108 -9.39 -11.55 -32.28
C ARG A 108 -10.11 -11.41 -33.61
N PHE A 109 -9.67 -10.41 -34.38
CA PHE A 109 -10.40 -10.01 -35.58
C PHE A 109 -10.08 -10.87 -36.78
N SER A 110 -8.83 -11.27 -36.94
CA SER A 110 -8.38 -11.95 -38.14
C SER A 110 -8.62 -13.45 -38.11
N GLN A 111 -9.41 -13.95 -37.17
CA GLN A 111 -9.66 -15.38 -37.08
C GLN A 111 -11.12 -15.63 -36.77
N VAL A 112 -12.01 -14.93 -37.45
CA VAL A 112 -13.44 -15.23 -37.44
C VAL A 112 -13.90 -15.38 -38.89
N SER A 113 -14.83 -16.31 -39.09
CA SER A 113 -15.24 -16.76 -40.42
C SER A 113 -16.67 -16.32 -40.69
N LYS A 114 -17.21 -16.81 -41.81
CA LYS A 114 -18.55 -16.40 -42.22
C LYS A 114 -19.62 -16.95 -41.30
N ASN A 115 -19.55 -18.25 -40.98
CA ASN A 115 -20.57 -18.87 -40.14
C ASN A 115 -20.53 -18.38 -38.70
N ASP A 116 -19.35 -18.00 -38.20
CA ASP A 116 -19.27 -17.39 -36.88
C ASP A 116 -19.96 -16.03 -36.88
N LEU A 117 -19.87 -15.33 -38.01
CA LEU A 117 -20.59 -14.07 -38.15
C LEU A 117 -22.06 -14.29 -38.40
N TYR A 118 -22.44 -15.40 -39.02
CA TYR A 118 -23.85 -15.65 -39.27
C TYR A 118 -24.58 -16.13 -38.03
N HIS A 119 -23.92 -16.94 -37.21
CA HIS A 119 -24.57 -17.54 -36.05
C HIS A 119 -24.53 -16.65 -34.81
N ALA A 120 -23.51 -15.83 -34.65
CA ALA A 120 -23.34 -14.99 -33.47
C ALA A 120 -22.94 -13.58 -33.86
N GLY A 121 -23.63 -13.02 -34.85
CA GLY A 121 -23.33 -11.66 -35.26
C GLY A 121 -23.80 -10.61 -34.28
N GLU A 122 -24.84 -10.92 -33.50
CA GLU A 122 -25.32 -10.02 -32.46
C GLU A 122 -24.65 -10.27 -31.13
N LEU A 123 -24.04 -11.44 -30.92
CA LEU A 123 -23.34 -11.67 -29.67
C LEU A 123 -21.93 -11.14 -29.75
N LEU A 124 -21.39 -11.05 -30.96
CA LEU A 124 -20.13 -10.37 -31.26
C LEU A 124 -20.24 -8.86 -31.16
N ALA A 125 -21.47 -8.33 -31.12
CA ALA A 125 -21.77 -6.90 -31.19
C ALA A 125 -21.15 -6.26 -32.43
N LEU A 126 -21.31 -6.94 -33.56
CA LEU A 126 -20.79 -6.46 -34.84
C LEU A 126 -21.83 -6.35 -35.93
N LEU A 127 -22.94 -7.07 -35.84
CA LEU A 127 -23.86 -7.19 -36.95
C LEU A 127 -25.24 -6.66 -36.56
N ASN A 128 -26.10 -6.54 -37.57
CA ASN A 128 -27.48 -6.14 -37.37
C ASN A 128 -28.32 -7.38 -37.03
N ASN A 129 -29.45 -7.17 -36.37
CA ASN A 129 -30.34 -8.28 -36.07
C ASN A 129 -30.99 -8.85 -37.32
N ARG A 130 -31.17 -8.02 -38.36
CA ARG A 130 -31.53 -8.49 -39.69
C ARG A 130 -30.31 -8.74 -40.56
N TYR A 131 -29.16 -9.02 -39.93
CA TYR A 131 -27.94 -9.56 -40.57
C TYR A 131 -27.36 -8.59 -41.60
N GLU A 132 -26.87 -7.46 -41.11
CA GLU A 132 -26.15 -6.50 -41.92
C GLU A 132 -25.09 -5.81 -41.06
N ILE A 133 -24.20 -5.07 -41.72
CA ILE A 133 -23.22 -4.24 -41.02
C ILE A 133 -23.92 -2.93 -40.65
N PRO A 134 -24.28 -2.72 -39.38
CA PRO A 134 -25.25 -1.67 -39.04
C PRO A 134 -24.75 -0.24 -39.21
N ASP A 135 -23.61 0.09 -38.62
CA ASP A 135 -23.08 1.45 -38.63
C ASP A 135 -21.73 1.47 -39.34
N THR A 136 -21.67 0.79 -40.48
CA THR A 136 -20.45 0.70 -41.28
C THR A 136 -20.21 2.05 -41.95
N GLN A 137 -19.65 2.98 -41.18
CA GLN A 137 -19.57 4.38 -41.63
C GLN A 137 -18.39 5.03 -40.93
N MET A 138 -17.40 5.45 -41.74
CA MET A 138 -16.30 6.33 -41.34
C MET A 138 -15.44 5.73 -40.24
N ALA A 139 -15.24 4.41 -40.31
CA ALA A 139 -14.32 3.74 -39.40
C ALA A 139 -12.95 3.56 -40.04
N ASP A 140 -12.88 2.81 -41.14
CA ASP A 140 -11.61 2.43 -41.76
C ASP A 140 -11.93 1.96 -43.18
N GLU A 141 -10.90 1.72 -43.98
CA GLU A 141 -11.05 1.10 -45.29
C GLU A 141 -10.51 -0.31 -45.32
N LYS A 142 -9.44 -0.58 -44.57
CA LYS A 142 -8.90 -1.95 -44.52
C LYS A 142 -9.76 -2.83 -43.64
N GLN A 143 -10.29 -2.28 -42.54
CA GLN A 143 -11.22 -3.03 -41.70
C GLN A 143 -12.54 -3.25 -42.42
N LEU A 144 -13.03 -2.24 -43.14
CA LEU A 144 -14.32 -2.36 -43.80
C LEU A 144 -14.27 -3.26 -45.03
N GLU A 145 -13.12 -3.36 -45.68
CA GLU A 145 -13.01 -4.23 -46.85
C GLU A 145 -13.06 -5.69 -46.44
N ILE A 146 -12.35 -6.05 -45.37
CA ILE A 146 -12.35 -7.45 -44.92
C ILE A 146 -13.64 -7.78 -44.20
N LEU A 147 -14.35 -6.79 -43.66
CA LEU A 147 -15.61 -7.04 -42.97
C LEU A 147 -16.73 -7.46 -43.90
N GLN A 148 -16.98 -6.69 -44.97
CA GLN A 148 -18.08 -7.02 -45.88
C GLN A 148 -17.77 -8.27 -46.69
N ASP A 149 -16.49 -8.58 -46.86
CA ASP A 149 -16.11 -9.80 -47.56
C ASP A 149 -16.36 -11.04 -46.71
N LYS A 150 -16.16 -10.95 -45.39
CA LYS A 150 -16.54 -12.07 -44.54
C LYS A 150 -17.94 -11.93 -43.98
N ALA A 151 -18.73 -10.97 -44.46
CA ALA A 151 -20.14 -10.86 -44.09
C ALA A 151 -21.03 -10.77 -45.32
N ASN A 152 -20.67 -11.50 -46.37
CA ASN A 152 -21.46 -11.47 -47.60
C ASN A 152 -22.79 -12.21 -47.42
N PHE A 153 -22.72 -13.45 -46.93
CA PHE A 153 -23.86 -14.37 -46.76
C PHE A 153 -24.64 -14.58 -48.05
N ARG A 154 -23.94 -14.54 -49.19
CA ARG A 154 -24.55 -14.81 -50.49
C ARG A 154 -24.45 -16.31 -50.74
N SER A 155 -25.55 -17.01 -50.46
CA SER A 155 -25.64 -18.48 -50.49
C SER A 155 -24.60 -19.15 -49.60
N PHE A 156 -24.26 -18.51 -48.48
CA PHE A 156 -23.30 -19.06 -47.53
C PHE A 156 -24.04 -20.06 -46.64
N LYS A 157 -23.76 -21.34 -46.83
CA LYS A 157 -24.45 -22.37 -46.07
C LYS A 157 -23.94 -22.38 -44.63
N PRO A 158 -24.84 -22.50 -43.65
CA PRO A 158 -24.40 -22.56 -42.25
C PRO A 158 -23.74 -23.87 -41.90
N LYS A 159 -23.21 -23.92 -40.69
CA LYS A 159 -22.38 -25.00 -40.20
C LYS A 159 -22.81 -25.36 -38.77
N PRO A 160 -22.41 -26.52 -38.27
CA PRO A 160 -22.61 -26.79 -36.83
C PRO A 160 -21.74 -25.89 -35.98
N PHE A 161 -22.33 -25.31 -34.95
CA PHE A 161 -21.68 -24.32 -34.12
C PHE A 161 -21.50 -24.84 -32.69
N ASN A 162 -20.42 -24.42 -32.06
CA ASN A 162 -20.17 -24.73 -30.66
C ASN A 162 -19.38 -23.58 -30.05
N MET A 163 -19.87 -23.04 -28.94
CA MET A 163 -19.25 -21.85 -28.36
C MET A 163 -17.91 -22.15 -27.73
N ARG A 164 -17.77 -23.31 -27.09
CA ARG A 164 -16.50 -23.73 -26.53
C ARG A 164 -15.46 -23.94 -27.62
N GLU A 165 -15.87 -24.40 -28.80
CA GLU A 165 -14.95 -24.47 -29.92
C GLU A 165 -14.59 -23.10 -30.45
N PHE A 166 -15.52 -22.15 -30.36
CA PHE A 166 -15.25 -20.80 -30.85
C PHE A 166 -14.21 -20.09 -30.00
N TYR A 167 -14.26 -20.30 -28.68
CA TYR A 167 -13.30 -19.63 -27.80
C TYR A 167 -11.92 -20.28 -27.82
N ASP A 168 -11.80 -21.51 -28.33
CA ASP A 168 -10.50 -22.14 -28.35
C ASP A 168 -9.65 -21.73 -29.53
N ARG A 169 -10.24 -21.15 -30.57
CA ARG A 169 -9.48 -20.81 -31.75
C ARG A 169 -9.63 -19.35 -32.15
N ALA A 170 -10.55 -18.62 -31.54
CA ALA A 170 -10.69 -17.20 -31.81
C ALA A 170 -10.31 -16.33 -30.63
N GLY A 171 -9.74 -16.89 -29.58
CA GLY A 171 -9.21 -16.08 -28.50
C GLY A 171 -7.81 -15.61 -28.81
N HIS A 172 -6.92 -15.68 -27.84
CA HIS A 172 -5.54 -15.29 -28.01
C HIS A 172 -4.66 -16.48 -27.64
N ASP A 173 -4.02 -17.07 -28.64
CA ASP A 173 -3.07 -18.15 -28.36
C ASP A 173 -1.87 -17.60 -27.60
N ILE A 174 -1.35 -18.41 -26.68
CA ILE A 174 -0.20 -17.93 -25.91
C ILE A 174 1.10 -18.09 -26.66
N ARG A 175 1.10 -18.83 -27.78
CA ARG A 175 2.34 -19.06 -28.49
C ARG A 175 2.80 -17.82 -29.26
N ASP A 176 1.90 -16.90 -29.58
CA ASP A 176 2.28 -15.66 -30.22
C ASP A 176 2.05 -14.43 -29.35
N MET A 177 1.35 -14.56 -28.22
CA MET A 177 1.39 -13.50 -27.24
C MET A 177 2.73 -13.48 -26.53
N LEU A 178 3.13 -14.60 -25.94
CA LEU A 178 4.32 -14.62 -25.11
C LEU A 178 5.57 -14.65 -25.98
N LEU A 179 6.62 -13.99 -25.49
CA LEU A 179 7.88 -13.96 -26.23
C LEU A 179 9.02 -14.54 -25.40
N SER A 180 9.01 -14.31 -24.09
CA SER A 180 10.12 -14.77 -23.26
C SER A 180 9.62 -14.92 -21.83
N CYS A 181 9.36 -16.15 -21.41
CA CYS A 181 8.99 -16.44 -20.03
C CYS A 181 10.25 -16.87 -19.29
N HIS A 182 10.40 -16.37 -18.07
CA HIS A 182 11.58 -16.70 -17.27
C HIS A 182 11.17 -17.08 -15.86
N PHE A 183 12.09 -17.73 -15.16
CA PHE A 183 11.89 -18.06 -13.76
C PHE A 183 13.29 -18.25 -13.16
N ARG A 184 13.72 -17.27 -12.36
CA ARG A 184 14.98 -17.30 -11.62
C ARG A 184 16.20 -17.49 -12.51
N GLY A 185 16.10 -17.18 -13.80
CA GLY A 185 17.20 -17.41 -14.70
C GLY A 185 16.97 -18.55 -15.67
N GLU A 186 16.39 -19.66 -15.21
CA GLU A 186 16.15 -20.76 -16.12
C GLU A 186 14.93 -20.46 -16.98
N VAL A 187 14.98 -20.91 -18.23
CA VAL A 187 14.08 -20.42 -19.25
C VAL A 187 12.77 -21.19 -19.18
N CYS A 188 11.74 -20.52 -18.70
CA CYS A 188 10.37 -20.99 -18.81
C CYS A 188 9.92 -21.04 -20.26
N SER A 189 8.82 -21.77 -20.50
CA SER A 189 8.35 -22.04 -21.84
C SER A 189 6.86 -21.78 -21.92
N ALA A 190 6.26 -22.19 -23.02
CA ALA A 190 4.86 -21.85 -23.28
C ALA A 190 3.88 -22.82 -22.65
N GLU A 191 4.25 -24.10 -22.50
CA GLU A 191 3.31 -25.09 -22.00
C GLU A 191 3.24 -25.17 -20.48
N ASP A 192 3.77 -24.18 -19.77
CA ASP A 192 3.57 -24.12 -18.32
C ASP A 192 2.30 -23.37 -17.95
N PHE A 193 1.53 -22.92 -18.91
CA PHE A 193 0.38 -22.06 -18.65
C PHE A 193 -0.90 -22.84 -18.85
N LYS A 194 -1.56 -23.18 -17.75
CA LYS A 194 -2.83 -23.89 -17.82
C LYS A 194 -3.92 -22.94 -18.30
N VAL A 195 -4.62 -23.33 -19.37
CA VAL A 195 -5.67 -22.49 -19.92
C VAL A 195 -6.88 -22.51 -19.01
N VAL A 196 -7.46 -21.35 -18.75
CA VAL A 196 -8.64 -21.21 -17.92
C VAL A 196 -9.63 -20.37 -18.72
N PHE A 197 -10.88 -20.33 -18.27
CA PHE A 197 -11.91 -19.55 -18.95
C PHE A 197 -12.59 -18.65 -17.95
N THR A 198 -12.49 -17.34 -18.15
CA THR A 198 -13.30 -16.40 -17.39
C THR A 198 -13.90 -15.35 -18.29
N ARG A 199 -14.53 -14.33 -17.69
CA ARG A 199 -15.50 -13.50 -18.40
C ARG A 199 -14.87 -12.61 -19.47
N TYR A 200 -13.57 -12.38 -19.40
CA TYR A 200 -12.90 -11.62 -20.46
C TYR A 200 -12.56 -12.48 -21.66
N GLY A 201 -12.87 -13.78 -21.62
CA GLY A 201 -12.55 -14.64 -22.74
C GLY A 201 -11.51 -15.68 -22.36
N LYS A 202 -10.54 -15.90 -23.24
CA LYS A 202 -9.52 -16.91 -22.98
C LYS A 202 -8.45 -16.31 -22.10
N CYS A 203 -8.12 -16.97 -21.01
CA CYS A 203 -7.16 -16.47 -20.05
C CYS A 203 -6.22 -17.58 -19.62
N TYR A 204 -5.00 -17.22 -19.28
CA TYR A 204 -3.99 -18.20 -18.95
C TYR A 204 -3.64 -18.12 -17.48
N THR A 205 -2.85 -19.08 -17.02
CA THR A 205 -2.56 -19.19 -15.60
C THR A 205 -1.18 -19.78 -15.43
N PHE A 206 -0.27 -19.02 -14.86
CA PHE A 206 1.02 -19.56 -14.47
C PHE A 206 0.88 -20.21 -13.10
N ASN A 207 1.62 -21.32 -12.91
CA ASN A 207 1.79 -21.98 -11.60
C ASN A 207 0.46 -22.44 -11.01
N SER A 208 -0.29 -23.22 -11.78
CA SER A 208 -1.66 -23.52 -11.38
C SER A 208 -1.72 -24.52 -10.25
N GLY A 209 -0.87 -25.53 -10.28
CA GLY A 209 -0.88 -26.56 -9.27
C GLY A 209 -1.77 -27.75 -9.59
N ARG A 210 -2.69 -27.61 -10.52
CA ARG A 210 -3.52 -28.72 -10.94
C ARG A 210 -2.80 -29.49 -12.04
N ASP A 211 -3.53 -30.39 -12.71
CA ASP A 211 -3.15 -31.23 -13.85
C ASP A 211 -1.77 -31.90 -13.76
N GLY A 212 -1.34 -32.24 -12.54
CA GLY A 212 -0.13 -33.01 -12.33
C GLY A 212 1.13 -32.20 -12.05
N ARG A 213 1.19 -30.95 -12.50
CA ARG A 213 2.39 -30.16 -12.30
C ARG A 213 2.46 -29.67 -10.85
N PRO A 214 3.60 -29.82 -10.18
CA PRO A 214 3.70 -29.42 -8.78
C PRO A 214 3.74 -27.91 -8.62
N ARG A 215 3.62 -27.47 -7.38
CA ARG A 215 3.65 -26.06 -7.07
C ARG A 215 5.09 -25.59 -6.99
N LEU A 216 5.46 -24.61 -7.80
CA LEU A 216 6.83 -24.11 -7.80
C LEU A 216 7.10 -23.28 -6.56
N LYS A 217 8.37 -23.18 -6.20
CA LYS A 217 8.78 -22.46 -5.00
C LYS A 217 9.88 -21.46 -5.33
N THR A 218 10.09 -20.54 -4.41
CA THR A 218 11.18 -19.57 -4.51
C THR A 218 11.85 -19.46 -3.15
N MET A 219 13.13 -19.09 -3.17
CA MET A 219 13.92 -19.04 -1.95
C MET A 219 14.82 -17.82 -1.88
N LYS A 220 14.66 -16.85 -2.77
CA LYS A 220 15.47 -15.65 -2.75
C LYS A 220 14.59 -14.45 -3.08
N GLY A 221 14.95 -13.29 -2.55
CA GLY A 221 14.22 -12.07 -2.80
C GLY A 221 14.66 -11.42 -4.09
N GLY A 222 14.43 -10.11 -4.19
CA GLY A 222 15.01 -9.34 -5.27
C GLY A 222 14.32 -9.48 -6.61
N THR A 223 14.61 -8.56 -7.53
CA THR A 223 13.91 -8.53 -8.81
C THR A 223 14.34 -9.64 -9.75
N GLY A 224 15.47 -10.29 -9.50
CA GLY A 224 15.89 -11.29 -10.44
C GLY A 224 15.39 -12.68 -10.17
N ASN A 225 14.41 -12.84 -9.28
CA ASN A 225 14.02 -14.15 -8.78
C ASN A 225 12.52 -14.33 -8.82
N GLY A 226 11.92 -14.03 -9.95
CA GLY A 226 10.50 -14.27 -10.18
C GLY A 226 10.26 -14.30 -11.67
N LEU A 227 9.02 -14.08 -12.07
CA LEU A 227 8.70 -14.05 -13.49
C LEU A 227 9.31 -12.85 -14.16
N GLU A 228 9.63 -13.00 -15.43
CA GLU A 228 9.96 -11.88 -16.30
C GLU A 228 9.34 -12.25 -17.63
N ILE A 229 8.14 -11.75 -17.87
CA ILE A 229 7.32 -12.17 -18.99
C ILE A 229 7.28 -11.01 -19.97
N MET A 230 7.85 -11.17 -21.14
CA MET A 230 7.73 -10.11 -22.13
C MET A 230 6.56 -10.44 -23.04
N LEU A 231 5.39 -9.95 -22.68
CA LEU A 231 4.18 -10.27 -23.42
C LEU A 231 4.06 -9.42 -24.67
N ASP A 232 2.97 -9.60 -25.40
CA ASP A 232 2.67 -8.81 -26.59
C ASP A 232 1.17 -8.87 -26.77
N ILE A 233 0.53 -7.71 -26.86
CA ILE A 233 -0.92 -7.65 -26.73
C ILE A 233 -1.65 -7.52 -28.05
N GLN A 234 -0.95 -7.20 -29.15
CA GLN A 234 -1.47 -7.21 -30.52
C GLN A 234 -2.69 -6.31 -30.70
N GLN A 235 -2.44 -5.00 -30.58
CA GLN A 235 -3.53 -4.04 -30.68
C GLN A 235 -4.16 -3.97 -32.06
N ASP A 236 -3.49 -4.48 -33.09
CA ASP A 236 -4.04 -4.44 -34.44
C ASP A 236 -5.28 -5.32 -34.57
N GLU A 237 -5.30 -6.45 -33.87
CA GLU A 237 -6.37 -7.44 -34.03
C GLU A 237 -7.45 -7.29 -32.98
N TYR A 238 -7.65 -6.10 -32.45
CA TYR A 238 -8.78 -5.87 -31.58
C TYR A 238 -10.05 -5.74 -32.41
N LEU A 239 -11.19 -5.82 -31.76
CA LEU A 239 -12.45 -5.67 -32.48
C LEU A 239 -12.64 -4.22 -32.91
N PRO A 240 -13.19 -3.98 -34.10
CA PRO A 240 -13.53 -2.61 -34.47
C PRO A 240 -14.71 -2.11 -33.66
N VAL A 241 -14.66 -0.84 -33.28
CA VAL A 241 -15.57 -0.33 -32.27
C VAL A 241 -16.34 0.86 -32.83
N TRP A 242 -16.62 0.82 -34.14
CA TRP A 242 -17.39 1.90 -34.77
C TRP A 242 -18.84 1.94 -34.31
N GLY A 243 -19.34 0.89 -33.67
CA GLY A 243 -20.63 0.94 -33.03
C GLY A 243 -20.55 1.56 -31.64
N GLU A 244 -21.66 1.48 -30.91
CA GLU A 244 -21.69 1.95 -29.53
C GLU A 244 -22.64 1.09 -28.73
N THR A 245 -22.14 0.45 -27.68
CA THR A 245 -22.94 -0.35 -26.76
C THR A 245 -22.62 0.07 -25.33
N ASP A 246 -23.25 -0.62 -24.38
CA ASP A 246 -23.01 -0.34 -22.97
C ASP A 246 -21.76 -1.03 -22.45
N GLU A 247 -21.33 -2.12 -23.08
CA GLU A 247 -20.16 -2.87 -22.64
C GLU A 247 -18.89 -2.42 -23.35
N THR A 248 -18.93 -1.29 -24.05
CA THR A 248 -17.79 -0.86 -24.86
C THR A 248 -16.60 -0.50 -23.98
N SER A 249 -15.44 -1.00 -24.39
CA SER A 249 -14.20 -0.84 -23.65
C SER A 249 -13.17 -0.25 -24.59
N PHE A 250 -12.75 0.97 -24.34
CA PHE A 250 -11.80 1.62 -25.24
C PHE A 250 -10.36 1.23 -24.95
N GLU A 251 -10.09 0.57 -23.84
CA GLU A 251 -8.74 0.41 -23.34
C GLU A 251 -8.00 -0.71 -24.08
N ALA A 252 -6.71 -0.83 -23.83
CA ALA A 252 -5.91 -1.88 -24.45
C ALA A 252 -4.75 -2.23 -23.53
N GLY A 253 -4.93 -3.26 -22.72
CA GLY A 253 -3.88 -3.69 -21.82
C GLY A 253 -4.23 -5.03 -21.23
N ILE A 254 -3.46 -5.44 -20.23
CA ILE A 254 -3.59 -6.76 -19.65
C ILE A 254 -4.09 -6.61 -18.23
N LYS A 255 -5.08 -7.41 -17.85
CA LYS A 255 -5.49 -7.50 -16.47
C LYS A 255 -4.86 -8.73 -15.85
N VAL A 256 -4.23 -8.57 -14.69
CA VAL A 256 -3.43 -9.61 -14.06
C VAL A 256 -3.85 -9.72 -12.61
N GLN A 257 -4.28 -10.90 -12.17
CA GLN A 257 -4.65 -11.11 -10.79
C GLN A 257 -3.70 -12.11 -10.15
N ILE A 258 -3.10 -11.72 -9.04
CA ILE A 258 -2.23 -12.60 -8.27
C ILE A 258 -3.05 -13.21 -7.15
N HIS A 259 -3.08 -14.54 -7.08
CA HIS A 259 -3.87 -15.21 -6.04
C HIS A 259 -3.18 -16.50 -5.65
N SER A 260 -3.69 -17.13 -4.59
CA SER A 260 -3.19 -18.43 -4.20
C SER A 260 -3.74 -19.51 -5.12
N GLN A 261 -3.29 -20.74 -4.91
CA GLN A 261 -3.60 -21.79 -5.87
C GLN A 261 -5.01 -22.32 -5.74
N ASP A 262 -5.64 -22.15 -4.57
CA ASP A 262 -6.93 -22.79 -4.38
C ASP A 262 -8.09 -22.00 -4.98
N GLU A 263 -8.01 -20.68 -5.03
CA GLU A 263 -9.13 -19.96 -5.58
C GLU A 263 -9.07 -20.00 -7.11
N PRO A 264 -10.19 -20.15 -7.78
CA PRO A 264 -10.23 -19.93 -9.22
C PRO A 264 -10.07 -18.45 -9.51
N PRO A 265 -9.62 -18.08 -10.71
CA PRO A 265 -9.37 -16.67 -10.98
C PRO A 265 -10.67 -15.91 -11.16
N PHE A 266 -10.65 -14.65 -10.75
CA PHE A 266 -11.84 -13.81 -10.79
C PHE A 266 -11.48 -12.42 -11.32
N ILE A 267 -10.86 -12.40 -12.50
CA ILE A 267 -10.34 -11.20 -13.16
C ILE A 267 -11.33 -10.05 -13.30
N ASP A 268 -12.62 -10.36 -13.32
CA ASP A 268 -13.65 -9.33 -13.47
C ASP A 268 -13.65 -8.35 -12.30
N GLN A 269 -13.35 -8.83 -11.09
CA GLN A 269 -13.60 -8.02 -9.91
C GLN A 269 -12.43 -7.94 -8.93
N LEU A 270 -11.26 -8.45 -9.28
CA LEU A 270 -10.15 -8.34 -8.35
C LEU A 270 -8.81 -7.97 -8.97
N GLY A 271 -8.70 -7.90 -10.28
CA GLY A 271 -7.41 -7.74 -10.90
C GLY A 271 -7.10 -6.30 -11.25
N PHE A 272 -5.82 -5.96 -11.16
CA PHE A 272 -5.33 -4.66 -11.58
C PHE A 272 -5.02 -4.71 -13.06
N GLY A 273 -4.34 -3.68 -13.57
CA GLY A 273 -4.03 -3.61 -14.97
C GLY A 273 -2.58 -3.22 -15.15
N VAL A 274 -2.03 -3.57 -16.31
CA VAL A 274 -0.66 -3.22 -16.66
C VAL A 274 -0.67 -2.60 -18.04
N ALA A 275 -0.17 -1.48 -18.16
CA ALA A 275 -0.25 -0.74 -19.40
C ALA A 275 0.82 -1.21 -20.37
N PRO A 276 0.59 -1.15 -21.68
CA PRO A 276 1.61 -1.53 -22.63
C PRO A 276 2.63 -0.44 -22.85
N GLY A 277 3.86 -0.87 -23.10
CA GLY A 277 4.95 0.08 -23.24
C GLY A 277 5.54 0.50 -21.92
N PHE A 278 5.39 -0.31 -20.87
CA PHE A 278 5.89 0.05 -19.55
C PHE A 278 6.19 -1.22 -18.78
N GLN A 279 7.45 -1.49 -18.50
CA GLN A 279 7.80 -2.65 -17.69
C GLN A 279 7.48 -2.34 -16.25
N THR A 280 6.61 -3.13 -15.62
CA THR A 280 6.14 -2.84 -14.28
C THR A 280 6.64 -3.87 -13.30
N PHE A 281 7.62 -3.49 -12.48
CA PHE A 281 7.97 -4.30 -11.32
C PHE A 281 6.80 -4.35 -10.37
N VAL A 282 6.32 -5.55 -10.08
CA VAL A 282 5.21 -5.73 -9.16
C VAL A 282 5.73 -6.53 -7.99
N ALA A 283 5.97 -5.88 -6.87
CA ALA A 283 6.42 -6.59 -5.68
C ALA A 283 5.28 -7.38 -5.07
N CYS A 284 5.61 -8.19 -4.07
CA CYS A 284 4.62 -8.98 -3.37
C CYS A 284 5.07 -9.13 -1.93
N GLN A 285 4.11 -9.43 -1.05
CA GLN A 285 4.43 -9.75 0.33
C GLN A 285 3.33 -10.65 0.84
N GLU A 286 3.63 -11.91 1.05
CA GLU A 286 2.60 -12.89 1.33
C GLU A 286 2.03 -12.71 2.73
N GLN A 287 0.73 -12.56 2.82
CA GLN A 287 0.05 -12.50 4.10
C GLN A 287 -0.68 -13.81 4.36
N ARG A 288 -0.92 -14.10 5.63
CA ARG A 288 -1.69 -15.25 6.05
C ARG A 288 -2.76 -14.78 7.02
N LEU A 289 -3.97 -15.27 6.85
CA LEU A 289 -5.07 -14.88 7.73
C LEU A 289 -5.69 -16.10 8.37
N ILE A 290 -5.94 -16.01 9.67
CA ILE A 290 -6.67 -17.02 10.41
C ILE A 290 -7.82 -16.33 11.13
N TYR A 291 -9.04 -16.57 10.67
CA TYR A 291 -10.23 -16.06 11.32
C TYR A 291 -10.78 -17.11 12.27
N LEU A 292 -11.80 -16.73 13.04
CA LEU A 292 -12.31 -17.63 14.06
C LEU A 292 -13.73 -18.08 13.74
N PRO A 293 -14.11 -19.29 14.16
CA PRO A 293 -15.48 -19.76 13.93
C PRO A 293 -16.49 -18.99 14.77
N PRO A 294 -17.77 -19.03 14.42
CA PRO A 294 -18.76 -18.32 15.22
C PRO A 294 -18.99 -19.02 16.54
N PRO A 295 -19.48 -18.30 17.56
CA PRO A 295 -19.89 -16.90 17.64
C PRO A 295 -18.75 -15.92 17.93
N TRP A 296 -17.51 -16.36 17.81
CA TRP A 296 -16.39 -15.43 17.93
C TRP A 296 -16.29 -14.56 16.69
N GLY A 297 -16.27 -15.19 15.51
CA GLY A 297 -16.23 -14.49 14.24
C GLY A 297 -17.10 -15.17 13.20
N THR A 298 -16.55 -15.47 12.03
CA THR A 298 -17.31 -16.21 11.02
C THR A 298 -16.34 -17.08 10.22
N CYS A 299 -16.67 -18.36 10.08
CA CYS A 299 -15.91 -19.27 9.24
C CYS A 299 -16.87 -20.26 8.61
N LYS A 300 -16.50 -20.79 7.45
CA LYS A 300 -16.99 -22.09 7.02
C LYS A 300 -15.88 -23.11 7.26
N ALA A 301 -15.56 -23.28 8.55
CA ALA A 301 -14.43 -24.12 8.94
C ALA A 301 -14.69 -25.60 8.73
N VAL A 302 -15.96 -26.02 8.62
CA VAL A 302 -16.30 -27.40 8.32
C VAL A 302 -15.98 -27.62 6.85
N THR A 303 -14.89 -28.33 6.58
CA THR A 303 -14.40 -28.53 5.21
C THR A 303 -14.53 -29.97 4.76
N MET A 304 -15.59 -30.66 5.15
CA MET A 304 -15.81 -32.01 4.65
C MET A 304 -16.37 -31.96 3.24
N ASP A 305 -17.59 -31.44 3.09
CA ASP A 305 -18.13 -31.08 1.78
C ASP A 305 -19.12 -29.94 2.03
N SER A 306 -18.65 -28.70 1.91
CA SER A 306 -19.50 -27.56 2.26
C SER A 306 -20.36 -27.15 1.07
N ASP A 307 -19.72 -26.68 0.01
CA ASP A 307 -20.44 -26.26 -1.19
C ASP A 307 -19.70 -26.66 -2.45
N LEU A 308 -18.76 -27.60 -2.37
CA LEU A 308 -17.89 -27.94 -3.49
C LEU A 308 -18.66 -28.79 -4.49
N ASP A 309 -19.56 -28.16 -5.22
CA ASP A 309 -20.30 -28.87 -6.24
C ASP A 309 -19.48 -29.09 -7.50
N PHE A 310 -18.52 -28.20 -7.78
CA PHE A 310 -17.67 -28.34 -8.95
C PHE A 310 -16.20 -28.11 -8.65
N PHE A 311 -15.84 -27.85 -7.39
CA PHE A 311 -14.46 -27.63 -6.98
C PHE A 311 -14.14 -28.60 -5.86
N ASP A 312 -13.00 -28.39 -5.21
CA ASP A 312 -12.61 -29.22 -4.07
C ASP A 312 -12.47 -28.41 -2.78
N SER A 313 -11.87 -27.23 -2.83
CA SER A 313 -11.70 -26.42 -1.63
C SER A 313 -12.64 -25.23 -1.65
N TYR A 314 -12.80 -24.63 -0.48
CA TYR A 314 -13.75 -23.55 -0.30
C TYR A 314 -13.01 -22.23 -0.28
N SER A 315 -13.58 -21.23 -0.94
CA SER A 315 -13.02 -19.89 -1.00
C SER A 315 -14.12 -18.94 -1.41
N ILE A 316 -13.95 -17.66 -1.03
CA ILE A 316 -14.99 -16.66 -1.22
C ILE A 316 -15.20 -16.37 -2.69
N THR A 317 -14.17 -16.54 -3.51
CA THR A 317 -14.35 -16.41 -4.95
C THR A 317 -15.10 -17.60 -5.53
N ALA A 318 -14.78 -18.81 -5.08
CA ALA A 318 -15.43 -20.00 -5.63
C ALA A 318 -16.86 -20.14 -5.17
N CYS A 319 -17.26 -19.37 -4.16
CA CYS A 319 -18.67 -19.33 -3.77
C CYS A 319 -19.51 -18.66 -4.84
N ARG A 320 -19.06 -17.52 -5.36
CA ARG A 320 -19.88 -16.76 -6.31
C ARG A 320 -19.99 -17.44 -7.66
N ILE A 321 -18.97 -18.18 -8.09
CA ILE A 321 -19.09 -18.87 -9.36
C ILE A 321 -20.02 -20.06 -9.21
N ASP A 322 -19.92 -20.76 -8.09
CA ASP A 322 -20.81 -21.89 -7.83
C ASP A 322 -22.25 -21.42 -7.64
N CYS A 323 -22.41 -20.22 -7.08
CA CYS A 323 -23.72 -19.57 -7.05
C CYS A 323 -24.25 -19.32 -8.44
N GLU A 324 -23.48 -18.65 -9.29
CA GLU A 324 -24.00 -18.22 -10.58
C GLU A 324 -24.13 -19.39 -11.55
N THR A 325 -23.52 -20.53 -11.23
CA THR A 325 -23.80 -21.71 -12.03
C THR A 325 -25.12 -22.34 -11.63
N ARG A 326 -25.33 -22.48 -10.32
CA ARG A 326 -26.52 -23.16 -9.85
C ARG A 326 -27.76 -22.32 -10.07
N TYR A 327 -27.61 -21.01 -10.17
CA TYR A 327 -28.77 -20.16 -10.45
C TYR A 327 -29.18 -20.28 -11.90
N LEU A 328 -28.20 -20.32 -12.82
CA LEU A 328 -28.54 -20.30 -14.23
C LEU A 328 -29.06 -21.64 -14.71
N VAL A 329 -28.62 -22.73 -14.09
CA VAL A 329 -29.14 -24.03 -14.46
C VAL A 329 -30.58 -24.20 -13.99
N GLU A 330 -31.00 -23.42 -12.99
CA GLU A 330 -32.39 -23.44 -12.56
C GLU A 330 -33.27 -22.51 -13.39
N ASN A 331 -32.76 -21.94 -14.47
CA ASN A 331 -33.57 -21.05 -15.28
C ASN A 331 -33.78 -21.55 -16.70
N CYS A 332 -32.72 -21.84 -17.45
CA CYS A 332 -32.95 -22.42 -18.77
C CYS A 332 -31.95 -23.50 -19.13
N ASN A 333 -31.35 -24.16 -18.13
CA ASN A 333 -30.45 -25.31 -18.30
C ASN A 333 -29.23 -25.00 -19.17
N CYS A 334 -28.82 -23.74 -19.21
CA CYS A 334 -27.64 -23.32 -19.93
C CYS A 334 -26.45 -23.26 -18.98
N ARG A 335 -25.28 -23.00 -19.53
CA ARG A 335 -24.18 -22.39 -18.79
C ARG A 335 -23.28 -21.71 -19.80
N MET A 336 -22.66 -20.61 -19.40
CA MET A 336 -21.68 -20.00 -20.28
C MET A 336 -20.38 -20.80 -20.25
N VAL A 337 -19.45 -20.42 -21.12
CA VAL A 337 -18.22 -21.18 -21.23
C VAL A 337 -17.32 -20.96 -20.02
N HIS A 338 -17.56 -19.92 -19.23
CA HIS A 338 -16.80 -19.68 -18.02
C HIS A 338 -17.52 -20.18 -16.78
N MET A 339 -18.34 -21.22 -16.92
CA MET A 339 -19.15 -21.72 -15.83
C MET A 339 -18.94 -23.22 -15.70
N PRO A 340 -18.31 -23.69 -14.63
CA PRO A 340 -18.00 -25.12 -14.53
C PRO A 340 -19.22 -25.94 -14.14
N GLY A 341 -19.36 -27.08 -14.79
CA GLY A 341 -20.53 -27.92 -14.57
C GLY A 341 -20.58 -29.07 -15.56
N ASP A 342 -21.79 -29.55 -15.80
CA ASP A 342 -22.00 -30.67 -16.71
C ASP A 342 -23.12 -30.41 -17.71
N ALA A 343 -24.02 -29.48 -17.43
CA ALA A 343 -25.05 -29.09 -18.38
C ALA A 343 -24.41 -28.48 -19.62
N PRO A 344 -25.02 -28.62 -20.79
CA PRO A 344 -24.34 -28.24 -22.03
C PRO A 344 -24.21 -26.72 -22.19
N TYR A 345 -23.05 -26.30 -22.70
CA TYR A 345 -22.91 -24.94 -23.20
C TYR A 345 -23.89 -24.75 -24.33
N CYS A 346 -24.81 -23.80 -24.18
CA CYS A 346 -25.97 -23.79 -25.04
C CYS A 346 -25.77 -22.91 -26.26
N THR A 347 -26.70 -23.08 -27.20
CA THR A 347 -26.64 -22.52 -28.53
C THR A 347 -26.69 -20.99 -28.49
N PRO A 348 -26.08 -20.33 -29.47
CA PRO A 348 -26.07 -18.85 -29.46
C PRO A 348 -27.44 -18.23 -29.60
N GLU A 349 -28.35 -18.84 -30.37
CA GLU A 349 -29.68 -18.27 -30.50
C GLU A 349 -30.47 -18.45 -29.21
N GLN A 350 -30.16 -19.49 -28.44
CA GLN A 350 -30.81 -19.70 -27.16
C GLN A 350 -30.27 -18.75 -26.10
N TYR A 351 -29.04 -18.23 -26.28
CA TYR A 351 -28.47 -17.27 -25.33
C TYR A 351 -29.27 -15.98 -25.29
N LYS A 352 -29.89 -15.60 -26.41
CA LYS A 352 -30.51 -14.29 -26.46
C LYS A 352 -31.86 -14.26 -25.75
N GLU A 353 -32.56 -15.40 -25.67
CA GLU A 353 -33.83 -15.40 -24.95
C GLU A 353 -33.59 -15.51 -23.45
N CYS A 354 -32.90 -16.54 -23.00
CA CYS A 354 -32.87 -16.87 -21.59
C CYS A 354 -31.56 -16.51 -20.91
N ALA A 355 -30.42 -16.86 -21.52
CA ALA A 355 -29.15 -16.80 -20.80
C ALA A 355 -28.66 -15.37 -20.65
N ASP A 356 -28.97 -14.49 -21.62
CA ASP A 356 -28.55 -13.11 -21.49
C ASP A 356 -29.29 -12.36 -20.37
N PRO A 357 -30.63 -12.29 -20.33
CA PRO A 357 -31.24 -11.44 -19.29
C PRO A 357 -31.20 -12.06 -17.90
N ALA A 358 -31.02 -13.37 -17.78
CA ALA A 358 -30.95 -13.99 -16.47
C ALA A 358 -29.70 -13.59 -15.74
N LEU A 359 -28.61 -13.37 -16.47
CA LEU A 359 -27.39 -12.85 -15.88
C LEU A 359 -27.35 -11.34 -15.85
N ASP A 360 -28.03 -10.66 -16.77
CA ASP A 360 -28.07 -9.21 -16.64
C ASP A 360 -29.06 -8.75 -15.58
N PHE A 361 -29.88 -9.64 -15.06
CA PHE A 361 -30.62 -9.28 -13.85
C PHE A 361 -29.70 -9.26 -12.65
N LEU A 362 -28.65 -10.08 -12.67
CA LEU A 362 -27.71 -10.16 -11.55
C LEU A 362 -26.87 -8.91 -11.40
N VAL A 363 -26.55 -8.23 -12.51
CA VAL A 363 -25.77 -7.00 -12.41
C VAL A 363 -26.65 -5.78 -12.20
N GLU A 364 -27.94 -5.97 -11.92
CA GLU A 364 -28.87 -4.87 -11.75
C GLU A 364 -29.57 -4.91 -10.40
N LYS A 365 -29.46 -6.00 -9.66
CA LYS A 365 -30.21 -6.19 -8.41
C LYS A 365 -29.77 -5.25 -7.29
N ASP A 366 -28.58 -4.66 -7.40
CA ASP A 366 -28.00 -3.72 -6.43
C ASP A 366 -27.81 -4.37 -5.06
N GLN A 367 -27.66 -5.69 -5.05
CA GLN A 367 -27.22 -6.45 -3.90
C GLN A 367 -26.44 -7.65 -4.40
N GLU A 368 -25.55 -8.16 -3.56
CA GLU A 368 -24.97 -9.46 -3.82
C GLU A 368 -26.09 -10.45 -3.61
N TYR A 369 -26.54 -11.06 -4.72
CA TYR A 369 -27.70 -11.94 -4.68
C TYR A 369 -27.39 -13.21 -3.89
N CYS A 370 -26.20 -13.76 -4.08
CA CYS A 370 -25.85 -14.96 -3.35
C CYS A 370 -24.73 -14.67 -2.36
N VAL A 371 -25.05 -14.88 -1.09
CA VAL A 371 -24.17 -14.56 0.01
C VAL A 371 -23.44 -15.82 0.42
N CYS A 372 -22.33 -15.64 1.12
CA CYS A 372 -21.57 -16.69 1.77
C CYS A 372 -20.60 -16.01 2.72
N GLU A 373 -19.72 -16.81 3.32
CA GLU A 373 -18.80 -16.30 4.31
C GLU A 373 -17.38 -16.67 3.91
N MET A 374 -16.43 -15.91 4.43
CA MET A 374 -15.05 -16.14 4.13
C MET A 374 -14.54 -17.37 4.88
N PRO A 375 -13.60 -18.09 4.31
CA PRO A 375 -12.96 -19.17 5.06
C PRO A 375 -11.92 -18.60 6.00
N CYS A 376 -11.31 -19.44 6.80
CA CYS A 376 -10.25 -19.02 7.71
C CYS A 376 -8.97 -19.79 7.50
N ASN A 377 -8.53 -19.81 6.24
CA ASN A 377 -7.16 -20.08 5.85
C ASN A 377 -6.73 -19.15 4.73
N LEU A 378 -7.22 -17.91 4.77
CA LEU A 378 -7.01 -16.99 3.66
C LEU A 378 -5.58 -16.53 3.58
N THR A 379 -5.03 -16.53 2.36
CA THR A 379 -3.69 -16.01 2.06
C THR A 379 -3.85 -14.94 1.00
N ARG A 380 -3.76 -13.68 1.38
CA ARG A 380 -3.85 -12.60 0.40
C ARG A 380 -2.47 -12.31 -0.16
N TYR A 381 -2.35 -11.26 -0.97
CA TYR A 381 -1.05 -10.87 -1.53
C TYR A 381 -1.07 -9.36 -1.72
N GLY A 382 -0.32 -8.65 -0.89
CA GLY A 382 -0.23 -7.21 -1.04
C GLY A 382 0.80 -6.83 -2.08
N LYS A 383 0.47 -5.82 -2.89
CA LYS A 383 1.25 -5.47 -4.06
C LYS A 383 1.64 -4.00 -4.02
N GLU A 384 2.73 -3.68 -4.74
CA GLU A 384 3.26 -2.33 -4.78
C GLU A 384 3.89 -2.08 -6.14
N LEU A 385 3.16 -1.42 -7.05
CA LEU A 385 3.60 -1.26 -8.42
C LEU A 385 4.71 -0.22 -8.53
N SER A 386 5.25 -0.09 -9.75
CA SER A 386 6.27 0.86 -10.17
C SER A 386 6.48 0.72 -11.65
N MET A 387 6.83 1.77 -12.38
CA MET A 387 6.87 1.64 -13.83
C MET A 387 8.19 2.15 -14.39
N VAL A 388 8.69 1.48 -15.43
CA VAL A 388 9.88 1.89 -16.16
C VAL A 388 9.59 1.75 -17.65
N LYS A 389 9.86 2.80 -18.43
CA LYS A 389 9.57 2.80 -19.86
C LYS A 389 10.46 1.83 -20.61
N ILE A 390 9.86 0.86 -21.29
CA ILE A 390 10.61 -0.25 -21.87
C ILE A 390 11.32 0.04 -23.20
N PRO A 391 10.67 0.48 -24.30
CA PRO A 391 11.36 0.37 -25.58
C PRO A 391 12.34 1.52 -25.78
N SER A 392 13.55 1.36 -25.24
CA SER A 392 14.52 2.43 -25.19
C SER A 392 14.98 2.84 -26.58
N LYS A 393 15.53 4.05 -26.68
CA LYS A 393 16.01 4.50 -27.97
C LYS A 393 17.29 3.79 -28.37
N ALA A 394 17.99 3.19 -27.41
CA ALA A 394 19.09 2.31 -27.75
C ALA A 394 18.57 0.93 -28.16
N SER A 395 17.45 0.50 -27.58
CA SER A 395 16.94 -0.85 -27.76
C SER A 395 15.78 -0.93 -28.72
N ALA A 396 15.58 0.08 -29.57
CA ALA A 396 14.44 0.06 -30.47
C ALA A 396 14.71 -0.87 -31.65
N LYS A 397 15.83 -0.70 -32.32
CA LYS A 397 16.07 -1.41 -33.56
C LYS A 397 16.52 -2.85 -33.36
N TYR A 398 16.71 -3.30 -32.12
CA TYR A 398 17.00 -4.71 -31.92
C TYR A 398 15.72 -5.52 -31.80
N LEU A 399 14.74 -5.01 -31.06
CA LEU A 399 13.50 -5.75 -30.87
C LEU A 399 12.68 -5.80 -32.14
N ALA A 400 12.76 -4.78 -32.98
CA ALA A 400 12.05 -4.82 -34.25
C ALA A 400 12.70 -5.80 -35.22
N LYS A 401 14.02 -5.97 -35.12
CA LYS A 401 14.70 -6.91 -35.99
C LYS A 401 14.50 -8.34 -35.51
N LYS A 402 14.51 -8.55 -34.20
CA LYS A 402 14.48 -9.91 -33.66
C LYS A 402 13.12 -10.55 -33.78
N PHE A 403 12.08 -9.86 -33.34
CA PHE A 403 10.73 -10.40 -33.40
C PHE A 403 10.04 -10.11 -34.73
N ASN A 404 10.79 -9.56 -35.70
CA ASN A 404 10.36 -9.38 -37.09
C ASN A 404 9.12 -8.48 -37.18
N LYS A 405 9.22 -7.30 -36.57
CA LYS A 405 8.08 -6.41 -36.50
C LYS A 405 8.55 -4.99 -36.81
N SER A 406 7.59 -4.07 -36.90
CA SER A 406 7.87 -2.70 -37.29
C SER A 406 8.53 -1.95 -36.13
N GLU A 407 8.81 -0.68 -36.34
CA GLU A 407 9.39 0.11 -35.25
C GLU A 407 8.30 0.68 -34.35
N GLN A 408 7.26 1.28 -34.94
CA GLN A 408 6.19 1.86 -34.16
C GLN A 408 5.30 0.79 -33.54
N TYR A 409 5.35 -0.45 -34.07
CA TYR A 409 4.66 -1.57 -33.44
C TYR A 409 5.28 -1.94 -32.11
N ILE A 410 6.56 -1.60 -31.90
CA ILE A 410 7.23 -1.96 -30.66
C ILE A 410 6.72 -1.11 -29.50
N GLY A 411 6.70 0.20 -29.68
CA GLY A 411 6.34 1.10 -28.60
C GLY A 411 4.89 1.10 -28.20
N GLU A 412 4.05 0.31 -28.87
CA GLU A 412 2.65 0.24 -28.52
C GLU A 412 2.24 -1.13 -27.98
N ASN A 413 2.87 -2.20 -28.43
CA ASN A 413 2.38 -3.54 -28.14
C ASN A 413 3.41 -4.41 -27.45
N ILE A 414 4.21 -3.86 -26.56
CA ILE A 414 5.15 -4.66 -25.80
C ILE A 414 4.99 -4.35 -24.33
N LEU A 415 4.80 -5.38 -23.54
CA LEU A 415 4.59 -5.28 -22.12
C LEU A 415 5.55 -6.24 -21.44
N VAL A 416 6.12 -5.81 -20.32
CA VAL A 416 7.03 -6.66 -19.57
C VAL A 416 6.55 -6.70 -18.13
N LEU A 417 5.85 -7.76 -17.76
CA LEU A 417 5.58 -7.97 -16.36
C LEU A 417 6.85 -8.40 -15.66
N ASP A 418 6.90 -8.23 -14.35
CA ASP A 418 8.03 -8.68 -13.56
C ASP A 418 7.57 -8.82 -12.11
N ILE A 419 7.27 -10.03 -11.68
CA ILE A 419 6.67 -10.25 -10.37
C ILE A 419 7.68 -10.96 -9.50
N PHE A 420 7.92 -10.47 -8.30
CA PHE A 420 8.90 -11.09 -7.43
C PHE A 420 8.61 -10.77 -5.98
N PHE A 421 8.98 -11.69 -5.11
CA PHE A 421 8.92 -11.44 -3.68
C PHE A 421 9.97 -10.41 -3.30
N GLU A 422 9.64 -9.55 -2.34
CA GLU A 422 10.58 -8.50 -1.97
C GLU A 422 11.52 -8.96 -0.89
N VAL A 423 10.98 -9.30 0.28
CA VAL A 423 11.73 -9.96 1.32
C VAL A 423 10.96 -11.18 1.75
N LEU A 424 11.68 -12.27 2.02
CA LEU A 424 11.05 -13.57 2.27
C LEU A 424 10.39 -13.54 3.64
N ASN A 425 9.23 -12.90 3.70
CA ASN A 425 8.56 -12.68 4.95
C ASN A 425 7.18 -13.29 4.90
N TYR A 426 6.47 -13.11 6.01
CA TYR A 426 5.28 -13.88 6.29
C TYR A 426 4.53 -13.05 7.32
N GLU A 427 3.53 -12.32 6.89
CA GLU A 427 2.87 -11.39 7.79
C GLU A 427 1.55 -12.02 8.21
N THR A 428 1.54 -12.72 9.32
CA THR A 428 0.37 -13.47 9.74
C THR A 428 -0.48 -12.63 10.69
N ILE A 429 -1.77 -12.56 10.43
CA ILE A 429 -2.71 -11.80 11.23
C ILE A 429 -3.82 -12.75 11.65
N GLU A 430 -3.81 -13.19 12.90
CA GLU A 430 -4.78 -14.18 13.36
C GLU A 430 -5.61 -13.63 14.51
N GLN A 431 -6.79 -14.20 14.65
CA GLN A 431 -7.72 -13.83 15.70
C GLN A 431 -7.68 -14.90 16.79
N LYS A 432 -7.57 -14.46 18.04
CA LYS A 432 -7.56 -15.35 19.19
C LYS A 432 -8.64 -14.91 20.16
N LYS A 433 -9.39 -15.87 20.70
CA LYS A 433 -10.43 -15.57 21.67
C LYS A 433 -9.80 -15.08 22.96
N ALA A 434 -10.29 -13.97 23.49
CA ALA A 434 -9.58 -13.24 24.53
C ALA A 434 -10.08 -13.55 25.94
N TYR A 435 -11.25 -14.15 26.09
CA TYR A 435 -11.75 -14.56 27.40
C TYR A 435 -12.35 -15.96 27.28
N GLU A 436 -11.49 -16.96 27.46
CA GLU A 436 -11.86 -18.36 27.38
C GLU A 436 -12.59 -18.79 28.65
N ILE A 437 -12.98 -20.07 28.67
CA ILE A 437 -13.68 -20.59 29.86
C ILE A 437 -12.70 -20.78 31.01
N ALA A 438 -11.45 -21.13 30.71
CA ALA A 438 -10.47 -21.38 31.75
C ALA A 438 -9.93 -20.10 32.38
N GLY A 439 -10.28 -18.95 31.85
CA GLY A 439 -9.90 -17.70 32.48
C GLY A 439 -11.05 -17.15 33.28
N LEU A 440 -12.21 -17.79 33.16
CA LEU A 440 -13.39 -17.32 33.90
C LEU A 440 -13.26 -17.63 35.38
N LEU A 441 -13.01 -18.90 35.71
CA LEU A 441 -12.84 -19.28 37.11
C LEU A 441 -11.55 -18.72 37.68
N GLY A 442 -10.54 -18.52 36.84
CA GLY A 442 -9.33 -17.85 37.28
C GLY A 442 -9.53 -16.40 37.63
N ASP A 443 -10.51 -15.74 37.02
CA ASP A 443 -10.82 -14.35 37.36
C ASP A 443 -12.08 -14.25 38.20
N ILE A 444 -12.77 -15.35 38.46
CA ILE A 444 -13.84 -15.31 39.45
C ILE A 444 -13.26 -15.38 40.86
N GLY A 445 -11.98 -15.77 40.98
CA GLY A 445 -11.36 -15.96 42.28
C GLY A 445 -10.48 -14.83 42.74
N GLY A 446 -10.30 -13.80 41.92
CA GLY A 446 -9.55 -12.64 42.36
C GLY A 446 -10.32 -11.81 43.37
N GLN A 447 -11.64 -11.74 43.20
CA GLN A 447 -12.44 -10.88 44.06
C GLN A 447 -12.91 -11.61 45.32
N MET A 448 -13.25 -12.89 45.21
CA MET A 448 -13.66 -13.63 46.39
C MET A 448 -12.46 -14.01 47.25
N GLY A 449 -11.26 -13.99 46.65
CA GLY A 449 -10.06 -13.99 47.46
C GLY A 449 -9.76 -12.66 48.08
N LEU A 450 -10.42 -11.59 47.63
CA LEU A 450 -10.25 -10.26 48.20
C LEU A 450 -11.43 -9.79 49.02
N PHE A 451 -12.66 -9.96 48.53
CA PHE A 451 -13.83 -9.47 49.23
C PHE A 451 -14.11 -10.26 50.51
N ILE A 452 -14.33 -11.56 50.38
CA ILE A 452 -14.83 -12.36 51.49
C ILE A 452 -13.72 -13.26 52.04
N GLY A 453 -12.75 -13.58 51.20
CA GLY A 453 -11.69 -14.49 51.55
C GLY A 453 -12.02 -15.95 51.34
N ALA A 454 -13.28 -16.27 51.08
CA ALA A 454 -13.71 -17.65 51.05
C ALA A 454 -13.24 -18.33 49.77
N SER A 455 -12.52 -19.43 49.93
CA SER A 455 -12.23 -20.31 48.81
C SER A 455 -13.45 -21.14 48.48
N ILE A 456 -13.33 -21.95 47.41
CA ILE A 456 -14.43 -22.87 47.11
C ILE A 456 -14.35 -24.12 47.98
N LEU A 457 -13.20 -24.37 48.62
CA LEU A 457 -13.11 -25.44 49.60
C LEU A 457 -13.98 -25.12 50.81
N THR A 458 -14.08 -23.84 51.17
CA THR A 458 -15.01 -23.42 52.22
C THR A 458 -16.45 -23.61 51.78
N VAL A 459 -16.68 -23.66 50.48
CA VAL A 459 -17.97 -24.09 49.94
C VAL A 459 -17.98 -25.60 49.72
N LEU A 460 -16.83 -26.21 49.42
CA LEU A 460 -16.79 -27.66 49.27
C LEU A 460 -16.94 -28.38 50.60
N GLU A 461 -16.38 -27.84 51.68
CA GLU A 461 -16.63 -28.37 53.02
C GLU A 461 -17.95 -27.88 53.61
N LEU A 462 -18.62 -26.94 52.93
CA LEU A 462 -19.95 -26.53 53.33
C LEU A 462 -20.99 -27.58 53.00
N PHE A 463 -20.70 -28.46 52.04
CA PHE A 463 -21.50 -29.67 51.86
C PHE A 463 -21.36 -30.60 53.05
N ASP A 464 -20.14 -30.76 53.57
CA ASP A 464 -19.93 -31.55 54.79
C ASP A 464 -20.45 -30.84 56.04
N TYR A 465 -20.66 -29.53 55.98
CA TYR A 465 -21.37 -28.83 57.04
C TYR A 465 -22.86 -29.18 57.02
N ALA A 466 -23.42 -29.47 55.85
CA ALA A 466 -24.84 -29.72 55.73
C ALA A 466 -25.26 -31.07 56.29
N TYR A 467 -24.31 -31.97 56.55
CA TYR A 467 -24.65 -33.26 57.16
C TYR A 467 -25.14 -33.10 58.58
N GLU A 468 -24.68 -32.07 59.28
CA GLU A 468 -25.07 -31.82 60.66
C GLU A 468 -26.29 -30.91 60.75
N VAL A 469 -26.90 -30.56 59.62
CA VAL A 469 -28.04 -29.65 59.61
C VAL A 469 -29.33 -30.36 59.22
N ILE A 470 -29.29 -31.34 58.32
CA ILE A 470 -30.49 -32.03 57.86
C ILE A 470 -30.64 -33.39 58.54
N LYS A 471 -29.53 -33.97 59.00
CA LYS A 471 -29.60 -35.30 59.62
C LYS A 471 -29.71 -35.20 61.13
N HIS A 472 -28.78 -34.47 61.77
CA HIS A 472 -28.73 -34.45 63.23
C HIS A 472 -29.63 -33.39 63.84
N LYS A 473 -29.84 -32.26 63.16
CA LYS A 473 -30.56 -31.14 63.76
C LYS A 473 -32.07 -31.36 63.74
N LEU A 474 -32.63 -31.64 62.57
CA LEU A 474 -34.07 -31.80 62.45
C LEU A 474 -34.55 -33.12 63.03
N LEU B 57 -8.70 -36.91 51.79
CA LEU B 57 -9.74 -37.72 51.13
C LEU B 57 -10.38 -36.94 49.99
N CYS B 58 -10.39 -35.61 50.13
CA CYS B 58 -10.79 -34.70 49.07
C CYS B 58 -9.77 -33.63 48.79
N PHE B 59 -8.90 -33.34 49.77
CA PHE B 59 -7.85 -32.35 49.58
C PHE B 59 -6.78 -32.88 48.64
N LEU B 60 -6.59 -34.20 48.63
CA LEU B 60 -5.77 -34.84 47.61
C LEU B 60 -6.43 -34.77 46.24
N GLY B 61 -7.76 -34.75 46.18
CA GLY B 61 -8.48 -34.68 44.93
C GLY B 61 -8.65 -33.30 44.35
N SER B 62 -8.35 -32.26 45.13
CA SER B 62 -8.35 -30.90 44.60
C SER B 62 -6.95 -30.40 44.30
N LEU B 63 -5.92 -31.06 44.85
CA LEU B 63 -4.54 -30.69 44.55
C LEU B 63 -4.15 -31.09 43.14
N ALA B 64 -4.68 -32.19 42.64
CA ALA B 64 -4.43 -32.58 41.25
C ALA B 64 -5.15 -31.66 40.29
N VAL B 65 -6.29 -31.07 40.70
CA VAL B 65 -6.93 -30.07 39.87
C VAL B 65 -6.11 -28.80 39.87
N LEU B 66 -5.41 -28.51 40.97
CA LEU B 66 -4.47 -27.40 40.99
C LEU B 66 -3.24 -27.72 40.17
N LEU B 67 -2.71 -28.94 40.27
CA LEU B 67 -1.49 -29.32 39.60
C LEU B 67 -1.64 -29.37 38.07
N CYS B 68 -2.83 -29.66 37.57
CA CYS B 68 -3.05 -29.64 36.12
C CYS B 68 -3.09 -28.20 35.59
N VAL B 69 -3.79 -27.32 36.31
CA VAL B 69 -3.85 -25.91 35.92
C VAL B 69 -2.53 -25.21 36.13
N CYS B 70 -1.75 -25.60 37.13
CA CYS B 70 -0.42 -25.03 37.31
C CYS B 70 0.57 -25.49 36.25
N THR B 71 0.47 -26.75 35.81
CA THR B 71 1.41 -27.25 34.81
C THR B 71 1.16 -26.62 33.44
N GLU B 72 -0.11 -26.42 33.08
CA GLU B 72 -0.39 -25.74 31.81
C GLU B 72 -0.02 -24.26 31.87
N ARG B 73 -0.10 -23.65 33.06
CA ARG B 73 0.20 -22.24 33.16
C ARG B 73 1.69 -22.00 33.30
N VAL B 74 2.47 -23.03 33.64
CA VAL B 74 3.92 -22.86 33.59
C VAL B 74 4.44 -23.31 32.23
N GLN B 75 3.67 -24.10 31.48
CA GLN B 75 4.03 -24.38 30.10
C GLN B 75 3.60 -23.27 29.16
N TYR B 76 2.54 -22.54 29.51
CA TYR B 76 2.15 -21.34 28.77
C TYR B 76 3.23 -20.28 28.83
N TYR B 77 4.01 -20.27 29.91
CA TYR B 77 5.16 -19.39 30.00
C TYR B 77 6.26 -19.85 29.04
N PHE B 78 6.41 -21.16 28.86
CA PHE B 78 7.49 -21.65 28.01
C PHE B 78 7.17 -21.61 26.53
N HIS B 79 5.96 -21.17 26.15
CA HIS B 79 5.69 -20.86 24.74
C HIS B 79 6.27 -19.53 24.31
N TYR B 80 6.46 -18.60 25.25
CA TYR B 80 6.94 -17.24 24.99
C TYR B 80 6.06 -16.52 23.97
N HIS B 81 4.75 -16.53 24.21
CA HIS B 81 3.82 -15.81 23.34
C HIS B 81 4.06 -14.32 23.46
N HIS B 82 3.71 -13.58 22.41
CA HIS B 82 3.89 -12.13 22.39
C HIS B 82 2.81 -11.47 21.53
N VAL B 83 2.28 -10.36 22.04
CA VAL B 83 1.30 -9.55 21.33
C VAL B 83 2.04 -8.33 20.83
N THR B 84 1.46 -7.64 19.85
CA THR B 84 2.08 -6.47 19.24
C THR B 84 1.14 -5.28 19.28
N LYS B 85 1.73 -4.09 19.40
CA LYS B 85 0.99 -2.87 19.68
C LYS B 85 1.30 -1.82 18.63
N LEU B 86 0.26 -1.20 18.07
CA LEU B 86 0.39 -0.22 17.01
C LEU B 86 -0.06 1.15 17.50
N ASP B 87 0.82 2.14 17.42
CA ASP B 87 0.50 3.50 17.81
C ASP B 87 0.56 4.41 16.61
N GLU B 88 0.15 5.66 16.80
CA GLU B 88 0.37 6.73 15.82
C GLU B 88 0.83 7.95 16.59
N VAL B 89 2.13 8.06 16.79
CA VAL B 89 2.73 9.16 17.52
C VAL B 89 2.72 10.39 16.64
N ALA B 90 1.94 11.40 17.00
CA ALA B 90 1.90 12.63 16.21
C ALA B 90 3.16 13.43 16.52
N ALA B 91 4.24 13.09 15.83
CA ALA B 91 5.52 13.72 16.13
C ALA B 91 5.60 15.10 15.49
N SER B 92 6.63 15.85 15.87
CA SER B 92 6.81 17.21 15.41
C SER B 92 8.07 17.41 14.59
N GLN B 93 9.10 16.60 14.79
CA GLN B 93 10.27 16.59 13.93
C GLN B 93 10.47 15.20 13.36
N LEU B 94 10.87 15.15 12.09
CA LEU B 94 11.15 13.88 11.43
C LEU B 94 12.39 14.03 10.57
N THR B 95 13.25 13.02 10.59
CA THR B 95 14.45 13.05 9.78
C THR B 95 14.16 12.56 8.38
N PHE B 96 14.75 13.19 7.43
CA PHE B 96 14.45 12.86 6.04
C PHE B 96 15.17 11.58 5.65
N PRO B 97 14.49 10.67 4.96
CA PRO B 97 15.13 9.43 4.57
C PRO B 97 16.08 9.63 3.40
N ALA B 98 17.16 8.87 3.42
CA ALA B 98 18.23 9.06 2.46
C ALA B 98 17.84 8.48 1.11
N VAL B 99 17.65 9.33 0.14
CA VAL B 99 17.24 8.92 -1.19
C VAL B 99 18.48 8.66 -2.02
N THR B 100 18.58 7.47 -2.58
CA THR B 100 19.61 7.16 -3.56
C THR B 100 18.95 6.92 -4.91
N LEU B 101 19.73 7.08 -5.97
CA LEU B 101 19.15 6.94 -7.29
C LEU B 101 20.22 6.53 -8.28
N CYS B 102 19.89 5.58 -9.13
CA CYS B 102 20.83 5.04 -10.10
C CYS B 102 20.23 5.09 -11.48
N ASN B 103 21.03 5.44 -12.46
CA ASN B 103 20.57 5.23 -13.81
C ASN B 103 20.63 3.75 -14.16
N LEU B 104 19.81 3.33 -15.11
CA LEU B 104 19.74 1.93 -15.47
C LEU B 104 20.81 1.52 -16.46
N ASN B 105 21.72 2.42 -16.79
CA ASN B 105 22.85 2.14 -17.67
C ASN B 105 24.14 2.24 -16.88
N GLU B 106 25.09 1.39 -17.20
CA GLU B 106 26.30 1.30 -16.39
C GLU B 106 27.42 2.20 -16.89
N PHE B 107 27.63 2.29 -18.20
CA PHE B 107 28.73 3.09 -18.74
C PHE B 107 28.23 3.88 -19.93
N ARG B 108 28.51 5.19 -19.94
CA ARG B 108 28.05 5.99 -21.04
C ARG B 108 28.89 5.73 -22.29
N PHE B 109 28.29 6.00 -23.44
CA PHE B 109 28.88 5.58 -24.71
C PHE B 109 29.94 6.55 -25.21
N SER B 110 29.72 7.85 -25.02
CA SER B 110 30.58 8.87 -25.61
C SER B 110 31.81 9.18 -24.77
N GLN B 111 32.13 8.36 -23.78
CA GLN B 111 33.28 8.62 -22.93
C GLN B 111 34.00 7.33 -22.62
N VAL B 112 34.20 6.51 -23.65
CA VAL B 112 35.09 5.36 -23.58
C VAL B 112 36.10 5.46 -24.71
N SER B 113 37.33 5.04 -24.43
CA SER B 113 38.47 5.26 -25.31
C SER B 113 38.93 3.92 -25.89
N LYS B 114 40.08 3.96 -26.58
CA LYS B 114 40.60 2.78 -27.25
C LYS B 114 41.08 1.74 -26.26
N ASN B 115 41.87 2.16 -25.27
CA ASN B 115 42.44 1.23 -24.30
C ASN B 115 41.38 0.65 -23.37
N ASP B 116 40.31 1.39 -23.08
CA ASP B 116 39.20 0.83 -22.32
C ASP B 116 38.50 -0.26 -23.12
N LEU B 117 38.45 -0.09 -24.45
CA LEU B 117 37.91 -1.12 -25.31
C LEU B 117 38.88 -2.27 -25.50
N TYR B 118 40.19 -2.01 -25.42
CA TYR B 118 41.15 -3.08 -25.60
C TYR B 118 41.28 -3.94 -24.35
N HIS B 119 41.21 -3.33 -23.17
CA HIS B 119 41.42 -4.05 -21.92
C HIS B 119 40.17 -4.72 -21.38
N ALA B 120 38.98 -4.15 -21.65
CA ALA B 120 37.74 -4.69 -21.11
C ALA B 120 36.67 -4.70 -22.19
N GLY B 121 37.03 -5.21 -23.37
CA GLY B 121 36.06 -5.30 -24.45
C GLY B 121 35.03 -6.39 -24.24
N GLU B 122 35.39 -7.44 -23.50
CA GLU B 122 34.46 -8.50 -23.17
C GLU B 122 33.70 -8.26 -21.87
N LEU B 123 34.21 -7.37 -21.01
CA LEU B 123 33.48 -7.06 -19.81
C LEU B 123 32.44 -5.98 -20.06
N LEU B 124 32.69 -5.15 -21.07
CA LEU B 124 31.73 -4.21 -21.61
C LEU B 124 30.60 -4.87 -22.37
N ALA B 125 30.76 -6.15 -22.72
CA ALA B 125 29.85 -6.90 -23.59
C ALA B 125 29.65 -6.20 -24.93
N LEU B 126 30.76 -5.74 -25.51
CA LEU B 126 30.75 -5.05 -26.80
C LEU B 126 31.67 -5.66 -27.84
N LEU B 127 32.69 -6.40 -27.44
CA LEU B 127 33.72 -6.84 -28.37
C LEU B 127 33.79 -8.35 -28.43
N ASN B 128 34.57 -8.84 -29.39
CA ASN B 128 34.82 -10.27 -29.54
C ASN B 128 36.00 -10.66 -28.65
N ASN B 129 36.06 -11.95 -28.29
CA ASN B 129 37.18 -12.43 -27.48
C ASN B 129 38.49 -12.40 -28.26
N ARG B 130 38.43 -12.53 -29.58
CA ARG B 130 39.58 -12.26 -30.45
C ARG B 130 39.59 -10.82 -30.95
N TYR B 131 38.97 -9.91 -30.20
CA TYR B 131 39.09 -8.45 -30.34
C TYR B 131 38.57 -7.95 -31.69
N GLU B 132 37.26 -8.09 -31.87
CA GLU B 132 36.58 -7.53 -33.02
C GLU B 132 35.16 -7.11 -32.63
N ILE B 133 34.50 -6.40 -33.51
CA ILE B 133 33.08 -6.05 -33.32
C ILE B 133 32.26 -7.24 -33.80
N PRO B 134 31.68 -8.03 -32.88
CA PRO B 134 31.19 -9.37 -33.26
C PRO B 134 29.96 -9.39 -34.16
N ASP B 135 28.90 -8.69 -33.76
CA ASP B 135 27.64 -8.70 -34.49
C ASP B 135 27.31 -7.30 -34.98
N THR B 136 28.33 -6.64 -35.57
CA THR B 136 28.19 -5.28 -36.09
C THR B 136 27.38 -5.35 -37.38
N GLN B 137 26.06 -5.43 -37.21
CA GLN B 137 25.18 -5.72 -38.35
C GLN B 137 23.80 -5.13 -38.05
N MET B 138 23.41 -4.15 -38.89
CA MET B 138 22.04 -3.64 -38.96
C MET B 138 21.58 -2.99 -37.65
N ALA B 139 22.51 -2.33 -36.96
CA ALA B 139 22.16 -1.56 -35.78
C ALA B 139 21.94 -0.09 -36.12
N ASP B 140 22.99 0.58 -36.61
CA ASP B 140 22.96 2.03 -36.82
C ASP B 140 24.13 2.35 -37.75
N GLU B 141 24.19 3.61 -38.22
CA GLU B 141 25.34 4.09 -38.97
C GLU B 141 26.15 5.10 -38.17
N LYS B 142 25.51 5.91 -37.33
CA LYS B 142 26.26 6.84 -36.49
C LYS B 142 26.92 6.12 -35.32
N GLN B 143 26.25 5.11 -34.76
CA GLN B 143 26.86 4.30 -33.71
C GLN B 143 27.98 3.44 -34.27
N LEU B 144 27.78 2.88 -35.47
CA LEU B 144 28.78 1.99 -36.05
C LEU B 144 30.00 2.74 -36.56
N GLU B 145 29.84 4.00 -36.97
CA GLU B 145 30.98 4.77 -37.44
C GLU B 145 31.91 5.12 -36.29
N ILE B 146 31.36 5.53 -35.15
CA ILE B 146 32.20 5.89 -34.02
C ILE B 146 32.72 4.65 -33.31
N LEU B 147 32.07 3.50 -33.48
CA LEU B 147 32.52 2.26 -32.86
C LEU B 147 33.80 1.72 -33.47
N GLN B 148 33.83 1.56 -34.80
CA GLN B 148 35.01 1.00 -35.45
C GLN B 148 36.19 1.96 -35.40
N ASP B 149 35.90 3.26 -35.29
CA ASP B 149 36.96 4.24 -35.17
C ASP B 149 37.62 4.19 -33.79
N LYS B 150 36.85 3.94 -32.73
CA LYS B 150 37.48 3.73 -31.44
C LYS B 150 37.75 2.27 -31.14
N ALA B 151 37.63 1.38 -32.13
CA ALA B 151 38.03 -0.01 -31.98
C ALA B 151 38.95 -0.44 -33.11
N ASN B 152 39.82 0.47 -33.57
CA ASN B 152 40.75 0.14 -34.65
C ASN B 152 41.84 -0.82 -34.18
N PHE B 153 42.51 -0.46 -33.08
CA PHE B 153 43.65 -1.19 -32.51
C PHE B 153 44.78 -1.40 -33.52
N ARG B 154 44.96 -0.45 -34.44
CA ARG B 154 46.04 -0.47 -35.41
C ARG B 154 47.24 0.23 -34.77
N SER B 155 48.15 -0.58 -34.22
CA SER B 155 49.32 -0.13 -33.45
C SER B 155 48.92 0.74 -32.26
N PHE B 156 47.76 0.47 -31.67
CA PHE B 156 47.29 1.21 -30.51
C PHE B 156 47.96 0.64 -29.27
N LYS B 157 48.89 1.40 -28.70
CA LYS B 157 49.63 0.93 -27.54
C LYS B 157 48.73 0.92 -26.31
N PRO B 158 48.79 -0.14 -25.50
CA PRO B 158 47.99 -0.17 -24.28
C PRO B 158 48.51 0.77 -23.20
N LYS B 159 47.73 0.88 -22.14
CA LYS B 159 47.93 1.84 -21.07
C LYS B 159 47.73 1.15 -19.73
N PRO B 160 48.18 1.75 -18.63
CA PRO B 160 47.81 1.21 -17.31
C PRO B 160 46.33 1.41 -17.04
N PHE B 161 45.70 0.34 -16.54
CA PHE B 161 44.27 0.31 -16.35
C PHE B 161 43.92 0.20 -14.88
N ASN B 162 42.79 0.80 -14.51
CA ASN B 162 42.27 0.70 -13.16
C ASN B 162 40.74 0.80 -13.24
N MET B 163 40.06 -0.18 -12.65
CA MET B 163 38.61 -0.24 -12.78
C MET B 163 37.90 0.85 -12.00
N ARG B 164 38.43 1.19 -10.82
CA ARG B 164 37.88 2.28 -10.03
C ARG B 164 38.05 3.61 -10.74
N GLU B 165 39.14 3.78 -11.50
CA GLU B 165 39.28 4.98 -12.31
C GLU B 165 38.33 4.96 -13.50
N PHE B 166 38.00 3.78 -14.01
CA PHE B 166 37.09 3.69 -15.15
C PHE B 166 35.67 4.08 -14.75
N TYR B 167 35.24 3.70 -13.56
CA TYR B 167 33.89 4.03 -13.13
C TYR B 167 33.74 5.47 -12.68
N ASP B 168 34.83 6.18 -12.42
CA ASP B 168 34.70 7.56 -11.99
C ASP B 168 34.54 8.54 -13.15
N ARG B 169 34.86 8.13 -14.36
CA ARG B 169 34.80 9.06 -15.49
C ARG B 169 33.97 8.52 -16.64
N ALA B 170 33.57 7.25 -16.60
CA ALA B 170 32.69 6.72 -17.61
C ALA B 170 31.31 6.36 -17.10
N GLY B 171 30.97 6.75 -15.87
CA GLY B 171 29.62 6.58 -15.39
C GLY B 171 28.75 7.74 -15.81
N HIS B 172 27.93 8.24 -14.90
CA HIS B 172 27.07 9.39 -15.16
C HIS B 172 27.39 10.46 -14.14
N ASP B 173 27.98 11.56 -14.58
CA ASP B 173 28.22 12.68 -13.70
C ASP B 173 26.90 13.30 -13.28
N ILE B 174 26.83 13.76 -12.04
CA ILE B 174 25.58 14.35 -11.58
C ILE B 174 25.44 15.79 -12.03
N ARG B 175 26.51 16.41 -12.53
CA ARG B 175 26.42 17.81 -12.91
C ARG B 175 25.64 18.01 -14.20
N ASP B 176 25.52 16.99 -15.04
CA ASP B 176 24.70 17.08 -16.23
C ASP B 176 23.48 16.17 -16.21
N MET B 177 23.39 15.25 -15.26
CA MET B 177 22.11 14.59 -15.02
C MET B 177 21.14 15.54 -14.36
N LEU B 178 21.52 16.10 -13.21
CA LEU B 178 20.59 16.91 -12.43
C LEU B 178 20.43 18.29 -13.04
N LEU B 179 19.21 18.82 -12.93
CA LEU B 179 18.95 20.15 -13.48
C LEU B 179 18.46 21.11 -12.38
N SER B 180 17.68 20.60 -11.43
CA SER B 180 17.13 21.48 -10.40
C SER B 180 16.82 20.64 -9.18
N CYS B 181 17.67 20.73 -8.16
CA CYS B 181 17.42 20.09 -6.88
C CYS B 181 16.81 21.10 -5.94
N HIS B 182 15.80 20.68 -5.19
CA HIS B 182 15.12 21.58 -4.27
C HIS B 182 14.95 20.91 -2.92
N PHE B 183 14.67 21.73 -1.92
CA PHE B 183 14.38 21.24 -0.58
C PHE B 183 13.58 22.34 0.12
N ARG B 184 12.27 22.13 0.27
CA ARG B 184 11.36 23.02 0.99
C ARG B 184 11.35 24.43 0.44
N GLY B 185 11.75 24.64 -0.80
CA GLY B 185 11.83 25.98 -1.34
C GLY B 185 13.24 26.48 -1.53
N GLU B 186 14.13 26.23 -0.58
CA GLU B 186 15.50 26.69 -0.74
C GLU B 186 16.24 25.78 -1.71
N VAL B 187 17.13 26.38 -2.48
CA VAL B 187 17.66 25.72 -3.67
C VAL B 187 18.82 24.84 -3.26
N CYS B 188 18.58 23.53 -3.31
CA CYS B 188 19.63 22.52 -3.24
C CYS B 188 20.55 22.59 -4.45
N SER B 189 21.72 21.96 -4.33
CA SER B 189 22.77 22.08 -5.32
C SER B 189 23.31 20.69 -5.63
N ALA B 190 24.41 20.66 -6.37
CA ALA B 190 24.93 19.39 -6.87
C ALA B 190 25.83 18.68 -5.88
N GLU B 191 26.53 19.41 -5.01
CA GLU B 191 27.50 18.78 -4.12
C GLU B 191 26.88 18.27 -2.82
N ASP B 192 25.56 18.15 -2.74
CA ASP B 192 24.94 17.51 -1.59
C ASP B 192 24.80 16.00 -1.78
N PHE B 193 25.27 15.46 -2.89
CA PHE B 193 25.04 14.07 -3.24
C PHE B 193 26.34 13.28 -3.05
N LYS B 194 26.38 12.47 -2.01
CA LYS B 194 27.55 11.63 -1.76
C LYS B 194 27.58 10.49 -2.76
N VAL B 195 28.68 10.34 -3.47
CA VAL B 195 28.80 9.29 -4.48
C VAL B 195 28.97 7.95 -3.79
N VAL B 196 28.23 6.94 -4.26
CA VAL B 196 28.31 5.59 -3.74
C VAL B 196 28.51 4.67 -4.93
N PHE B 197 28.86 3.42 -4.67
CA PHE B 197 29.07 2.46 -5.73
C PHE B 197 28.25 1.21 -5.45
N THR B 198 27.31 0.91 -6.34
CA THR B 198 26.64 -0.38 -6.28
C THR B 198 26.54 -1.01 -7.67
N ARG B 199 25.81 -2.11 -7.78
CA ARG B 199 25.95 -3.04 -8.89
C ARG B 199 25.48 -2.47 -10.22
N TYR B 200 24.66 -1.42 -10.21
CA TYR B 200 24.28 -0.78 -11.45
C TYR B 200 25.32 0.22 -11.94
N GLY B 201 26.42 0.38 -11.23
CA GLY B 201 27.43 1.33 -11.64
C GLY B 201 27.55 2.48 -10.68
N LYS B 202 27.66 3.70 -11.22
CA LYS B 202 27.83 4.87 -10.38
C LYS B 202 26.46 5.32 -9.91
N CYS B 203 26.30 5.50 -8.61
CA CYS B 203 25.03 5.88 -8.02
C CYS B 203 25.22 6.96 -6.98
N TYR B 204 24.23 7.80 -6.81
CA TYR B 204 24.34 8.94 -5.93
C TYR B 204 23.43 8.75 -4.73
N THR B 205 23.57 9.65 -3.76
CA THR B 205 22.86 9.49 -2.50
C THR B 205 22.59 10.87 -1.93
N PHE B 206 21.32 11.22 -1.82
CA PHE B 206 20.95 12.43 -1.10
C PHE B 206 20.87 12.12 0.39
N ASN B 207 21.24 13.10 1.21
CA ASN B 207 21.07 13.07 2.67
C ASN B 207 21.76 11.88 3.33
N SER B 208 23.06 11.73 3.06
CA SER B 208 23.74 10.51 3.46
C SER B 208 23.99 10.46 4.96
N GLY B 209 24.37 11.58 5.55
CA GLY B 209 24.69 11.61 6.96
C GLY B 209 26.14 11.36 7.29
N ARG B 210 26.90 10.79 6.37
CA ARG B 210 28.33 10.59 6.59
C ARG B 210 29.07 11.84 6.14
N ASP B 211 30.40 11.73 6.04
CA ASP B 211 31.38 12.73 5.59
C ASP B 211 31.18 14.15 6.14
N GLY B 212 30.68 14.26 7.37
CA GLY B 212 30.59 15.54 8.05
C GLY B 212 29.26 16.27 7.92
N ARG B 213 28.50 16.02 6.86
CA ARG B 213 27.25 16.74 6.67
C ARG B 213 26.18 16.16 7.60
N PRO B 214 25.44 17.01 8.32
CA PRO B 214 24.46 16.51 9.27
C PRO B 214 23.23 15.96 8.56
N ARG B 215 22.39 15.31 9.35
CA ARG B 215 21.16 14.74 8.82
C ARG B 215 20.09 15.82 8.74
N LEU B 216 19.56 16.04 7.54
CA LEU B 216 18.54 17.07 7.35
C LEU B 216 17.21 16.63 7.95
N LYS B 217 16.37 17.60 8.29
CA LYS B 217 15.10 17.32 8.90
C LYS B 217 13.98 18.03 8.15
N THR B 218 12.75 17.61 8.42
CA THR B 218 11.57 18.26 7.88
C THR B 218 10.54 18.37 8.99
N MET B 219 9.66 19.38 8.86
CA MET B 219 8.69 19.67 9.90
C MET B 219 7.31 20.00 9.34
N LYS B 220 7.08 19.79 8.06
CA LYS B 220 5.78 20.07 7.46
C LYS B 220 5.44 18.98 6.47
N GLY B 221 4.16 18.72 6.29
CA GLY B 221 3.71 17.72 5.34
C GLY B 221 3.60 18.28 3.95
N GLY B 222 2.79 17.64 3.13
CA GLY B 222 2.43 18.20 1.84
C GLY B 222 3.47 18.08 0.76
N THR B 223 3.07 18.28 -0.49
CA THR B 223 3.97 18.06 -1.61
C THR B 223 5.04 19.13 -1.75
N GLY B 224 4.88 20.27 -1.11
CA GLY B 224 5.87 21.30 -1.30
C GLY B 224 7.03 21.27 -0.35
N ASN B 225 7.20 20.19 0.41
CA ASN B 225 8.13 20.16 1.54
C ASN B 225 8.99 18.92 1.50
N GLY B 226 9.57 18.63 0.35
CA GLY B 226 10.52 17.54 0.19
C GLY B 226 11.33 17.81 -1.04
N LEU B 227 11.95 16.76 -1.59
CA LEU B 227 12.73 16.91 -2.80
C LEU B 227 11.85 17.24 -3.99
N GLU B 228 12.41 17.97 -4.93
CA GLU B 228 11.81 18.13 -6.25
C GLU B 228 12.99 18.14 -7.20
N ILE B 229 13.29 16.97 -7.75
CA ILE B 229 14.51 16.75 -8.50
C ILE B 229 14.11 16.61 -9.96
N MET B 230 14.50 17.54 -10.81
CA MET B 230 14.22 17.36 -12.23
C MET B 230 15.45 16.74 -12.88
N LEU B 231 15.47 15.43 -12.94
CA LEU B 231 16.61 14.70 -13.46
C LEU B 231 16.60 14.69 -14.98
N ASP B 232 17.59 14.02 -15.55
CA ASP B 232 17.69 13.85 -16.99
C ASP B 232 18.52 12.60 -17.22
N ILE B 233 17.99 11.66 -17.99
CA ILE B 233 18.56 10.32 -18.02
C ILE B 233 19.42 10.04 -19.23
N GLN B 234 19.36 10.89 -20.27
CA GLN B 234 20.25 10.86 -21.43
C GLN B 234 20.23 9.52 -22.17
N GLN B 235 19.08 9.24 -22.78
CA GLN B 235 18.90 7.97 -23.48
C GLN B 235 19.79 7.82 -24.70
N ASP B 236 20.33 8.92 -25.23
CA ASP B 236 21.19 8.83 -26.41
C ASP B 236 22.49 8.11 -26.11
N GLU B 237 23.03 8.26 -24.91
CA GLU B 237 24.34 7.73 -24.57
C GLU B 237 24.26 6.39 -23.86
N TYR B 238 23.20 5.63 -24.09
CA TYR B 238 23.16 4.27 -23.58
C TYR B 238 24.05 3.38 -24.43
N LEU B 239 24.33 2.19 -23.92
CA LEU B 239 25.15 1.27 -24.69
C LEU B 239 24.35 0.73 -25.87
N PRO B 240 24.98 0.52 -27.02
CA PRO B 240 24.28 -0.15 -28.12
C PRO B 240 24.09 -1.62 -27.80
N VAL B 241 22.93 -2.15 -28.18
CA VAL B 241 22.50 -3.45 -27.69
C VAL B 241 22.24 -4.38 -28.88
N TRP B 242 23.00 -4.19 -29.97
CA TRP B 242 22.85 -5.05 -31.14
C TRP B 242 23.28 -6.50 -30.88
N GLY B 243 24.01 -6.76 -29.81
CA GLY B 243 24.28 -8.12 -29.38
C GLY B 243 23.13 -8.70 -28.58
N GLU B 244 23.37 -9.87 -28.00
CA GLU B 244 22.39 -10.50 -27.12
C GLU B 244 23.12 -11.29 -26.05
N THR B 245 22.88 -10.95 -24.79
CA THR B 245 23.43 -11.65 -23.64
C THR B 245 22.30 -11.97 -22.67
N ASP B 246 22.67 -12.58 -21.54
CA ASP B 246 21.71 -12.91 -20.51
C ASP B 246 21.40 -11.73 -19.60
N GLU B 247 22.31 -10.76 -19.50
CA GLU B 247 22.12 -9.60 -18.64
C GLU B 247 21.50 -8.43 -19.37
N THR B 248 21.00 -8.64 -20.59
CA THR B 248 20.51 -7.54 -21.42
C THR B 248 19.28 -6.89 -20.80
N SER B 249 19.30 -5.57 -20.78
CA SER B 249 18.25 -4.77 -20.17
C SER B 249 17.77 -3.78 -21.21
N PHE B 250 16.53 -3.92 -21.65
CA PHE B 250 16.02 -3.03 -22.68
C PHE B 250 15.50 -1.72 -22.13
N GLU B 251 15.36 -1.59 -20.82
CA GLU B 251 14.61 -0.50 -20.22
C GLU B 251 15.45 0.77 -20.17
N ALA B 252 14.81 1.88 -19.79
CA ALA B 252 15.51 3.16 -19.67
C ALA B 252 14.80 4.01 -18.63
N GLY B 253 15.29 3.98 -17.40
CA GLY B 253 14.70 4.75 -16.34
C GLY B 253 15.60 4.75 -15.15
N ILE B 254 15.09 5.25 -14.04
CA ILE B 254 15.87 5.42 -12.83
C ILE B 254 15.34 4.49 -11.77
N LYS B 255 16.22 3.79 -11.08
CA LYS B 255 15.85 3.03 -9.91
C LYS B 255 16.20 3.82 -8.67
N VAL B 256 15.24 3.95 -7.76
CA VAL B 256 15.36 4.83 -6.60
C VAL B 256 14.96 4.04 -5.36
N GLN B 257 15.85 3.95 -4.38
CA GLN B 257 15.54 3.27 -3.14
C GLN B 257 15.55 4.27 -1.99
N ILE B 258 14.46 4.31 -1.24
CA ILE B 258 14.36 5.14 -0.05
C ILE B 258 14.68 4.28 1.17
N HIS B 259 15.66 4.71 1.96
CA HIS B 259 16.06 3.94 3.13
C HIS B 259 16.53 4.88 4.21
N SER B 260 16.74 4.32 5.40
CA SER B 260 17.30 5.10 6.49
C SER B 260 18.80 5.29 6.29
N GLN B 261 19.42 6.07 7.17
CA GLN B 261 20.81 6.47 6.94
C GLN B 261 21.81 5.37 7.24
N ASP B 262 21.44 4.39 8.07
CA ASP B 262 22.43 3.41 8.49
C ASP B 262 22.65 2.30 7.47
N GLU B 263 21.64 1.92 6.71
CA GLU B 263 21.90 0.85 5.76
C GLU B 263 22.59 1.39 4.53
N PRO B 264 23.55 0.67 3.97
CA PRO B 264 24.06 1.02 2.66
C PRO B 264 23.02 0.72 1.60
N PRO B 265 23.08 1.37 0.44
CA PRO B 265 22.04 1.16 -0.55
C PRO B 265 22.16 -0.20 -1.21
N PHE B 266 21.01 -0.77 -1.56
CA PHE B 266 20.94 -2.10 -2.16
C PHE B 266 19.98 -2.11 -3.34
N ILE B 267 20.21 -1.21 -4.29
CA ILE B 267 19.37 -0.96 -5.46
C ILE B 267 19.04 -2.21 -6.27
N ASP B 268 19.89 -3.22 -6.23
CA ASP B 268 19.67 -4.45 -6.98
C ASP B 268 18.39 -5.16 -6.55
N GLN B 269 18.06 -5.11 -5.27
CA GLN B 269 17.01 -5.99 -4.75
C GLN B 269 15.96 -5.29 -3.91
N LEU B 270 15.94 -3.97 -3.83
CA LEU B 270 14.90 -3.32 -3.05
C LEU B 270 14.29 -2.08 -3.67
N GLY B 271 14.80 -1.60 -4.79
CA GLY B 271 14.35 -0.32 -5.30
C GLY B 271 13.28 -0.46 -6.37
N PHE B 272 12.39 0.52 -6.38
CA PHE B 272 11.38 0.62 -7.42
C PHE B 272 11.95 1.37 -8.60
N GLY B 273 11.09 1.77 -9.54
CA GLY B 273 11.54 2.46 -10.71
C GLY B 273 10.65 3.65 -10.99
N VAL B 274 11.20 4.62 -11.72
CA VAL B 274 10.45 5.81 -12.10
C VAL B 274 10.63 6.01 -13.59
N ALA B 275 9.61 6.08 -14.28
CA ALA B 275 9.66 6.15 -15.73
C ALA B 275 9.96 7.56 -16.19
N PRO B 276 10.63 7.73 -17.32
CA PRO B 276 10.89 9.08 -17.83
C PRO B 276 9.69 9.66 -18.55
N GLY B 277 9.54 10.97 -18.42
CA GLY B 277 8.38 11.63 -18.98
C GLY B 277 7.18 11.58 -18.09
N PHE B 278 7.37 11.41 -16.78
CA PHE B 278 6.25 11.31 -15.85
C PHE B 278 6.72 11.80 -14.49
N GLN B 279 6.19 12.92 -14.02
CA GLN B 279 6.52 13.38 -12.67
C GLN B 279 5.78 12.52 -11.67
N THR B 280 6.49 11.85 -10.79
CA THR B 280 5.87 10.91 -9.86
C THR B 280 5.95 11.42 -8.44
N PHE B 281 4.83 11.88 -7.90
CA PHE B 281 4.74 12.11 -6.48
C PHE B 281 4.89 10.80 -5.73
N VAL B 282 5.88 10.71 -4.86
CA VAL B 282 6.11 9.51 -4.07
C VAL B 282 5.93 9.88 -2.62
N ALA B 283 4.80 9.52 -2.03
CA ALA B 283 4.58 9.81 -0.63
C ALA B 283 5.42 8.89 0.24
N CYS B 284 5.42 9.15 1.54
CA CYS B 284 6.14 8.34 2.48
C CYS B 284 5.39 8.34 3.79
N GLN B 285 5.65 7.33 4.62
CA GLN B 285 5.10 7.29 5.97
C GLN B 285 6.06 6.47 6.81
N GLU B 286 6.78 7.13 7.71
CA GLU B 286 7.87 6.48 8.41
C GLU B 286 7.34 5.48 9.43
N GLN B 287 7.81 4.24 9.33
CA GLN B 287 7.49 3.22 10.31
C GLN B 287 8.69 2.98 11.20
N ARG B 288 8.43 2.47 12.40
CA ARG B 288 9.47 2.07 13.32
C ARG B 288 9.17 0.67 13.80
N LEU B 289 10.17 -0.18 13.84
CA LEU B 289 10.00 -1.56 14.28
C LEU B 289 10.91 -1.87 15.44
N ILE B 290 10.36 -2.54 16.45
CA ILE B 290 11.12 -3.05 17.57
C ILE B 290 10.80 -4.53 17.71
N TYR B 291 11.77 -5.37 17.38
CA TYR B 291 11.65 -6.80 17.54
C TYR B 291 12.27 -7.22 18.87
N LEU B 292 12.09 -8.49 19.23
CA LEU B 292 12.54 -8.94 20.53
C LEU B 292 13.70 -9.92 20.42
N PRO B 293 14.58 -9.96 21.41
CA PRO B 293 15.69 -10.93 21.39
C PRO B 293 15.19 -12.35 21.59
N PRO B 294 15.99 -13.36 21.23
CA PRO B 294 15.56 -14.73 21.42
C PRO B 294 15.57 -15.10 22.90
N PRO B 295 14.78 -16.10 23.31
CA PRO B 295 13.89 -16.99 22.56
C PRO B 295 12.50 -16.42 22.34
N TRP B 296 12.29 -15.13 22.57
CA TRP B 296 11.01 -14.53 22.23
C TRP B 296 10.88 -14.36 20.73
N GLY B 297 11.89 -13.74 20.11
CA GLY B 297 11.94 -13.56 18.67
C GLY B 297 13.34 -13.76 18.13
N THR B 298 13.85 -12.81 17.36
CA THR B 298 15.23 -12.89 16.88
C THR B 298 15.79 -11.48 16.77
N CYS B 299 16.97 -11.27 17.33
CA CYS B 299 17.69 -10.01 17.19
C CYS B 299 19.18 -10.31 17.17
N LYS B 300 19.93 -9.42 16.51
CA LYS B 300 21.34 -9.26 16.84
C LYS B 300 21.48 -8.00 17.70
N ALA B 301 20.86 -8.05 18.87
CA ALA B 301 20.77 -6.88 19.74
C ALA B 301 22.12 -6.52 20.37
N VAL B 302 23.06 -7.46 20.42
CA VAL B 302 24.41 -7.17 20.92
C VAL B 302 25.11 -6.35 19.84
N THR B 303 25.25 -5.04 20.09
CA THR B 303 25.80 -4.12 19.10
C THR B 303 27.16 -3.57 19.51
N MET B 304 28.00 -4.39 20.14
CA MET B 304 29.35 -3.94 20.47
C MET B 304 30.23 -4.01 19.22
N ASP B 305 30.47 -5.22 18.74
CA ASP B 305 31.06 -5.41 17.40
C ASP B 305 30.56 -6.77 16.91
N SER B 306 29.45 -6.76 16.16
CA SER B 306 28.84 -8.03 15.75
C SER B 306 29.49 -8.56 14.48
N ASP B 307 29.32 -7.83 13.37
CA ASP B 307 29.90 -8.24 12.10
C ASP B 307 30.44 -7.05 11.34
N LEU B 308 30.66 -5.92 11.99
CA LEU B 308 31.03 -4.67 11.32
C LEU B 308 32.50 -4.73 10.90
N ASP B 309 32.78 -5.53 9.88
CA ASP B 309 34.14 -5.60 9.37
C ASP B 309 34.50 -4.40 8.51
N PHE B 310 33.52 -3.78 7.86
CA PHE B 310 33.77 -2.62 7.03
C PHE B 310 32.75 -1.50 7.24
N PHE B 311 31.81 -1.68 8.16
CA PHE B 311 30.81 -0.67 8.48
C PHE B 311 30.86 -0.39 9.97
N ASP B 312 29.86 0.34 10.48
CA ASP B 312 29.78 0.61 11.92
C ASP B 312 28.51 0.04 12.54
N SER B 313 27.36 0.16 11.89
CA SER B 313 26.12 -0.34 12.44
C SER B 313 25.68 -1.59 11.71
N TYR B 314 24.76 -2.31 12.33
CA TYR B 314 24.31 -3.59 11.81
C TYR B 314 22.95 -3.42 11.14
N SER B 315 22.78 -4.07 10.00
CA SER B 315 21.55 -4.03 9.25
C SER B 315 21.52 -5.22 8.30
N ILE B 316 20.31 -5.63 7.93
CA ILE B 316 20.14 -6.85 7.14
C ILE B 316 20.70 -6.67 5.74
N THR B 317 20.73 -5.45 5.23
CA THR B 317 21.38 -5.21 3.95
C THR B 317 22.90 -5.27 4.08
N ALA B 318 23.45 -4.68 5.14
CA ALA B 318 24.90 -4.66 5.31
C ALA B 318 25.45 -6.03 5.67
N CYS B 319 24.60 -6.97 6.05
CA CYS B 319 25.05 -8.34 6.25
C CYS B 319 25.44 -8.98 4.93
N ARG B 320 24.61 -8.83 3.90
CA ARG B 320 24.86 -9.52 2.64
C ARG B 320 26.05 -8.95 1.89
N ILE B 321 26.32 -7.65 2.01
CA ILE B 321 27.49 -7.12 1.33
C ILE B 321 28.76 -7.56 2.05
N ASP B 322 28.72 -7.57 3.38
CA ASP B 322 29.86 -8.04 4.15
C ASP B 322 30.08 -9.53 3.95
N CYS B 323 29.01 -10.28 3.73
CA CYS B 323 29.12 -11.66 3.31
C CYS B 323 29.84 -11.79 1.97
N GLU B 324 29.35 -11.08 0.95
CA GLU B 324 29.87 -11.29 -0.39
C GLU B 324 31.26 -10.68 -0.56
N THR B 325 31.69 -9.85 0.39
CA THR B 325 33.08 -9.42 0.35
C THR B 325 33.97 -10.47 0.95
N ARG B 326 33.58 -11.02 2.09
CA ARG B 326 34.44 -11.98 2.78
C ARG B 326 34.48 -13.30 2.04
N TYR B 327 33.47 -13.60 1.24
CA TYR B 327 33.51 -14.83 0.46
C TYR B 327 34.47 -14.69 -0.71
N LEU B 328 34.46 -13.54 -1.37
CA LEU B 328 35.26 -13.41 -2.59
C LEU B 328 36.73 -13.23 -2.27
N VAL B 329 37.06 -12.65 -1.12
CA VAL B 329 38.46 -12.52 -0.75
C VAL B 329 39.03 -13.87 -0.36
N GLU B 330 38.19 -14.84 0.01
CA GLU B 330 38.65 -16.20 0.27
C GLU B 330 38.74 -17.04 -0.99
N ASN B 331 38.59 -16.46 -2.17
CA ASN B 331 38.66 -17.23 -3.40
C ASN B 331 39.80 -16.79 -4.30
N CYS B 332 39.87 -15.52 -4.69
CA CYS B 332 41.02 -15.10 -5.48
C CYS B 332 41.53 -13.72 -5.11
N ASN B 333 41.29 -13.27 -3.88
CA ASN B 333 41.80 -12.01 -3.32
C ASN B 333 41.39 -10.78 -4.12
N CYS B 334 40.28 -10.86 -4.82
CA CYS B 334 39.75 -9.74 -5.56
C CYS B 334 38.70 -9.02 -4.73
N ARG B 335 38.20 -7.90 -5.26
CA ARG B 335 36.90 -7.39 -4.90
C ARG B 335 36.43 -6.51 -6.04
N MET B 336 35.12 -6.49 -6.28
CA MET B 336 34.62 -5.57 -7.29
C MET B 336 34.60 -4.16 -6.72
N VAL B 337 34.28 -3.20 -7.58
CA VAL B 337 34.32 -1.82 -7.17
C VAL B 337 33.17 -1.47 -6.23
N HIS B 338 32.14 -2.31 -6.16
CA HIS B 338 31.03 -2.10 -5.24
C HIS B 338 31.17 -2.94 -3.98
N MET B 339 32.40 -3.26 -3.59
CA MET B 339 32.66 -4.13 -2.45
C MET B 339 33.63 -3.44 -1.50
N PRO B 340 33.20 -3.07 -0.32
CA PRO B 340 34.08 -2.31 0.59
C PRO B 340 35.09 -3.21 1.27
N GLY B 341 36.31 -2.72 1.36
CA GLY B 341 37.38 -3.53 1.93
C GLY B 341 38.73 -2.85 1.75
N ASP B 342 39.77 -3.67 1.73
CA ASP B 342 41.13 -3.17 1.57
C ASP B 342 41.93 -3.94 0.53
N ALA B 343 41.52 -5.15 0.18
CA ALA B 343 42.15 -5.89 -0.90
C ALA B 343 41.96 -5.16 -2.23
N PRO B 344 42.90 -5.28 -3.17
CA PRO B 344 42.87 -4.42 -4.36
C PRO B 344 41.74 -4.80 -5.31
N TYR B 345 41.12 -3.78 -5.89
CA TYR B 345 40.26 -3.98 -7.05
C TYR B 345 41.10 -4.55 -8.17
N CYS B 346 40.75 -5.75 -8.62
CA CYS B 346 41.68 -6.50 -9.43
C CYS B 346 41.49 -6.26 -10.92
N THR B 347 42.49 -6.72 -11.66
CA THR B 347 42.65 -6.44 -13.08
C THR B 347 41.52 -7.05 -13.89
N PRO B 348 41.17 -6.45 -15.03
CA PRO B 348 40.06 -6.97 -15.84
C PRO B 348 40.31 -8.35 -16.41
N GLU B 349 41.54 -8.68 -16.77
CA GLU B 349 41.80 -10.03 -17.27
C GLU B 349 41.71 -11.06 -16.17
N GLN B 350 41.99 -10.65 -14.92
CA GLN B 350 41.85 -11.56 -13.80
C GLN B 350 40.39 -11.75 -13.40
N TYR B 351 39.52 -10.80 -13.75
CA TYR B 351 38.09 -10.93 -13.46
C TYR B 351 37.47 -12.12 -14.20
N LYS B 352 37.99 -12.44 -15.39
CA LYS B 352 37.34 -13.45 -16.20
C LYS B 352 37.61 -14.86 -15.71
N GLU B 353 38.76 -15.10 -15.07
CA GLU B 353 39.02 -16.43 -14.56
C GLU B 353 38.29 -16.67 -13.23
N CYS B 354 38.55 -15.83 -12.24
CA CYS B 354 38.11 -16.13 -10.89
C CYS B 354 36.92 -15.31 -10.43
N ALA B 355 36.93 -14.01 -10.67
CA ALA B 355 35.96 -13.13 -10.02
C ALA B 355 34.58 -13.25 -10.65
N ASP B 356 34.51 -13.53 -11.95
CA ASP B 356 33.21 -13.70 -12.59
C ASP B 356 32.48 -14.96 -12.13
N PRO B 357 33.04 -16.18 -12.24
CA PRO B 357 32.21 -17.35 -11.88
C PRO B 357 32.01 -17.53 -10.39
N ALA B 358 32.85 -16.94 -9.55
CA ALA B 358 32.69 -17.07 -8.10
C ALA B 358 31.45 -16.33 -7.63
N LEU B 359 31.12 -15.23 -8.29
CA LEU B 359 29.89 -14.52 -7.99
C LEU B 359 28.71 -15.04 -8.80
N ASP B 360 28.94 -15.59 -9.99
CA ASP B 360 27.82 -16.19 -10.70
C ASP B 360 27.44 -17.55 -10.15
N PHE B 361 28.27 -18.13 -9.27
CA PHE B 361 27.78 -19.28 -8.53
C PHE B 361 26.77 -18.85 -7.48
N LEU B 362 26.91 -17.63 -6.96
CA LEU B 362 26.01 -17.13 -5.93
C LEU B 362 24.61 -16.88 -6.44
N VAL B 363 24.46 -16.49 -7.71
CA VAL B 363 23.12 -16.27 -8.26
C VAL B 363 22.51 -17.55 -8.82
N GLU B 364 23.14 -18.71 -8.57
CA GLU B 364 22.66 -19.96 -9.11
C GLU B 364 22.40 -21.00 -8.02
N LYS B 365 22.82 -20.74 -6.79
CA LYS B 365 22.74 -21.72 -5.70
C LYS B 365 21.32 -22.03 -5.26
N ASP B 366 20.36 -21.15 -5.60
CA ASP B 366 18.93 -21.29 -5.27
C ASP B 366 18.70 -21.32 -3.76
N GLN B 367 19.61 -20.71 -3.01
CA GLN B 367 19.44 -20.41 -1.60
C GLN B 367 20.22 -19.15 -1.30
N GLU B 368 19.78 -18.45 -0.26
CA GLU B 368 20.62 -17.38 0.29
C GLU B 368 21.79 -18.08 0.93
N TYR B 369 22.96 -17.92 0.32
CA TYR B 369 24.15 -18.63 0.77
C TYR B 369 24.59 -18.15 2.14
N CYS B 370 24.55 -16.86 2.37
CA CYS B 370 24.94 -16.34 3.66
C CYS B 370 23.75 -15.78 4.41
N VAL B 371 23.47 -16.39 5.55
CA VAL B 371 22.30 -16.07 6.35
C VAL B 371 22.72 -15.10 7.44
N CYS B 372 21.74 -14.41 8.00
CA CYS B 372 21.86 -13.56 9.18
C CYS B 372 20.45 -13.25 9.66
N GLU B 373 20.37 -12.38 10.65
CA GLU B 373 19.10 -12.06 11.26
C GLU B 373 18.88 -10.56 11.23
N MET B 374 17.63 -10.16 11.31
CA MET B 374 17.30 -8.76 11.29
C MET B 374 17.63 -8.12 12.63
N PRO B 375 18.00 -6.85 12.62
CA PRO B 375 18.16 -6.14 13.88
C PRO B 375 16.82 -5.73 14.41
N CYS B 376 16.79 -5.13 15.59
CA CYS B 376 15.56 -4.65 16.18
C CYS B 376 15.63 -3.16 16.53
N ASN B 377 16.03 -2.39 15.53
CA ASN B 377 15.76 -0.96 15.46
C ASN B 377 15.37 -0.56 14.05
N LEU B 378 14.66 -1.45 13.35
CA LEU B 378 14.38 -1.24 11.94
C LEU B 378 13.40 -0.12 11.71
N THR B 379 13.70 0.75 10.74
CA THR B 379 12.83 1.83 10.31
C THR B 379 12.59 1.64 8.81
N ARG B 380 11.42 1.15 8.44
CA ARG B 380 11.10 0.99 7.02
C ARG B 380 10.49 2.29 6.49
N TYR B 381 10.03 2.27 5.24
CA TYR B 381 9.38 3.44 4.65
C TYR B 381 8.35 2.94 3.66
N GLY B 382 7.07 3.08 4.01
CA GLY B 382 6.01 2.71 3.09
C GLY B 382 5.72 3.81 2.09
N LYS B 383 5.50 3.41 0.84
CA LYS B 383 5.41 4.34 -0.27
C LYS B 383 4.11 4.15 -1.03
N GLU B 384 3.69 5.21 -1.71
CA GLU B 384 2.44 5.22 -2.47
C GLU B 384 2.59 6.11 -3.69
N LEU B 385 2.86 5.52 -4.86
CA LEU B 385 3.16 6.27 -6.06
C LEU B 385 1.92 6.91 -6.65
N SER B 386 2.13 7.73 -7.69
CA SER B 386 1.11 8.41 -8.48
C SER B 386 1.82 9.13 -9.62
N MET B 387 1.20 9.29 -10.78
CA MET B 387 1.95 9.81 -11.91
C MET B 387 1.21 10.96 -12.57
N VAL B 388 1.96 11.97 -13.03
CA VAL B 388 1.43 13.10 -13.78
C VAL B 388 2.37 13.37 -14.96
N LYS B 389 1.81 13.48 -16.16
CA LYS B 389 2.61 13.65 -17.37
C LYS B 389 3.26 15.03 -17.39
N ILE B 390 4.59 15.06 -17.45
CA ILE B 390 5.34 16.31 -17.27
C ILE B 390 5.41 17.24 -18.48
N PRO B 391 5.89 16.86 -19.68
CA PRO B 391 6.23 17.90 -20.64
C PRO B 391 5.01 18.41 -21.37
N SER B 392 4.31 19.37 -20.75
CA SER B 392 3.02 19.83 -21.23
C SER B 392 3.14 20.51 -22.58
N LYS B 393 2.02 20.61 -23.29
CA LYS B 393 2.05 21.27 -24.59
C LYS B 393 2.17 22.78 -24.43
N ALA B 394 1.85 23.30 -23.25
CA ALA B 394 2.16 24.70 -22.98
C ALA B 394 3.62 24.86 -22.58
N SER B 395 4.20 23.83 -21.95
CA SER B 395 5.54 23.94 -21.38
C SER B 395 6.59 23.24 -22.21
N ALA B 396 6.31 22.97 -23.49
CA ALA B 396 7.29 22.26 -24.30
C ALA B 396 8.41 23.19 -24.73
N LYS B 397 8.05 24.33 -25.31
CA LYS B 397 9.06 25.20 -25.94
C LYS B 397 9.84 26.04 -24.94
N TYR B 398 9.52 25.98 -23.65
CA TYR B 398 10.35 26.67 -22.69
C TYR B 398 11.49 25.80 -22.22
N LEU B 399 11.23 24.52 -21.96
CA LEU B 399 12.28 23.63 -21.48
C LEU B 399 13.30 23.32 -22.56
N ALA B 400 12.88 23.30 -23.83
CA ALA B 400 13.83 23.09 -24.90
C ALA B 400 14.71 24.31 -25.12
N LYS B 401 14.18 25.49 -24.84
CA LYS B 401 14.96 26.71 -25.00
C LYS B 401 15.91 26.89 -23.82
N LYS B 402 15.45 26.56 -22.62
CA LYS B 402 16.23 26.85 -21.42
C LYS B 402 17.42 25.92 -21.26
N PHE B 403 17.18 24.61 -21.35
CA PHE B 403 18.25 23.64 -21.19
C PHE B 403 18.97 23.35 -22.51
N ASN B 404 18.65 24.12 -23.56
CA ASN B 404 19.37 24.11 -24.84
C ASN B 404 19.32 22.73 -25.50
N LYS B 405 18.10 22.20 -25.64
CA LYS B 405 17.92 20.86 -26.16
C LYS B 405 16.78 20.86 -27.17
N SER B 406 16.59 19.72 -27.82
CA SER B 406 15.60 19.60 -28.89
C SER B 406 14.19 19.55 -28.30
N GLU B 407 13.20 19.40 -29.16
CA GLU B 407 11.84 19.29 -28.65
C GLU B 407 11.51 17.85 -28.29
N GLN B 408 11.81 16.92 -29.19
CA GLN B 408 11.52 15.51 -28.94
C GLN B 408 12.46 14.92 -27.90
N TYR B 409 13.60 15.57 -27.66
CA TYR B 409 14.47 15.16 -26.55
C TYR B 409 13.84 15.43 -25.20
N ILE B 410 12.90 16.36 -25.13
CA ILE B 410 12.28 16.69 -23.85
C ILE B 410 11.35 15.58 -23.39
N GLY B 411 10.46 15.15 -24.27
CA GLY B 411 9.44 14.18 -23.90
C GLY B 411 9.94 12.77 -23.67
N GLU B 412 11.23 12.52 -23.85
CA GLU B 412 11.79 11.21 -23.61
C GLU B 412 12.76 11.17 -22.44
N ASN B 413 13.48 12.25 -22.17
CA ASN B 413 14.58 12.20 -21.23
C ASN B 413 14.43 13.20 -20.10
N ILE B 414 13.22 13.43 -19.61
CA ILE B 414 13.03 14.30 -18.47
C ILE B 414 12.20 13.58 -17.44
N LEU B 415 12.70 13.55 -16.22
CA LEU B 415 12.06 12.88 -15.11
C LEU B 415 12.01 13.84 -13.95
N VAL B 416 10.91 13.85 -13.22
CA VAL B 416 10.77 14.72 -12.06
C VAL B 416 10.36 13.85 -10.88
N LEU B 417 11.31 13.50 -10.04
CA LEU B 417 10.95 12.91 -8.77
C LEU B 417 10.36 13.96 -7.87
N ASP B 418 9.59 13.52 -6.87
CA ASP B 418 9.03 14.44 -5.88
C ASP B 418 8.69 13.63 -4.64
N ILE B 419 9.54 13.65 -3.63
CA ILE B 419 9.38 12.79 -2.47
C ILE B 419 9.04 13.67 -1.29
N PHE B 420 8.00 13.32 -0.54
CA PHE B 420 7.60 14.14 0.60
C PHE B 420 6.84 13.31 1.59
N PHE B 421 6.95 13.69 2.86
CA PHE B 421 6.12 13.10 3.90
C PHE B 421 4.68 13.53 3.71
N GLU B 422 3.75 12.64 4.01
CA GLU B 422 2.35 12.97 3.80
C GLU B 422 1.75 13.63 5.02
N VAL B 423 1.72 12.92 6.13
CA VAL B 423 1.37 13.48 7.42
C VAL B 423 2.46 13.10 8.40
N LEU B 424 2.82 14.03 9.28
CA LEU B 424 3.97 13.86 10.16
C LEU B 424 3.63 12.84 11.24
N ASN B 425 3.66 11.59 10.85
CA ASN B 425 3.22 10.53 11.71
C ASN B 425 4.36 9.53 11.91
N TYR B 426 4.04 8.51 12.68
CA TYR B 426 5.05 7.65 13.26
C TYR B 426 4.31 6.36 13.60
N GLU B 427 4.42 5.37 12.77
CA GLU B 427 3.62 4.17 12.95
C GLU B 427 4.51 3.09 13.54
N THR B 428 4.53 2.99 14.86
CA THR B 428 5.45 2.09 15.54
C THR B 428 4.78 0.76 15.81
N ILE B 429 5.45 -0.33 15.46
CA ILE B 429 4.96 -1.69 15.64
C ILE B 429 6.00 -2.45 16.44
N GLU B 430 5.75 -2.68 17.72
CA GLU B 430 6.73 -3.32 18.58
C GLU B 430 6.17 -4.61 19.16
N GLN B 431 7.10 -5.49 19.53
CA GLN B 431 6.77 -6.77 20.12
C GLN B 431 7.04 -6.70 21.61
N LYS B 432 6.08 -7.15 22.41
CA LYS B 432 6.22 -7.18 23.86
C LYS B 432 5.93 -8.59 24.34
N LYS B 433 6.76 -9.08 25.27
CA LYS B 433 6.58 -10.40 25.84
C LYS B 433 5.32 -10.43 26.69
N ALA B 434 4.47 -11.42 26.46
CA ALA B 434 3.11 -11.39 26.98
C ALA B 434 2.92 -12.15 28.28
N TYR B 435 3.85 -13.02 28.67
CA TYR B 435 3.79 -13.72 29.95
C TYR B 435 5.18 -13.71 30.57
N GLU B 436 5.44 -12.66 31.33
CA GLU B 436 6.70 -12.45 32.02
C GLU B 436 6.80 -13.35 33.25
N ILE B 437 7.92 -13.25 33.96
CA ILE B 437 8.09 -14.04 35.18
C ILE B 437 7.24 -13.47 36.30
N ALA B 438 7.06 -12.15 36.35
CA ALA B 438 6.30 -11.52 37.42
C ALA B 438 4.80 -11.70 37.27
N GLY B 439 4.34 -12.26 36.16
CA GLY B 439 2.93 -12.56 36.02
C GLY B 439 2.68 -14.03 36.29
N LEU B 440 3.77 -14.78 36.48
CA LEU B 440 3.63 -16.21 36.74
C LEU B 440 3.11 -16.46 38.14
N LEU B 441 3.80 -15.89 39.14
CA LEU B 441 3.35 -16.05 40.52
C LEU B 441 2.07 -15.28 40.78
N GLY B 442 1.83 -14.19 40.04
CA GLY B 442 0.56 -13.51 40.12
C GLY B 442 -0.61 -14.32 39.61
N ASP B 443 -0.36 -15.23 38.66
CA ASP B 443 -1.41 -16.09 38.15
C ASP B 443 -1.30 -17.51 38.69
N ILE B 444 -0.25 -17.81 39.47
CA ILE B 444 -0.25 -19.07 40.19
C ILE B 444 -1.11 -18.98 41.45
N GLY B 445 -1.49 -17.75 41.85
CA GLY B 445 -2.22 -17.54 43.08
C GLY B 445 -3.71 -17.32 42.90
N GLY B 446 -4.18 -17.27 41.65
CA GLY B 446 -5.62 -17.16 41.44
C GLY B 446 -6.35 -18.45 41.75
N GLN B 447 -5.70 -19.59 41.48
CA GLN B 447 -6.37 -20.87 41.66
C GLN B 447 -6.19 -21.41 43.08
N MET B 448 -5.00 -21.22 43.67
CA MET B 448 -4.80 -21.69 45.04
C MET B 448 -5.49 -20.77 46.03
N GLY B 449 -5.79 -19.54 45.62
CA GLY B 449 -6.71 -18.73 46.37
C GLY B 449 -8.15 -19.13 46.17
N LEU B 450 -8.43 -19.95 45.16
CA LEU B 450 -9.77 -20.45 44.90
C LEU B 450 -9.95 -21.92 45.24
N PHE B 451 -9.02 -22.78 44.84
CA PHE B 451 -9.16 -24.21 45.07
C PHE B 451 -9.04 -24.57 46.54
N ILE B 452 -7.89 -24.27 47.14
CA ILE B 452 -7.57 -24.77 48.48
C ILE B 452 -7.67 -23.65 49.50
N GLY B 453 -7.49 -22.41 49.05
CA GLY B 453 -7.47 -21.27 49.93
C GLY B 453 -6.12 -20.97 50.53
N ALA B 454 -5.17 -21.88 50.41
CA ALA B 454 -3.92 -21.76 51.12
C ALA B 454 -3.03 -20.71 50.47
N SER B 455 -2.61 -19.73 51.26
CA SER B 455 -1.58 -18.80 50.84
C SER B 455 -0.21 -19.47 50.94
N ILE B 456 0.83 -18.76 50.51
CA ILE B 456 2.17 -19.29 50.70
C ILE B 456 2.67 -19.05 52.11
N LEU B 457 2.03 -18.15 52.86
CA LEU B 457 2.34 -18.00 54.27
C LEU B 457 1.94 -19.26 55.05
N THR B 458 0.86 -19.91 54.62
CA THR B 458 0.50 -21.21 55.20
C THR B 458 1.51 -22.28 54.84
N VAL B 459 2.27 -22.05 53.76
CA VAL B 459 3.44 -22.86 53.47
C VAL B 459 4.69 -22.26 54.12
N LEU B 460 4.75 -20.94 54.29
CA LEU B 460 5.88 -20.34 54.98
C LEU B 460 5.88 -20.64 56.48
N GLU B 461 4.71 -20.67 57.11
CA GLU B 461 4.61 -21.12 58.49
C GLU B 461 4.58 -22.64 58.61
N LEU B 462 4.51 -23.36 57.49
CA LEU B 462 4.63 -24.81 57.50
C LEU B 462 6.07 -25.25 57.73
N PHE B 463 7.04 -24.36 57.45
CA PHE B 463 8.40 -24.58 57.91
C PHE B 463 8.49 -24.50 59.42
N ASP B 464 7.79 -23.54 60.03
CA ASP B 464 7.73 -23.45 61.48
C ASP B 464 6.87 -24.55 62.09
N TYR B 465 5.99 -25.18 61.30
CA TYR B 465 5.32 -26.39 61.74
C TYR B 465 6.28 -27.57 61.82
N ALA B 466 7.31 -27.59 60.97
CA ALA B 466 8.21 -28.73 60.90
C ALA B 466 9.17 -28.79 62.09
N TYR B 467 9.29 -27.71 62.87
CA TYR B 467 10.14 -27.74 64.07
C TYR B 467 9.57 -28.67 65.13
N GLU B 468 8.26 -28.84 65.16
CA GLU B 468 7.63 -29.73 66.14
C GLU B 468 7.48 -31.15 65.63
N VAL B 469 8.01 -31.45 64.46
CA VAL B 469 7.88 -32.78 63.87
C VAL B 469 9.19 -33.54 63.83
N ILE B 470 10.33 -32.87 63.64
CA ILE B 470 11.63 -33.53 63.55
C ILE B 470 12.40 -33.39 64.86
N LYS B 471 12.11 -32.35 65.65
CA LYS B 471 12.85 -32.13 66.89
C LYS B 471 12.12 -32.74 68.08
N HIS B 472 10.85 -32.39 68.28
CA HIS B 472 10.13 -32.81 69.47
C HIS B 472 9.48 -34.18 69.33
N LYS B 473 9.04 -34.54 68.12
CA LYS B 473 8.26 -35.76 67.95
C LYS B 473 9.13 -37.01 67.95
N LEU B 474 10.15 -37.04 67.10
CA LEU B 474 11.01 -38.21 66.98
C LEU B 474 11.95 -38.33 68.17
N LEU C 57 7.81 -10.63 62.84
CA LEU C 57 9.20 -11.05 62.67
C LEU C 57 9.45 -11.53 61.25
N CYS C 58 8.41 -12.06 60.63
CA CYS C 58 8.41 -12.41 59.21
C CYS C 58 7.24 -11.81 58.45
N PHE C 59 6.17 -11.45 59.17
CA PHE C 59 5.02 -10.82 58.53
C PHE C 59 5.35 -9.40 58.12
N LEU C 60 6.25 -8.76 58.86
CA LEU C 60 6.82 -7.49 58.42
C LEU C 60 7.70 -7.66 57.20
N GLY C 61 8.34 -8.82 57.06
CA GLY C 61 9.22 -9.08 55.94
C GLY C 61 8.53 -9.54 54.68
N SER C 62 7.25 -9.91 54.76
CA SER C 62 6.47 -10.23 53.58
C SER C 62 5.56 -9.08 53.15
N LEU C 63 5.32 -8.12 54.02
CA LEU C 63 4.53 -6.95 53.67
C LEU C 63 5.30 -6.01 52.75
N ALA C 64 6.61 -5.92 52.92
CA ALA C 64 7.43 -5.14 52.00
C ALA C 64 7.53 -5.79 50.63
N VAL C 65 7.43 -7.12 50.58
CA VAL C 65 7.37 -7.79 49.28
C VAL C 65 6.02 -7.53 48.63
N LEU C 66 4.97 -7.36 49.44
CA LEU C 66 3.69 -6.94 48.90
C LEU C 66 3.72 -5.48 48.47
N LEU C 67 4.35 -4.62 49.28
CA LEU C 67 4.37 -3.19 49.02
C LEU C 67 5.17 -2.83 47.77
N CYS C 68 6.19 -3.61 47.43
CA CYS C 68 6.95 -3.36 46.20
C CYS C 68 6.13 -3.75 44.97
N VAL C 69 5.47 -4.91 45.02
CA VAL C 69 4.62 -5.35 43.91
C VAL C 69 3.37 -4.50 43.78
N CYS C 70 2.84 -3.98 44.89
CA CYS C 70 1.70 -3.08 44.81
C CYS C 70 2.06 -1.70 44.27
N THR C 71 3.26 -1.20 44.59
CA THR C 71 3.66 0.11 44.10
C THR C 71 3.94 0.09 42.60
N GLU C 72 4.55 -0.97 42.09
CA GLU C 72 4.76 -1.07 40.65
C GLU C 72 3.45 -1.30 39.91
N ARG C 73 2.49 -1.95 40.54
CA ARG C 73 1.24 -2.23 39.86
C ARG C 73 0.29 -1.05 39.95
N VAL C 74 0.53 -0.11 40.85
CA VAL C 74 -0.24 1.12 40.82
C VAL C 74 0.47 2.18 39.98
N GLN C 75 1.76 2.01 39.75
CA GLN C 75 2.45 2.86 38.78
C GLN C 75 2.27 2.38 37.36
N TYR C 76 2.06 1.07 37.17
CA TYR C 76 1.67 0.53 35.87
C TYR C 76 0.34 1.08 35.41
N TYR C 77 -0.53 1.43 36.34
CA TYR C 77 -1.77 2.09 36.01
C TYR C 77 -1.51 3.53 35.55
N PHE C 78 -0.51 4.18 36.13
CA PHE C 78 -0.26 5.58 35.78
C PHE C 78 0.54 5.74 34.50
N HIS C 79 0.96 4.65 33.86
CA HIS C 79 1.51 4.73 32.51
C HIS C 79 0.43 4.91 31.44
N TYR C 80 -0.79 4.43 31.72
CA TYR C 80 -1.91 4.45 30.79
C TYR C 80 -1.56 3.75 29.47
N HIS C 81 -1.05 2.53 29.60
CA HIS C 81 -0.75 1.72 28.41
C HIS C 81 -2.03 1.36 27.69
N HIS C 82 -1.94 1.12 26.38
CA HIS C 82 -3.09 0.76 25.58
C HIS C 82 -2.69 -0.16 24.43
N VAL C 83 -3.50 -1.17 24.19
CA VAL C 83 -3.31 -2.10 23.09
C VAL C 83 -4.36 -1.75 22.04
N THR C 84 -4.14 -2.20 20.81
CA THR C 84 -5.03 -1.88 19.70
C THR C 84 -5.50 -3.15 19.01
N LYS C 85 -6.72 -3.09 18.49
CA LYS C 85 -7.43 -4.27 17.99
C LYS C 85 -7.87 -4.04 16.56
N LEU C 86 -7.57 -5.00 15.68
CA LEU C 86 -7.88 -4.91 14.26
C LEU C 86 -8.92 -5.96 13.89
N ASP C 87 -10.04 -5.51 13.33
CA ASP C 87 -11.10 -6.40 12.87
C ASP C 87 -11.24 -6.30 11.37
N GLU C 88 -12.08 -7.17 10.81
CA GLU C 88 -12.52 -7.06 9.42
C GLU C 88 -14.02 -7.34 9.41
N VAL C 89 -14.81 -6.28 9.61
CA VAL C 89 -16.26 -6.39 9.65
C VAL C 89 -16.77 -6.56 8.22
N ALA C 90 -17.33 -7.72 7.91
CA ALA C 90 -17.86 -7.94 6.57
C ALA C 90 -19.20 -7.22 6.47
N ALA C 91 -19.13 -5.94 6.16
CA ALA C 91 -20.35 -5.15 6.15
C ALA C 91 -21.13 -5.36 4.85
N SER C 92 -22.35 -4.85 4.83
CA SER C 92 -23.25 -5.03 3.70
C SER C 92 -23.61 -3.73 3.00
N GLN C 93 -23.58 -2.61 3.69
CA GLN C 93 -23.73 -1.31 3.06
C GLN C 93 -22.51 -0.45 3.37
N LEU C 94 -22.07 0.32 2.37
CA LEU C 94 -20.96 1.23 2.56
C LEU C 94 -21.26 2.53 1.85
N THR C 95 -20.91 3.64 2.48
CA THR C 95 -21.12 4.94 1.88
C THR C 95 -19.97 5.30 0.96
N PHE C 96 -20.28 5.90 -0.14
CA PHE C 96 -19.25 6.18 -1.12
C PHE C 96 -18.45 7.39 -0.69
N PRO C 97 -17.13 7.35 -0.79
CA PRO C 97 -16.31 8.49 -0.39
C PRO C 97 -16.38 9.61 -1.40
N ALA C 98 -16.32 10.83 -0.89
CA ALA C 98 -16.53 12.00 -1.72
C ALA C 98 -15.29 12.29 -2.53
N VAL C 99 -15.38 12.12 -3.84
CA VAL C 99 -14.26 12.33 -4.74
C VAL C 99 -14.27 13.77 -5.19
N THR C 100 -13.16 14.47 -4.98
CA THR C 100 -12.96 15.78 -5.55
C THR C 100 -11.85 15.71 -6.58
N LEU C 101 -11.85 16.67 -7.50
CA LEU C 101 -10.85 16.63 -8.55
C LEU C 101 -10.60 18.03 -9.07
N CYS C 102 -9.33 18.35 -9.28
CA CYS C 102 -8.93 19.68 -9.71
C CYS C 102 -8.04 19.56 -10.92
N ASN C 103 -8.22 20.45 -11.88
CA ASN C 103 -7.22 20.53 -12.92
C ASN C 103 -5.98 21.24 -12.38
N LEU C 104 -4.84 20.97 -12.99
CA LEU C 104 -3.60 21.53 -12.50
C LEU C 104 -3.33 22.92 -13.04
N ASN C 105 -4.29 23.50 -13.75
CA ASN C 105 -4.20 24.87 -14.23
C ASN C 105 -5.25 25.72 -13.56
N GLU C 106 -4.91 26.96 -13.27
CA GLU C 106 -5.79 27.80 -12.47
C GLU C 106 -6.76 28.61 -13.31
N PHE C 107 -6.33 29.17 -14.43
CA PHE C 107 -7.18 30.03 -15.24
C PHE C 107 -6.99 29.68 -16.71
N ARG C 108 -8.09 29.47 -17.42
CA ARG C 108 -7.98 29.11 -18.81
C ARG C 108 -7.60 30.33 -19.64
N PHE C 109 -6.99 30.07 -20.79
CA PHE C 109 -6.37 31.14 -21.57
C PHE C 109 -7.36 31.87 -22.45
N SER C 110 -8.31 31.16 -23.03
CA SER C 110 -9.21 31.74 -24.02
C SER C 110 -10.41 32.44 -23.42
N GLN C 111 -10.42 32.70 -22.12
CA GLN C 111 -11.54 33.35 -21.48
C GLN C 111 -11.06 34.36 -20.45
N VAL C 112 -10.06 35.15 -20.83
CA VAL C 112 -9.65 36.33 -20.08
C VAL C 112 -9.69 37.54 -21.01
N SER C 113 -10.08 38.67 -20.45
CA SER C 113 -10.37 39.88 -21.23
C SER C 113 -9.32 40.94 -20.93
N LYS C 114 -9.57 42.14 -21.45
CA LYS C 114 -8.62 43.24 -21.31
C LYS C 114 -8.53 43.73 -19.87
N ASN C 115 -9.68 43.96 -19.23
CA ASN C 115 -9.69 44.48 -17.87
C ASN C 115 -9.19 43.49 -16.85
N ASP C 116 -9.37 42.18 -17.10
CA ASP C 116 -8.77 41.17 -16.24
C ASP C 116 -7.26 41.21 -16.34
N LEU C 117 -6.75 41.51 -17.54
CA LEU C 117 -5.32 41.67 -17.72
C LEU C 117 -4.83 43.00 -17.17
N TYR C 118 -5.68 44.02 -17.17
CA TYR C 118 -5.26 45.31 -16.65
C TYR C 118 -5.25 45.34 -15.13
N HIS C 119 -6.22 44.69 -14.49
CA HIS C 119 -6.36 44.74 -13.05
C HIS C 119 -5.51 43.71 -12.31
N ALA C 120 -5.25 42.56 -12.92
CA ALA C 120 -4.51 41.49 -12.27
C ALA C 120 -3.49 40.89 -13.22
N GLY C 121 -2.73 41.76 -13.90
CA GLY C 121 -1.71 41.28 -14.81
C GLY C 121 -0.50 40.70 -14.10
N GLU C 122 -0.23 41.16 -12.89
CA GLU C 122 0.85 40.62 -12.09
C GLU C 122 0.43 39.47 -11.20
N LEU C 123 -0.87 39.32 -10.95
CA LEU C 123 -1.33 38.18 -10.16
C LEU C 123 -1.52 36.97 -11.05
N LEU C 124 -1.79 37.21 -12.33
CA LEU C 124 -1.81 36.19 -13.37
C LEU C 124 -0.42 35.67 -13.71
N ALA C 125 0.63 36.39 -13.28
CA ALA C 125 2.03 36.14 -13.64
C ALA C 125 2.21 36.12 -15.16
N LEU C 126 1.61 37.12 -15.81
CA LEU C 126 1.70 37.26 -17.25
C LEU C 126 2.20 38.61 -17.73
N LEU C 127 2.10 39.66 -16.91
CA LEU C 127 2.36 41.01 -17.37
C LEU C 127 3.50 41.63 -16.57
N ASN C 128 3.94 42.79 -17.04
CA ASN C 128 4.95 43.58 -16.36
C ASN C 128 4.27 44.48 -15.32
N ASN C 129 5.05 44.88 -14.30
CA ASN C 129 4.51 45.78 -13.29
C ASN C 129 4.23 47.16 -13.85
N ARG C 130 4.97 47.57 -14.88
CA ARG C 130 4.63 48.74 -15.68
C ARG C 130 3.77 48.40 -16.89
N TYR C 131 3.03 47.29 -16.81
CA TYR C 131 1.95 46.92 -17.73
C TYR C 131 2.44 46.71 -19.17
N GLU C 132 3.24 45.66 -19.33
CA GLU C 132 3.69 45.23 -20.65
C GLU C 132 3.85 43.71 -20.64
N ILE C 133 4.04 43.14 -21.83
CA ILE C 133 4.36 41.72 -21.95
C ILE C 133 5.86 41.57 -21.75
N PRO C 134 6.31 41.07 -20.58
CA PRO C 134 7.72 41.24 -20.19
C PRO C 134 8.72 40.44 -21.01
N ASP C 135 8.51 39.13 -21.14
CA ASP C 135 9.46 38.25 -21.82
C ASP C 135 8.79 37.63 -23.03
N THR C 136 8.10 38.46 -23.81
CA THR C 136 7.38 38.01 -25.01
C THR C 136 8.40 37.73 -26.10
N GLN C 137 9.02 36.55 -26.01
CA GLN C 137 10.17 36.23 -26.85
C GLN C 137 10.25 34.72 -27.03
N MET C 138 10.09 34.28 -28.28
CA MET C 138 10.38 32.92 -28.74
C MET C 138 9.51 31.87 -28.04
N ALA C 139 8.26 32.24 -27.77
CA ALA C 139 7.30 31.29 -27.24
C ALA C 139 6.45 30.67 -28.35
N ASP C 140 5.68 31.49 -29.06
CA ASP C 140 4.71 31.03 -30.03
C ASP C 140 4.34 32.22 -30.91
N GLU C 141 3.59 31.97 -31.98
CA GLU C 141 3.03 33.04 -32.81
C GLU C 141 1.52 33.15 -32.65
N LYS C 142 0.84 32.03 -32.43
CA LYS C 142 -0.60 32.09 -32.21
C LYS C 142 -0.92 32.56 -30.79
N GLN C 143 -0.11 32.15 -29.81
CA GLN C 143 -0.28 32.65 -28.46
C GLN C 143 0.10 34.12 -28.37
N LEU C 144 1.17 34.53 -29.07
CA LEU C 144 1.63 35.91 -28.98
C LEU C 144 0.73 36.87 -29.73
N GLU C 145 0.05 36.40 -30.78
CA GLU C 145 -0.84 37.27 -31.52
C GLU C 145 -2.08 37.61 -30.70
N ILE C 146 -2.65 36.61 -30.02
CA ILE C 146 -3.84 36.87 -29.22
C ILE C 146 -3.49 37.56 -27.92
N LEU C 147 -2.25 37.44 -27.45
CA LEU C 147 -1.81 38.09 -26.22
C LEU C 147 -1.73 39.60 -26.34
N GLN C 148 -1.01 40.10 -27.35
CA GLN C 148 -0.84 41.55 -27.50
C GLN C 148 -2.14 42.21 -27.92
N ASP C 149 -3.03 41.46 -28.56
CA ASP C 149 -4.33 42.00 -28.93
C ASP C 149 -5.24 42.17 -27.72
N LYS C 150 -5.18 41.25 -26.75
CA LYS C 150 -5.92 41.47 -25.51
C LYS C 150 -5.08 42.15 -24.44
N ALA C 151 -3.91 42.67 -24.78
CA ALA C 151 -3.12 43.48 -23.85
C ALA C 151 -2.72 44.80 -24.48
N ASN C 152 -3.59 45.38 -25.31
CA ASN C 152 -3.29 46.65 -25.96
C ASN C 152 -3.29 47.79 -24.97
N PHE C 153 -4.39 47.92 -24.21
CA PHE C 153 -4.65 49.01 -23.25
C PHE C 153 -4.56 50.40 -23.90
N ARG C 154 -4.93 50.49 -25.16
CA ARG C 154 -4.97 51.76 -25.88
C ARG C 154 -6.35 52.35 -25.67
N SER C 155 -6.43 53.28 -24.70
CA SER C 155 -7.69 53.90 -24.22
C SER C 155 -8.70 52.85 -23.77
N PHE C 156 -8.22 51.76 -23.20
CA PHE C 156 -9.09 50.70 -22.68
C PHE C 156 -9.56 51.11 -21.29
N LYS C 157 -10.83 51.48 -21.16
CA LYS C 157 -11.35 51.94 -19.89
C LYS C 157 -11.50 50.76 -18.93
N PRO C 158 -11.12 50.94 -17.67
CA PRO C 158 -11.27 49.86 -16.69
C PRO C 158 -12.73 49.64 -16.30
N LYS C 159 -12.93 48.58 -15.53
CA LYS C 159 -14.24 48.08 -15.16
C LYS C 159 -14.25 47.74 -13.67
N PRO C 160 -15.43 47.57 -13.06
CA PRO C 160 -15.46 47.02 -11.70
C PRO C 160 -15.02 45.57 -11.69
N PHE C 161 -14.16 45.24 -10.73
CA PHE C 161 -13.55 43.93 -10.64
C PHE C 161 -13.99 43.20 -9.39
N ASN C 162 -14.07 41.88 -9.50
CA ASN C 162 -14.37 41.03 -8.36
C ASN C 162 -13.69 39.68 -8.58
N MET C 163 -12.91 39.24 -7.60
CA MET C 163 -12.11 38.04 -7.78
C MET C 163 -12.97 36.78 -7.78
N ARG C 164 -14.01 36.75 -6.95
CA ARG C 164 -14.94 35.62 -6.94
C ARG C 164 -15.68 35.52 -8.27
N GLU C 165 -15.98 36.65 -8.91
CA GLU C 165 -16.56 36.61 -10.24
C GLU C 165 -15.55 36.14 -11.28
N PHE C 166 -14.27 36.44 -11.07
CA PHE C 166 -13.25 36.03 -12.02
C PHE C 166 -13.06 34.53 -12.02
N TYR C 167 -13.12 33.90 -10.84
CA TYR C 167 -12.93 32.46 -10.76
C TYR C 167 -14.15 31.67 -11.21
N ASP C 168 -15.32 32.30 -11.30
CA ASP C 168 -16.49 31.55 -11.73
C ASP C 168 -16.61 31.42 -13.23
N ARG C 169 -15.90 32.23 -13.99
CA ARG C 169 -16.04 32.20 -15.45
C ARG C 169 -14.71 32.02 -16.16
N ALA C 170 -13.59 32.10 -15.45
CA ALA C 170 -12.30 31.85 -16.05
C ALA C 170 -11.63 30.60 -15.52
N GLY C 171 -12.32 29.79 -14.74
CA GLY C 171 -11.78 28.51 -14.36
C GLY C 171 -12.04 27.46 -15.41
N HIS C 172 -12.46 26.27 -14.98
CA HIS C 172 -12.79 25.19 -15.89
C HIS C 172 -14.21 24.74 -15.61
N ASP C 173 -15.10 25.02 -16.54
CA ASP C 173 -16.47 24.55 -16.42
C ASP C 173 -16.51 23.03 -16.52
N ILE C 174 -17.39 22.42 -15.75
CA ILE C 174 -17.46 20.97 -15.78
C ILE C 174 -18.27 20.46 -16.96
N ARG C 175 -19.00 21.34 -17.65
CA ARG C 175 -19.84 20.88 -18.75
C ARG C 175 -19.03 20.52 -19.99
N ASP C 176 -17.80 21.05 -20.12
CA ASP C 176 -16.94 20.68 -21.22
C ASP C 176 -15.69 19.92 -20.78
N MET C 177 -15.40 19.87 -19.48
CA MET C 177 -14.41 18.91 -19.01
C MET C 177 -14.97 17.50 -19.05
N LEU C 178 -16.10 17.28 -18.39
CA LEU C 178 -16.63 15.94 -18.25
C LEU C 178 -17.31 15.49 -19.54
N LEU C 179 -17.18 14.19 -19.83
CA LEU C 179 -17.80 13.65 -21.03
C LEU C 179 -18.79 12.54 -20.70
N SER C 180 -18.49 11.74 -19.68
CA SER C 180 -19.36 10.61 -19.35
C SER C 180 -19.16 10.25 -17.89
N CYS C 181 -20.09 10.64 -17.03
CA CYS C 181 -20.08 10.26 -15.64
C CYS C 181 -20.99 9.06 -15.45
N HIS C 182 -20.54 8.08 -14.68
CA HIS C 182 -21.33 6.89 -14.46
C HIS C 182 -21.37 6.54 -12.99
N PHE C 183 -22.33 5.69 -12.63
CA PHE C 183 -22.44 5.18 -11.26
C PHE C 183 -23.21 3.87 -11.35
N ARG C 184 -22.50 2.76 -11.20
CA ARG C 184 -23.06 1.41 -11.16
C ARG C 184 -23.87 1.06 -12.40
N GLY C 185 -23.64 1.74 -13.52
CA GLY C 185 -24.43 1.49 -14.70
C GLY C 185 -25.38 2.61 -15.04
N GLU C 186 -26.05 3.18 -14.05
CA GLU C 186 -26.97 4.27 -14.34
C GLU C 186 -26.19 5.54 -14.60
N VAL C 187 -26.70 6.36 -15.50
CA VAL C 187 -25.92 7.43 -16.09
C VAL C 187 -25.98 8.65 -15.18
N CYS C 188 -24.87 8.92 -14.52
CA CYS C 188 -24.64 10.17 -13.82
C CYS C 188 -24.57 11.35 -14.81
N SER C 189 -24.72 12.55 -14.27
CA SER C 189 -24.83 13.75 -15.08
C SER C 189 -23.90 14.82 -14.53
N ALA C 190 -24.06 16.04 -15.05
CA ALA C 190 -23.12 17.10 -14.73
C ALA C 190 -23.47 17.84 -13.43
N GLU C 191 -24.75 17.93 -13.08
CA GLU C 191 -25.15 18.72 -11.93
C GLU C 191 -25.07 17.95 -10.60
N ASP C 192 -24.40 16.82 -10.57
CA ASP C 192 -24.15 16.13 -9.30
C ASP C 192 -22.88 16.61 -8.64
N PHE C 193 -22.18 17.57 -9.22
CA PHE C 193 -20.86 17.97 -8.74
C PHE C 193 -20.97 19.34 -8.07
N LYS C 194 -20.88 19.34 -6.75
CA LYS C 194 -20.91 20.58 -6.00
C LYS C 194 -19.60 21.34 -6.19
N VAL C 195 -19.68 22.59 -6.62
CA VAL C 195 -18.48 23.38 -6.86
C VAL C 195 -17.87 23.81 -5.54
N VAL C 196 -16.55 23.66 -5.42
CA VAL C 196 -15.82 24.05 -4.22
C VAL C 196 -14.67 24.93 -4.69
N PHE C 197 -14.02 25.60 -3.76
CA PHE C 197 -12.89 26.47 -4.08
C PHE C 197 -11.71 26.11 -3.22
N THR C 198 -10.62 25.67 -3.85
CA THR C 198 -9.36 25.53 -3.14
C THR C 198 -8.21 26.10 -3.95
N ARG C 199 -6.99 25.88 -3.47
CA ARG C 199 -5.84 26.70 -3.87
C ARG C 199 -5.44 26.50 -5.32
N TYR C 200 -5.83 25.40 -5.95
CA TYR C 200 -5.56 25.22 -7.36
C TYR C 200 -6.56 25.94 -8.25
N GLY C 201 -7.55 26.63 -7.67
CA GLY C 201 -8.54 27.30 -8.47
C GLY C 201 -9.91 26.68 -8.31
N LYS C 202 -10.62 26.52 -9.42
CA LYS C 202 -11.97 25.97 -9.37
C LYS C 202 -11.89 24.46 -9.33
N CYS C 203 -12.55 23.85 -8.35
CA CYS C 203 -12.50 22.41 -8.17
C CYS C 203 -13.89 21.87 -7.89
N TYR C 204 -14.12 20.63 -8.29
CA TYR C 204 -15.43 20.04 -8.18
C TYR C 204 -15.43 18.94 -7.15
N THR C 205 -16.61 18.44 -6.83
CA THR C 205 -16.74 17.47 -5.75
C THR C 205 -17.90 16.55 -6.06
N PHE C 206 -17.62 15.28 -6.25
CA PHE C 206 -18.69 14.29 -6.35
C PHE C 206 -19.10 13.86 -4.95
N ASN C 207 -20.39 13.60 -4.78
CA ASN C 207 -20.96 12.98 -3.58
C ASN C 207 -20.71 13.81 -2.32
N SER C 208 -21.09 15.08 -2.37
CA SER C 208 -20.69 16.00 -1.31
C SER C 208 -21.46 15.78 -0.03
N GLY C 209 -22.75 15.52 -0.13
CA GLY C 209 -23.58 15.35 1.03
C GLY C 209 -24.22 16.61 1.55
N ARG C 210 -23.73 17.77 1.17
CA ARG C 210 -24.35 19.02 1.55
C ARG C 210 -25.44 19.37 0.53
N ASP C 211 -25.94 20.61 0.61
CA ASP C 211 -26.94 21.25 -0.25
C ASP C 211 -28.16 20.40 -0.60
N GLY C 212 -28.58 19.53 0.31
CA GLY C 212 -29.82 18.78 0.17
C GLY C 212 -29.67 17.40 -0.44
N ARG C 213 -28.64 17.14 -1.23
CA ARG C 213 -28.49 15.85 -1.86
C ARG C 213 -27.99 14.82 -0.86
N PRO C 214 -28.62 13.65 -0.78
CA PRO C 214 -28.21 12.65 0.23
C PRO C 214 -26.90 11.99 -0.15
N ARG C 215 -26.37 11.24 0.81
CA ARG C 215 -25.11 10.53 0.61
C ARG C 215 -25.38 9.23 -0.14
N LEU C 216 -24.74 9.06 -1.30
CA LEU C 216 -24.94 7.86 -2.09
C LEU C 216 -24.26 6.67 -1.44
N LYS C 217 -24.75 5.48 -1.75
CA LYS C 217 -24.22 4.26 -1.18
C LYS C 217 -23.89 3.25 -2.28
N THR C 218 -23.11 2.24 -1.90
CA THR C 218 -22.79 1.14 -2.79
C THR C 218 -22.90 -0.16 -2.01
N MET C 219 -23.19 -1.25 -2.74
CA MET C 219 -23.43 -2.54 -2.10
C MET C 219 -22.77 -3.69 -2.84
N LYS C 220 -21.90 -3.41 -3.81
CA LYS C 220 -21.23 -4.46 -4.54
C LYS C 220 -19.78 -4.05 -4.79
N GLY C 221 -18.90 -5.04 -4.87
CA GLY C 221 -17.50 -4.78 -5.14
C GLY C 221 -17.22 -4.64 -6.61
N GLY C 222 -15.97 -4.87 -6.99
CA GLY C 222 -15.63 -4.99 -8.40
C GLY C 222 -15.53 -3.68 -9.15
N THR C 223 -14.91 -3.71 -10.33
CA THR C 223 -14.65 -2.49 -11.08
C THR C 223 -15.90 -1.90 -11.71
N GLY C 224 -16.98 -2.64 -11.82
CA GLY C 224 -18.13 -2.07 -12.48
C GLY C 224 -19.09 -1.36 -11.59
N ASN C 225 -18.72 -1.05 -10.35
CA ASN C 225 -19.64 -0.58 -9.34
C ASN C 225 -19.11 0.64 -8.63
N GLY C 226 -18.63 1.61 -9.38
CA GLY C 226 -18.19 2.88 -8.85
C GLY C 226 -18.21 3.89 -9.95
N LEU C 227 -17.46 4.98 -9.78
CA LEU C 227 -17.38 5.99 -10.81
C LEU C 227 -16.65 5.48 -12.04
N GLU C 228 -17.03 6.00 -13.19
CA GLU C 228 -16.27 5.83 -14.42
C GLU C 228 -16.38 7.17 -15.12
N ILE C 229 -15.39 8.02 -14.91
CA ILE C 229 -15.46 9.41 -15.33
C ILE C 229 -14.49 9.56 -16.49
N MET C 230 -14.98 9.85 -17.68
CA MET C 230 -14.05 10.11 -18.78
C MET C 230 -13.87 11.61 -18.89
N LEU C 231 -12.86 12.12 -18.20
CA LEU C 231 -12.62 13.54 -18.15
C LEU C 231 -11.90 14.02 -19.41
N ASP C 232 -11.61 15.31 -19.44
CA ASP C 232 -10.85 15.92 -20.54
C ASP C 232 -10.20 17.16 -19.97
N ILE C 233 -8.89 17.28 -20.12
CA ILE C 233 -8.14 18.26 -19.36
C ILE C 233 -7.78 19.51 -20.15
N GLN C 234 -7.90 19.48 -21.49
CA GLN C 234 -7.77 20.64 -22.38
C GLN C 234 -6.41 21.32 -22.25
N GLN C 235 -5.37 20.61 -22.68
CA GLN C 235 -4.01 21.13 -22.55
C GLN C 235 -3.75 22.34 -23.43
N ASP C 236 -4.59 22.59 -24.44
CA ASP C 236 -4.38 23.75 -25.31
C ASP C 236 -4.59 25.06 -24.57
N GLU C 237 -5.52 25.09 -23.62
CA GLU C 237 -5.90 26.34 -22.96
C GLU C 237 -5.18 26.51 -21.64
N TYR C 238 -4.00 25.94 -21.47
CA TYR C 238 -3.21 26.22 -20.29
C TYR C 238 -2.56 27.59 -20.45
N LEU C 239 -2.04 28.12 -19.36
CA LEU C 239 -1.38 29.41 -19.41
C LEU C 239 -0.04 29.27 -20.14
N PRO C 240 0.35 30.25 -20.93
CA PRO C 240 1.69 30.23 -21.53
C PRO C 240 2.73 30.49 -20.46
N VAL C 241 3.86 29.79 -20.56
CA VAL C 241 4.81 29.72 -19.47
C VAL C 241 6.18 30.20 -19.95
N TRP C 242 6.18 31.14 -20.89
CA TRP C 242 7.44 31.68 -21.40
C TRP C 242 8.20 32.50 -20.36
N GLY C 243 7.56 32.90 -19.27
CA GLY C 243 8.25 33.50 -18.14
C GLY C 243 8.86 32.44 -17.24
N GLU C 244 9.36 32.89 -16.10
CA GLU C 244 9.88 31.98 -15.09
C GLU C 244 9.63 32.57 -13.71
N THR C 245 8.90 31.83 -12.86
CA THR C 245 8.63 32.21 -11.48
C THR C 245 8.96 31.03 -10.58
N ASP C 246 8.72 31.22 -9.28
CA ASP C 246 8.95 30.16 -8.30
C ASP C 246 7.78 29.18 -8.23
N GLU C 247 6.58 29.60 -8.61
CA GLU C 247 5.41 28.75 -8.56
C GLU C 247 5.15 28.02 -9.87
N THR C 248 6.11 28.03 -10.80
CA THR C 248 5.91 27.47 -12.13
C THR C 248 5.72 25.96 -12.06
N SER C 249 4.70 25.50 -12.78
CA SER C 249 4.32 24.09 -12.79
C SER C 249 4.27 23.64 -14.23
N PHE C 250 5.18 22.74 -14.61
CA PHE C 250 5.23 22.29 -15.99
C PHE C 250 4.23 21.20 -16.30
N GLU C 251 3.60 20.62 -15.29
CA GLU C 251 2.86 19.37 -15.45
C GLU C 251 1.48 19.64 -16.06
N ALA C 252 0.78 18.55 -16.41
CA ALA C 252 -0.56 18.68 -16.97
C ALA C 252 -1.36 17.43 -16.63
N GLY C 253 -2.13 17.48 -15.55
CA GLY C 253 -2.92 16.35 -15.16
C GLY C 253 -3.90 16.77 -14.09
N ILE C 254 -4.55 15.79 -13.49
CA ILE C 254 -5.61 16.04 -12.52
C ILE C 254 -5.14 15.57 -11.16
N LYS C 255 -5.35 16.38 -10.14
CA LYS C 255 -5.15 15.96 -8.77
C LYS C 255 -6.49 15.59 -8.17
N VAL C 256 -6.55 14.42 -7.55
CA VAL C 256 -7.80 13.83 -7.07
C VAL C 256 -7.60 13.39 -5.64
N GLN C 257 -8.41 13.89 -4.71
CA GLN C 257 -8.32 13.48 -3.33
C GLN C 257 -9.60 12.77 -2.93
N ILE C 258 -9.47 11.57 -2.40
CA ILE C 258 -10.60 10.79 -1.88
C ILE C 258 -10.67 11.00 -0.39
N HIS C 259 -11.82 11.46 0.11
CA HIS C 259 -11.97 11.72 1.53
C HIS C 259 -13.40 11.46 1.95
N SER C 260 -13.63 11.47 3.26
CA SER C 260 -14.99 11.35 3.76
C SER C 260 -15.74 12.67 3.59
N GLN C 261 -17.02 12.64 3.93
CA GLN C 261 -17.88 13.79 3.61
C GLN C 261 -17.67 14.96 4.55
N ASP C 262 -17.14 14.73 5.75
CA ASP C 262 -17.07 15.82 6.71
C ASP C 262 -15.87 16.74 6.50
N GLU C 263 -14.75 16.23 6.01
CA GLU C 263 -13.63 17.14 5.84
C GLU C 263 -13.80 17.94 4.56
N PRO C 264 -13.45 19.22 4.57
CA PRO C 264 -13.35 19.96 3.33
C PRO C 264 -12.13 19.48 2.54
N PRO C 265 -12.11 19.66 1.22
CA PRO C 265 -11.00 19.13 0.44
C PRO C 265 -9.73 19.93 0.65
N PHE C 266 -8.60 19.23 0.60
CA PHE C 266 -7.31 19.84 0.84
C PHE C 266 -6.30 19.38 -0.20
N ILE C 267 -6.64 19.55 -1.48
CA ILE C 267 -5.89 19.10 -2.64
C ILE C 267 -4.42 19.50 -2.65
N ASP C 268 -4.09 20.60 -1.98
CA ASP C 268 -2.71 21.08 -1.94
C ASP C 268 -1.77 20.09 -1.28
N GLN C 269 -2.24 19.36 -0.26
CA GLN C 269 -1.33 18.60 0.58
C GLN C 269 -1.74 17.16 0.81
N LEU C 270 -2.77 16.65 0.15
CA LEU C 270 -3.13 15.26 0.37
C LEU C 270 -3.47 14.47 -0.88
N GLY C 271 -3.55 15.09 -2.04
CA GLY C 271 -4.07 14.40 -3.20
C GLY C 271 -2.97 13.85 -4.08
N PHE C 272 -3.27 12.72 -4.71
CA PHE C 272 -2.39 12.12 -5.68
C PHE C 272 -2.67 12.72 -7.05
N GLY C 273 -2.13 12.13 -8.10
CA GLY C 273 -2.31 12.64 -9.44
C GLY C 273 -2.67 11.51 -10.38
N VAL C 274 -3.30 11.87 -11.48
CA VAL C 274 -3.66 10.91 -12.51
C VAL C 274 -3.22 11.46 -13.85
N ALA C 275 -2.46 10.75 -14.53
CA ALA C 275 -1.87 11.23 -15.76
C ALA C 275 -2.86 11.12 -16.91
N PRO C 276 -2.78 12.01 -17.89
CA PRO C 276 -3.68 11.90 -19.05
C PRO C 276 -3.20 10.87 -20.04
N GLY C 277 -4.18 10.23 -20.68
CA GLY C 277 -3.87 9.16 -21.59
C GLY C 277 -3.68 7.83 -20.91
N PHE C 278 -4.24 7.65 -19.72
CA PHE C 278 -4.08 6.41 -18.96
C PHE C 278 -5.28 6.22 -18.08
N GLN C 279 -6.10 5.21 -18.35
CA GLN C 279 -7.23 4.92 -17.46
C GLN C 279 -6.69 4.25 -16.21
N THR C 280 -6.94 4.84 -15.06
CA THR C 280 -6.36 4.34 -13.80
C THR C 280 -7.45 3.79 -12.90
N PHE C 281 -7.52 2.46 -12.79
CA PHE C 281 -8.31 1.86 -11.75
C PHE C 281 -7.74 2.22 -10.39
N VAL C 282 -8.55 2.85 -9.55
CA VAL C 282 -8.12 3.24 -8.22
C VAL C 282 -8.99 2.49 -7.24
N ALA C 283 -8.45 1.44 -6.62
CA ALA C 283 -9.20 0.70 -5.64
C ALA C 283 -9.32 1.50 -4.34
N CYS C 284 -10.11 0.99 -3.42
CA CYS C 284 -10.30 1.64 -2.13
C CYS C 284 -10.54 0.55 -1.10
N GLN C 285 -10.29 0.90 0.17
CA GLN C 285 -10.63 0.00 1.27
C GLN C 285 -10.86 0.87 2.49
N GLU C 286 -12.11 0.98 2.91
CA GLU C 286 -12.46 1.95 3.93
C GLU C 286 -11.93 1.53 5.30
N GLN C 287 -11.17 2.41 5.93
CA GLN C 287 -10.71 2.19 7.28
C GLN C 287 -11.51 3.06 8.25
N ARG C 288 -11.56 2.64 9.51
CA ARG C 288 -12.18 3.41 10.57
C ARG C 288 -11.20 3.49 11.72
N LEU C 289 -11.06 4.67 12.29
CA LEU C 289 -10.15 4.87 13.40
C LEU C 289 -10.88 5.42 14.61
N ILE C 290 -10.59 4.85 15.78
CA ILE C 290 -11.10 5.36 17.05
C ILE C 290 -9.90 5.57 17.95
N TYR C 291 -9.57 6.82 18.21
CA TYR C 291 -8.51 7.18 19.14
C TYR C 291 -9.11 7.45 20.51
N LEU C 292 -8.23 7.65 21.50
CA LEU C 292 -8.71 7.80 22.87
C LEU C 292 -8.47 9.20 23.40
N PRO C 293 -9.32 9.67 24.30
CA PRO C 293 -9.11 11.00 24.90
C PRO C 293 -7.90 11.02 25.82
N PRO C 294 -7.35 12.20 26.13
CA PRO C 294 -6.20 12.24 27.02
C PRO C 294 -6.62 11.93 28.45
N PRO C 295 -5.70 11.47 29.30
CA PRO C 295 -4.26 11.24 29.12
C PRO C 295 -3.92 9.88 28.53
N TRP C 296 -4.90 9.17 27.98
CA TRP C 296 -4.60 7.93 27.28
C TRP C 296 -3.96 8.22 25.93
N GLY C 297 -4.61 9.08 25.13
CA GLY C 297 -4.10 9.51 23.84
C GLY C 297 -4.36 10.99 23.61
N THR C 298 -4.96 11.33 22.47
CA THR C 298 -5.32 12.72 22.21
C THR C 298 -6.60 12.74 21.38
N CYS C 299 -7.58 13.54 21.82
CA CYS C 299 -8.79 13.76 21.04
C CYS C 299 -9.26 15.18 21.29
N LYS C 300 -9.98 15.73 20.32
CA LYS C 300 -10.93 16.81 20.59
C LYS C 300 -12.33 16.21 20.61
N ALA C 301 -12.54 15.31 21.57
CA ALA C 301 -13.79 14.54 21.63
C ALA C 301 -14.98 15.39 22.05
N VAL C 302 -14.75 16.54 22.68
CA VAL C 302 -15.82 17.47 23.02
C VAL C 302 -16.27 18.12 21.71
N THR C 303 -17.43 17.71 21.20
CA THR C 303 -17.92 18.17 19.92
C THR C 303 -19.17 19.04 20.04
N MET C 304 -19.25 19.87 21.08
CA MET C 304 -20.37 20.79 21.19
C MET C 304 -20.17 21.98 20.26
N ASP C 305 -19.13 22.78 20.55
CA ASP C 305 -18.66 23.77 19.59
C ASP C 305 -17.18 23.99 19.89
N SER C 306 -16.31 23.25 19.19
CA SER C 306 -14.89 23.31 19.52
C SER C 306 -14.21 24.45 18.80
N ASP C 307 -14.16 24.39 17.47
CA ASP C 307 -13.54 25.44 16.69
C ASP C 307 -14.33 25.74 15.42
N LEU C 308 -15.58 25.32 15.36
CA LEU C 308 -16.37 25.40 14.13
C LEU C 308 -16.84 26.84 13.92
N ASP C 309 -15.90 27.70 13.53
CA ASP C 309 -16.26 29.08 13.25
C ASP C 309 -16.92 29.23 11.90
N PHE C 310 -16.61 28.35 10.95
CA PHE C 310 -17.23 28.41 9.62
C PHE C 310 -17.68 27.06 9.11
N PHE C 311 -17.53 26.00 9.91
CA PHE C 311 -17.97 24.66 9.54
C PHE C 311 -18.89 24.14 10.63
N ASP C 312 -19.19 22.84 10.57
CA ASP C 312 -20.03 22.22 11.60
C ASP C 312 -19.29 21.12 12.36
N SER C 313 -18.54 20.26 11.68
CA SER C 313 -17.83 19.18 12.33
C SER C 313 -16.34 19.47 12.38
N TYR C 314 -15.66 18.73 13.23
CA TYR C 314 -14.24 18.95 13.47
C TYR C 314 -13.43 17.91 12.74
N SER C 315 -12.32 18.36 12.14
CA SER C 315 -11.42 17.49 11.41
C SER C 315 -10.08 18.19 11.29
N ILE C 316 -9.03 17.40 11.13
CA ILE C 316 -7.67 17.92 11.13
C ILE C 316 -7.41 18.80 9.91
N THR C 317 -8.11 18.54 8.81
CA THR C 317 -8.01 19.42 7.66
C THR C 317 -8.73 20.74 7.91
N ALA C 318 -9.93 20.68 8.49
CA ALA C 318 -10.71 21.90 8.72
C ALA C 318 -10.11 22.77 9.82
N CYS C 319 -9.18 22.23 10.60
CA CYS C 319 -8.46 23.06 11.55
C CYS C 319 -7.55 24.05 10.85
N ARG C 320 -6.80 23.58 9.85
CA ARG C 320 -5.82 24.45 9.21
C ARG C 320 -6.45 25.52 8.36
N ILE C 321 -7.61 25.26 7.75
CA ILE C 321 -8.24 26.31 6.97
C ILE C 321 -8.85 27.35 7.90
N ASP C 322 -9.44 26.91 9.01
CA ASP C 322 -9.98 27.84 9.98
C ASP C 322 -8.88 28.63 10.66
N CYS C 323 -7.71 28.02 10.82
CA CYS C 323 -6.53 28.75 11.25
C CYS C 323 -6.15 29.85 10.26
N GLU C 324 -5.98 29.48 8.99
CA GLU C 324 -5.45 30.44 8.03
C GLU C 324 -6.48 31.49 7.65
N THR C 325 -7.75 31.27 7.99
CA THR C 325 -8.70 32.35 7.82
C THR C 325 -8.61 33.34 8.96
N ARG C 326 -8.54 32.83 10.19
CA ARG C 326 -8.55 33.70 11.34
C ARG C 326 -7.25 34.45 11.48
N TYR C 327 -6.17 33.93 10.91
CA TYR C 327 -4.91 34.64 10.95
C TYR C 327 -4.92 35.80 9.96
N LEU C 328 -5.47 35.59 8.78
CA LEU C 328 -5.39 36.62 7.75
C LEU C 328 -6.37 37.76 8.02
N VAL C 329 -7.49 37.46 8.67
CA VAL C 329 -8.41 38.54 9.01
C VAL C 329 -7.85 39.41 10.12
N GLU C 330 -6.89 38.90 10.90
CA GLU C 330 -6.22 39.71 11.90
C GLU C 330 -5.04 40.49 11.34
N ASN C 331 -4.87 40.51 10.02
CA ASN C 331 -3.75 41.25 9.44
C ASN C 331 -4.20 42.38 8.53
N CYS C 332 -5.00 42.09 7.50
CA CYS C 332 -5.49 43.21 6.70
C CYS C 332 -6.94 43.05 6.27
N ASN C 333 -7.74 42.28 7.02
CA ASN C 333 -9.18 42.11 6.82
C ASN C 333 -9.54 41.56 5.45
N CYS C 334 -8.63 40.82 4.83
CA CYS C 334 -8.88 40.19 3.55
C CYS C 334 -9.31 38.74 3.78
N ARG C 335 -9.67 38.08 2.70
CA ARG C 335 -9.60 36.63 2.60
C ARG C 335 -9.50 36.26 1.14
N MET C 336 -8.79 35.18 0.84
CA MET C 336 -8.78 34.72 -0.53
C MET C 336 -10.09 34.02 -0.86
N VAL C 337 -10.25 33.66 -2.12
CA VAL C 337 -11.51 33.07 -2.55
C VAL C 337 -11.67 31.65 -2.03
N HIS C 338 -10.58 31.01 -1.59
CA HIS C 338 -10.65 29.68 -1.02
C HIS C 338 -10.65 29.72 0.50
N MET C 339 -11.19 30.78 1.09
CA MET C 339 -11.17 30.96 2.53
C MET C 339 -12.59 31.27 3.00
N PRO C 340 -13.22 30.38 3.75
CA PRO C 340 -14.62 30.61 4.14
C PRO C 340 -14.73 31.59 5.28
N GLY C 341 -15.72 32.47 5.17
CA GLY C 341 -15.89 33.52 6.15
C GLY C 341 -16.94 34.52 5.72
N ASP C 342 -16.82 35.74 6.23
CA ASP C 342 -17.76 36.80 5.92
C ASP C 342 -17.08 38.11 5.53
N ALA C 343 -15.81 38.29 5.89
CA ALA C 343 -15.05 39.45 5.45
C ALA C 343 -14.90 39.43 3.93
N PRO C 344 -14.83 40.60 3.29
CA PRO C 344 -14.89 40.63 1.83
C PRO C 344 -13.64 40.09 1.16
N TYR C 345 -13.84 39.35 0.07
CA TYR C 345 -12.75 39.03 -0.83
C TYR C 345 -12.19 40.32 -1.38
N CYS C 346 -10.93 40.58 -1.12
CA CYS C 346 -10.43 41.93 -1.31
C CYS C 346 -9.84 42.15 -2.69
N THR C 347 -9.61 43.43 -2.98
CA THR C 347 -9.23 43.91 -4.30
C THR C 347 -7.87 43.38 -4.71
N PRO C 348 -7.63 43.23 -6.02
CA PRO C 348 -6.34 42.69 -6.47
C PRO C 348 -5.16 43.57 -6.16
N GLU C 349 -5.32 44.90 -6.19
CA GLU C 349 -4.20 45.77 -5.85
C GLU C 349 -3.90 45.71 -4.36
N GLN C 350 -4.91 45.42 -3.54
CA GLN C 350 -4.69 45.28 -2.11
C GLN C 350 -4.04 43.94 -1.77
N TYR C 351 -4.18 42.94 -2.65
CA TYR C 351 -3.54 41.63 -2.44
C TYR C 351 -2.02 41.75 -2.43
N LYS C 352 -1.47 42.70 -3.20
CA LYS C 352 -0.03 42.73 -3.36
C LYS C 352 0.68 43.33 -2.16
N GLU C 353 0.02 44.23 -1.41
CA GLU C 353 0.65 44.78 -0.22
C GLU C 353 0.56 43.81 0.95
N CYS C 354 -0.65 43.42 1.32
CA CYS C 354 -0.84 42.71 2.58
C CYS C 354 -1.10 41.23 2.43
N ALA C 355 -1.98 40.84 1.50
CA ALA C 355 -2.48 39.47 1.48
C ALA C 355 -1.44 38.50 0.94
N ASP C 356 -0.60 38.96 0.01
CA ASP C 356 0.44 38.07 -0.52
C ASP C 356 1.52 37.74 0.52
N PRO C 357 2.22 38.70 1.15
CA PRO C 357 3.31 38.29 2.04
C PRO C 357 2.86 37.70 3.35
N ALA C 358 1.62 37.97 3.78
CA ALA C 358 1.14 37.41 5.04
C ALA C 358 0.94 35.92 4.94
N LEU C 359 0.58 35.43 3.76
CA LEU C 359 0.49 34.01 3.52
C LEU C 359 1.81 33.41 3.06
N ASP C 360 2.67 34.18 2.39
CA ASP C 360 3.97 33.64 2.06
C ASP C 360 4.92 33.62 3.25
N PHE C 361 4.56 34.28 4.35
CA PHE C 361 5.30 34.02 5.58
C PHE C 361 4.97 32.66 6.14
N LEU C 362 3.76 32.18 5.90
CA LEU C 362 3.32 30.89 6.41
C LEU C 362 4.03 29.72 5.75
N VAL C 363 4.40 29.84 4.48
CA VAL C 363 5.13 28.77 3.81
C VAL C 363 6.63 28.87 4.01
N GLU C 364 7.09 29.75 4.90
CA GLU C 364 8.51 29.96 5.13
C GLU C 364 8.90 29.75 6.59
N LYS C 365 7.93 29.65 7.49
CA LYS C 365 8.21 29.59 8.92
C LYS C 365 8.91 28.31 9.36
N ASP C 366 8.86 27.26 8.54
CA ASP C 366 9.48 25.95 8.79
C ASP C 366 8.92 25.28 10.04
N GLN C 367 7.68 25.64 10.37
CA GLN C 367 6.89 24.93 11.36
C GLN C 367 5.43 25.07 10.97
N GLU C 368 4.62 24.11 11.41
CA GLU C 368 3.19 24.28 11.33
C GLU C 368 2.85 25.36 12.33
N TYR C 369 2.47 26.53 11.82
CA TYR C 369 2.22 27.69 12.67
C TYR C 369 1.03 27.48 13.57
N CYS C 370 -0.03 26.89 13.04
CA CYS C 370 -1.21 26.64 13.85
C CYS C 370 -1.40 25.17 14.07
N VAL C 371 -1.35 24.77 15.33
CA VAL C 371 -1.41 23.39 15.75
C VAL C 371 -2.84 23.07 16.14
N CYS C 372 -3.15 21.77 16.15
CA CYS C 372 -4.39 21.22 16.67
C CYS C 372 -4.19 19.72 16.79
N GLU C 373 -5.26 19.02 17.13
CA GLU C 373 -5.18 17.60 17.37
C GLU C 373 -6.19 16.87 16.49
N MET C 374 -5.93 15.60 16.25
CA MET C 374 -6.81 14.81 15.43
C MET C 374 -8.07 14.46 16.20
N PRO C 375 -9.20 14.32 15.52
CA PRO C 375 -10.39 13.81 16.19
C PRO C 375 -10.31 12.32 16.30
N CYS C 376 -11.28 11.71 16.95
CA CYS C 376 -11.35 10.27 17.08
C CYS C 376 -12.66 9.70 16.55
N ASN C 377 -12.96 10.07 15.32
CA ASN C 377 -13.87 9.35 14.46
C ASN C 377 -13.33 9.31 13.04
N LEU C 378 -12.01 9.22 12.89
CA LEU C 378 -11.37 9.35 11.60
C LEU C 378 -11.65 8.15 10.72
N THR C 379 -12.00 8.41 9.45
CA THR C 379 -12.19 7.38 8.43
C THR C 379 -11.24 7.72 7.28
N ARG C 380 -10.15 6.98 7.16
CA ARG C 380 -9.23 7.20 6.06
C ARG C 380 -9.66 6.37 4.86
N TYR C 381 -8.85 6.36 3.80
CA TYR C 381 -9.16 5.56 2.62
C TYR C 381 -7.83 5.14 1.99
N GLY C 382 -7.49 3.85 2.11
CA GLY C 382 -6.30 3.35 1.49
C GLY C 382 -6.51 3.02 0.03
N LYS C 383 -5.53 3.35 -0.80
CA LYS C 383 -5.67 3.30 -2.24
C LYS C 383 -4.56 2.45 -2.85
N GLU C 384 -4.84 1.92 -4.05
CA GLU C 384 -3.91 1.06 -4.75
C GLU C 384 -4.08 1.25 -6.26
N LEU C 385 -3.22 2.06 -6.87
CA LEU C 385 -3.38 2.44 -8.26
C LEU C 385 -2.99 1.30 -9.19
N SER C 386 -3.22 1.51 -10.49
CA SER C 386 -2.89 0.63 -11.61
C SER C 386 -3.22 1.35 -12.89
N MET C 387 -2.51 1.12 -13.99
CA MET C 387 -2.74 1.93 -15.17
C MET C 387 -2.95 1.08 -16.41
N VAL C 388 -3.84 1.53 -17.29
CA VAL C 388 -4.10 0.88 -18.58
C VAL C 388 -4.20 1.97 -19.63
N LYS C 389 -3.46 1.82 -20.73
CA LYS C 389 -3.41 2.84 -21.78
C LYS C 389 -4.74 2.93 -22.51
N ILE C 390 -5.36 4.11 -22.50
CA ILE C 390 -6.73 4.26 -22.98
C ILE C 390 -6.90 4.37 -24.50
N PRO C 391 -6.28 5.31 -25.25
CA PRO C 391 -6.80 5.53 -26.60
C PRO C 391 -6.26 4.50 -27.57
N SER C 392 -6.93 3.35 -27.64
CA SER C 392 -6.45 2.20 -28.38
C SER C 392 -6.40 2.49 -29.87
N LYS C 393 -5.60 1.69 -30.59
CA LYS C 393 -5.51 1.88 -32.03
C LYS C 393 -6.77 1.40 -32.72
N ALA C 394 -7.56 0.55 -32.06
CA ALA C 394 -8.89 0.24 -32.58
C ALA C 394 -9.87 1.35 -32.25
N SER C 395 -9.68 2.03 -31.12
CA SER C 395 -10.64 2.99 -30.61
C SER C 395 -10.23 4.43 -30.84
N ALA C 396 -9.31 4.68 -31.77
CA ALA C 396 -8.86 6.05 -31.98
C ALA C 396 -9.89 6.83 -32.78
N LYS C 397 -10.31 6.30 -33.92
CA LYS C 397 -11.14 7.05 -34.85
C LYS C 397 -12.60 7.13 -34.43
N TYR C 398 -12.99 6.46 -33.35
CA TYR C 398 -14.36 6.63 -32.88
C TYR C 398 -14.47 7.81 -31.92
N LEU C 399 -13.50 7.96 -31.02
CA LEU C 399 -13.56 9.05 -30.06
C LEU C 399 -13.30 10.40 -30.71
N ALA C 400 -12.50 10.43 -31.78
CA ALA C 400 -12.29 11.68 -32.49
C ALA C 400 -13.52 12.08 -33.28
N LYS C 401 -14.29 11.11 -33.75
CA LYS C 401 -15.50 11.42 -34.49
C LYS C 401 -16.63 11.81 -33.55
N LYS C 402 -16.72 11.14 -32.40
CA LYS C 402 -17.87 11.35 -31.53
C LYS C 402 -17.79 12.68 -30.80
N PHE C 403 -16.67 12.97 -30.15
CA PHE C 403 -16.51 14.21 -29.42
C PHE C 403 -16.03 15.35 -30.29
N ASN C 404 -15.97 15.13 -31.62
CA ASN C 404 -15.70 16.16 -32.62
C ASN C 404 -14.34 16.81 -32.41
N LYS C 405 -13.30 15.99 -32.32
CA LYS C 405 -11.97 16.47 -32.01
C LYS C 405 -10.97 15.79 -32.93
N SER C 406 -9.71 16.24 -32.85
CA SER C 406 -8.67 15.74 -33.73
C SER C 406 -8.24 14.34 -33.30
N GLU C 407 -7.26 13.79 -34.01
CA GLU C 407 -6.77 12.47 -33.62
C GLU C 407 -5.69 12.58 -32.55
N GLN C 408 -4.73 13.48 -32.75
CA GLN C 408 -3.65 13.65 -31.78
C GLN C 408 -4.13 14.36 -30.53
N TYR C 409 -5.27 15.05 -30.60
CA TYR C 409 -5.89 15.62 -29.41
C TYR C 409 -6.41 14.54 -28.48
N ILE C 410 -6.71 13.35 -29.01
CA ILE C 410 -7.26 12.29 -28.17
C ILE C 410 -6.18 11.73 -27.24
N GLY C 411 -5.04 11.38 -27.79
CA GLY C 411 -4.00 10.72 -27.01
C GLY C 411 -3.29 11.59 -26.01
N GLU C 412 -3.63 12.87 -25.93
CA GLU C 412 -3.02 13.76 -24.96
C GLU C 412 -3.99 14.25 -23.90
N ASN C 413 -5.26 14.42 -24.23
CA ASN C 413 -6.18 15.11 -23.33
C ASN C 413 -7.38 14.26 -22.97
N ILE C 414 -7.21 12.96 -22.78
CA ILE C 414 -8.31 12.12 -22.33
C ILE C 414 -7.86 11.32 -21.14
N LEU C 415 -8.62 11.39 -20.07
CA LEU C 415 -8.33 10.72 -18.82
C LEU C 415 -9.57 9.98 -18.40
N VAL C 416 -9.39 8.77 -17.87
CA VAL C 416 -10.52 7.98 -17.40
C VAL C 416 -10.22 7.55 -15.98
N LEU C 417 -10.81 8.25 -15.01
CA LEU C 417 -10.76 7.75 -13.66
C LEU C 417 -11.70 6.57 -13.54
N ASP C 418 -11.47 5.74 -12.53
CA ASP C 418 -12.35 4.61 -12.25
C ASP C 418 -12.16 4.20 -10.81
N ILE C 419 -13.04 4.63 -9.92
CA ILE C 419 -12.87 4.42 -8.48
C ILE C 419 -13.91 3.45 -8.01
N PHE C 420 -13.50 2.42 -7.28
CA PHE C 420 -14.45 1.43 -6.81
C PHE C 420 -13.93 0.74 -5.57
N PHE C 421 -14.86 0.30 -4.74
CA PHE C 421 -14.51 -0.54 -3.61
C PHE C 421 -14.07 -1.90 -4.11
N GLU C 422 -13.10 -2.50 -3.42
CA GLU C 422 -12.58 -3.79 -3.88
C GLU C 422 -13.36 -4.93 -3.27
N VAL C 423 -13.32 -5.04 -1.95
CA VAL C 423 -14.18 -5.96 -1.22
C VAL C 423 -14.86 -5.18 -0.13
N LEU C 424 -16.14 -5.48 0.12
CA LEU C 424 -16.97 -4.67 1.02
C LEU C 424 -16.54 -4.94 2.45
N ASN C 425 -15.42 -4.35 2.82
CA ASN C 425 -14.82 -4.62 4.11
C ASN C 425 -14.72 -3.33 4.90
N TYR C 426 -14.14 -3.47 6.09
CA TYR C 426 -14.25 -2.46 7.11
C TYR C 426 -13.09 -2.76 8.05
N GLU C 427 -12.01 -2.05 7.93
CA GLU C 427 -10.82 -2.37 8.69
C GLU C 427 -10.70 -1.39 9.84
N THR C 428 -11.25 -1.75 10.99
CA THR C 428 -11.33 -0.83 12.11
C THR C 428 -10.13 -1.03 13.04
N ILE C 429 -9.48 0.07 13.39
CA ILE C 429 -8.30 0.05 14.26
C ILE C 429 -8.60 1.01 15.41
N GLU C 430 -8.90 0.46 16.58
CA GLU C 430 -9.28 1.28 17.73
C GLU C 430 -8.32 1.07 18.88
N GLN C 431 -8.26 2.09 19.74
CA GLN C 431 -7.42 2.08 20.93
C GLN C 431 -8.30 1.81 22.13
N LYS C 432 -7.87 0.89 22.99
CA LYS C 432 -8.59 0.56 24.21
C LYS C 432 -7.63 0.67 25.37
N LYS C 433 -8.09 1.28 26.46
CA LYS C 433 -7.26 1.42 27.66
C LYS C 433 -7.05 0.06 28.30
N ALA C 434 -5.79 -0.27 28.60
CA ALA C 434 -5.41 -1.64 28.92
C ALA C 434 -5.35 -1.94 30.41
N TYR C 435 -5.32 -0.92 31.27
CA TYR C 435 -5.36 -1.13 32.72
C TYR C 435 -6.32 -0.11 33.32
N GLU C 436 -7.57 -0.49 33.40
CA GLU C 436 -8.66 0.32 33.94
C GLU C 436 -8.59 0.33 35.46
N ILE C 437 -9.53 1.07 36.07
CA ILE C 437 -9.57 1.11 37.53
C ILE C 437 -10.12 -0.19 38.09
N ALA C 438 -11.04 -0.83 37.37
CA ALA C 438 -11.65 -2.06 37.86
C ALA C 438 -10.74 -3.26 37.74
N GLY C 439 -9.59 -3.13 37.09
CA GLY C 439 -8.63 -4.20 37.05
C GLY C 439 -7.55 -3.98 38.07
N LEU C 440 -7.57 -2.82 38.72
CA LEU C 440 -6.56 -2.51 39.72
C LEU C 440 -6.78 -3.31 40.99
N LEU C 441 -7.99 -3.24 41.55
CA LEU C 441 -8.31 -4.01 42.74
C LEU C 441 -8.39 -5.49 42.45
N GLY C 442 -8.75 -5.85 41.21
CA GLY C 442 -8.70 -7.24 40.81
C GLY C 442 -7.31 -7.81 40.75
N ASP C 443 -6.31 -6.97 40.50
CA ASP C 443 -4.92 -7.42 40.47
C ASP C 443 -4.17 -6.98 41.71
N ILE C 444 -4.79 -6.21 42.59
CA ILE C 444 -4.19 -5.97 43.91
C ILE C 444 -4.44 -7.16 44.82
N GLY C 445 -5.36 -8.05 44.46
CA GLY C 445 -5.73 -9.17 45.31
C GLY C 445 -5.12 -10.49 44.93
N GLY C 446 -4.35 -10.54 43.84
CA GLY C 446 -3.66 -11.77 43.51
C GLY C 446 -2.49 -12.04 44.43
N GLN C 447 -1.82 -10.98 44.88
CA GLN C 447 -0.63 -11.17 45.70
C GLN C 447 -0.97 -11.26 47.18
N MET C 448 -1.94 -10.46 47.65
CA MET C 448 -2.32 -10.56 49.06
C MET C 448 -3.15 -11.80 49.32
N GLY C 449 -3.74 -12.38 48.28
CA GLY C 449 -4.25 -13.72 48.39
C GLY C 449 -3.18 -14.78 48.34
N LEU C 450 -1.97 -14.41 47.95
CA LEU C 450 -0.83 -15.33 47.91
C LEU C 450 0.20 -15.06 49.00
N PHE C 451 0.58 -13.81 49.21
CA PHE C 451 1.62 -13.49 50.19
C PHE C 451 1.14 -13.71 51.62
N ILE C 452 0.10 -13.01 52.03
CA ILE C 452 -0.29 -12.96 53.43
C ILE C 452 -1.56 -13.77 53.65
N GLY C 453 -2.36 -13.92 52.60
CA GLY C 453 -3.64 -14.59 52.69
C GLY C 453 -4.78 -13.71 53.12
N ALA C 454 -4.48 -12.50 53.59
CA ALA C 454 -5.51 -11.66 54.20
C ALA C 454 -6.41 -11.06 53.13
N SER C 455 -7.70 -11.30 53.27
CA SER C 455 -8.69 -10.58 52.49
C SER C 455 -8.88 -9.17 53.04
N ILE C 456 -9.71 -8.39 52.36
CA ILE C 456 -10.03 -7.06 52.90
C ILE C 456 -11.10 -7.16 53.97
N LEU C 457 -11.81 -8.29 54.05
CA LEU C 457 -12.73 -8.51 55.16
C LEU C 457 -11.96 -8.65 56.47
N THR C 458 -10.76 -9.23 56.41
CA THR C 458 -9.88 -9.27 57.58
C THR C 458 -9.40 -7.87 57.94
N VAL C 459 -9.42 -6.95 56.98
CA VAL C 459 -9.23 -5.54 57.26
C VAL C 459 -10.58 -4.86 57.56
N LEU C 460 -11.67 -5.34 56.97
CA LEU C 460 -12.98 -4.77 57.29
C LEU C 460 -13.45 -5.13 58.70
N GLU C 461 -13.16 -6.35 59.16
CA GLU C 461 -13.41 -6.72 60.54
C GLU C 461 -12.33 -6.23 61.48
N LEU C 462 -11.24 -5.68 60.95
CA LEU C 462 -10.21 -5.06 61.77
C LEU C 462 -10.67 -3.71 62.30
N PHE C 463 -11.65 -3.09 61.65
CA PHE C 463 -12.35 -1.95 62.24
C PHE C 463 -13.15 -2.39 63.46
N ASP C 464 -13.82 -3.54 63.38
CA ASP C 464 -14.54 -4.08 64.53
C ASP C 464 -13.58 -4.63 65.58
N TYR C 465 -12.33 -4.92 65.22
CA TYR C 465 -11.30 -5.22 66.21
C TYR C 465 -10.91 -3.98 67.00
N ALA C 466 -10.99 -2.80 66.37
CA ALA C 466 -10.54 -1.57 67.01
C ALA C 466 -11.49 -1.08 68.09
N TYR C 467 -12.72 -1.61 68.15
CA TYR C 467 -13.65 -1.23 69.21
C TYR C 467 -13.18 -1.72 70.58
N GLU C 468 -12.44 -2.82 70.61
CA GLU C 468 -11.94 -3.37 71.87
C GLU C 468 -10.56 -2.84 72.22
N VAL C 469 -10.03 -1.88 71.45
CA VAL C 469 -8.70 -1.34 71.69
C VAL C 469 -8.75 0.10 72.18
N ILE C 470 -9.69 0.91 71.73
CA ILE C 470 -9.77 2.32 72.11
C ILE C 470 -10.85 2.54 73.17
N LYS C 471 -11.85 1.66 73.23
CA LYS C 471 -12.94 1.84 74.19
C LYS C 471 -12.69 1.05 75.46
N HIS C 472 -12.46 -0.25 75.34
CA HIS C 472 -12.35 -1.11 76.51
C HIS C 472 -10.95 -1.15 77.10
N LYS C 473 -9.91 -1.03 76.28
CA LYS C 473 -8.54 -1.22 76.76
C LYS C 473 -8.02 0.01 77.52
N LEU C 474 -8.08 1.18 76.89
CA LEU C 474 -7.56 2.39 77.51
C LEU C 474 -8.46 2.89 78.63
N LEU D 1 -29.64 -16.93 10.76
CA LEU D 1 -30.58 -17.35 9.72
C LEU D 1 -29.80 -18.15 8.70
N LYS D 2 -30.25 -19.36 8.40
CA LYS D 2 -29.48 -20.31 7.61
C LYS D 2 -30.33 -20.91 6.51
N CYS D 3 -31.03 -20.09 5.74
CA CYS D 3 -31.95 -20.67 4.77
C CYS D 3 -31.24 -20.98 3.45
N TYR D 4 -31.96 -21.64 2.55
CA TYR D 4 -31.39 -22.37 1.44
C TYR D 4 -31.09 -21.47 0.24
N GLN D 5 -30.21 -21.96 -0.63
CA GLN D 5 -29.87 -21.32 -1.91
C GLN D 5 -29.69 -22.45 -2.93
N HIS D 6 -30.77 -22.78 -3.65
CA HIS D 6 -30.79 -23.75 -4.75
C HIS D 6 -30.33 -25.14 -4.33
N GLY D 7 -30.52 -25.50 -3.07
CA GLY D 7 -30.08 -26.79 -2.58
C GLY D 7 -28.84 -26.78 -1.74
N LYS D 8 -28.45 -25.63 -1.20
CA LYS D 8 -27.31 -25.54 -0.29
C LYS D 8 -27.68 -24.63 0.87
N VAL D 9 -27.44 -25.10 2.07
CA VAL D 9 -27.70 -24.33 3.28
C VAL D 9 -26.61 -23.28 3.43
N VAL D 10 -27.00 -22.03 3.70
CA VAL D 10 -26.00 -20.97 3.73
C VAL D 10 -26.44 -19.93 4.75
N THR D 11 -25.55 -19.58 5.66
CA THR D 11 -25.92 -18.59 6.66
C THR D 11 -25.87 -17.20 6.06
N CYS D 12 -26.69 -16.32 6.60
CA CYS D 12 -26.74 -14.96 6.12
C CYS D 12 -25.78 -14.10 6.94
N HIS D 13 -25.70 -12.84 6.56
CA HIS D 13 -24.97 -11.88 7.35
C HIS D 13 -25.80 -11.48 8.56
N ARG D 14 -25.13 -11.17 9.68
CA ARG D 14 -25.83 -10.93 10.95
C ARG D 14 -26.60 -9.62 10.96
N ASP D 15 -26.36 -8.76 9.98
CA ASP D 15 -27.17 -7.57 9.79
C ASP D 15 -28.42 -7.86 8.99
N MET D 16 -28.50 -9.01 8.33
CA MET D 16 -29.55 -9.26 7.36
C MET D 16 -30.70 -10.01 7.99
N LYS D 17 -31.92 -9.57 7.68
CA LYS D 17 -33.16 -10.12 8.21
C LYS D 17 -33.66 -11.28 7.35
N PHE D 18 -34.95 -11.57 7.48
CA PHE D 18 -35.70 -12.67 6.87
C PHE D 18 -35.37 -12.94 5.40
N CYS D 19 -35.37 -14.20 5.01
CA CYS D 19 -35.10 -14.55 3.63
C CYS D 19 -36.39 -14.94 2.93
N TYR D 20 -36.29 -15.31 1.67
CA TYR D 20 -37.48 -15.36 0.84
C TYR D 20 -37.30 -16.32 -0.32
N HIS D 21 -38.37 -16.47 -1.08
CA HIS D 21 -38.46 -17.35 -2.23
C HIS D 21 -39.40 -16.71 -3.23
N ASN D 22 -39.13 -16.92 -4.51
CA ASN D 22 -39.91 -16.24 -5.54
C ASN D 22 -39.80 -17.00 -6.86
N THR D 23 -40.94 -17.46 -7.36
CA THR D 23 -41.04 -17.89 -8.75
C THR D 23 -41.71 -16.79 -9.58
N GLY D 24 -41.05 -15.63 -9.59
CA GLY D 24 -41.64 -14.47 -10.23
C GLY D 24 -40.61 -13.44 -10.65
N MET D 25 -40.93 -12.14 -10.44
CA MET D 25 -40.14 -10.97 -10.80
C MET D 25 -39.75 -11.02 -12.28
N PRO D 26 -40.69 -10.73 -13.19
CA PRO D 26 -40.48 -11.04 -14.61
C PRO D 26 -39.34 -10.30 -15.29
N PHE D 27 -39.37 -8.95 -15.22
CA PHE D 27 -38.27 -8.03 -15.50
C PHE D 27 -37.88 -7.94 -16.98
N ARG D 28 -38.25 -8.92 -17.78
CA ARG D 28 -37.95 -8.99 -19.20
C ARG D 28 -39.06 -9.80 -19.83
N ASN D 29 -38.80 -10.35 -21.02
CA ASN D 29 -39.69 -11.36 -21.59
C ASN D 29 -39.44 -12.74 -21.00
N LEU D 30 -39.58 -12.87 -19.67
CA LEU D 30 -39.18 -14.08 -18.96
C LEU D 30 -39.85 -14.11 -17.61
N LYS D 31 -39.78 -15.24 -16.90
CA LYS D 31 -40.38 -15.38 -15.57
C LYS D 31 -39.30 -16.01 -14.69
N LEU D 32 -38.67 -15.20 -13.86
CA LEU D 32 -37.46 -15.64 -13.16
C LEU D 32 -37.79 -16.54 -11.99
N ILE D 33 -36.74 -17.15 -11.46
CA ILE D 33 -36.83 -18.00 -10.27
C ILE D 33 -35.72 -17.54 -9.33
N LEU D 34 -36.12 -16.93 -8.23
CA LEU D 34 -35.15 -16.35 -7.31
C LEU D 34 -35.32 -16.97 -5.93
N GLN D 35 -34.21 -16.99 -5.19
CA GLN D 35 -34.21 -17.48 -3.82
C GLN D 35 -32.92 -17.02 -3.16
N GLY D 36 -33.05 -16.35 -2.03
CA GLY D 36 -31.86 -15.93 -1.31
C GLY D 36 -32.21 -15.15 -0.06
N CYS D 37 -31.18 -14.57 0.54
CA CYS D 37 -31.34 -13.75 1.72
C CYS D 37 -31.79 -12.35 1.31
N SER D 38 -32.40 -11.64 2.26
CA SER D 38 -32.95 -10.32 1.95
C SER D 38 -33.08 -9.51 3.22
N SER D 39 -33.49 -8.25 3.04
CA SER D 39 -33.75 -7.33 4.14
C SER D 39 -35.05 -6.56 3.99
N SER D 40 -35.77 -6.72 2.89
CA SER D 40 -37.03 -6.01 2.69
C SER D 40 -38.00 -6.90 1.93
N CYS D 41 -39.18 -7.13 2.50
CA CYS D 41 -40.20 -7.92 1.85
C CYS D 41 -41.13 -7.04 1.02
N SER D 42 -41.61 -7.61 -0.08
CA SER D 42 -42.58 -6.98 -0.97
C SER D 42 -43.65 -8.00 -1.39
N GLU D 43 -44.26 -8.67 -0.40
CA GLU D 43 -45.16 -9.78 -0.66
C GLU D 43 -46.44 -9.34 -1.37
N THR D 44 -46.51 -9.61 -2.66
CA THR D 44 -47.72 -9.39 -3.45
C THR D 44 -48.36 -10.69 -3.90
N GLU D 45 -47.59 -11.56 -4.56
CA GLU D 45 -48.15 -12.78 -5.13
C GLU D 45 -47.47 -14.03 -4.61
N ASN D 46 -46.14 -14.06 -4.57
CA ASN D 46 -45.44 -15.26 -4.12
C ASN D 46 -44.22 -15.00 -3.26
N ASN D 47 -43.96 -13.76 -2.86
CA ASN D 47 -42.74 -13.44 -2.12
C ASN D 47 -42.91 -13.91 -0.67
N LYS D 48 -42.56 -15.17 -0.42
CA LYS D 48 -42.74 -15.75 0.90
C LYS D 48 -41.69 -15.24 1.87
N CYS D 49 -41.89 -14.02 2.38
CA CYS D 49 -40.92 -13.45 3.30
C CYS D 49 -41.12 -13.97 4.72
N CYS D 50 -40.74 -15.23 4.90
CA CYS D 50 -40.85 -15.93 6.17
C CYS D 50 -39.55 -15.77 6.94
N SER D 51 -39.65 -15.38 8.20
CA SER D 51 -38.46 -15.15 9.02
C SER D 51 -38.01 -16.38 9.79
N THR D 52 -38.42 -17.58 9.38
CA THR D 52 -37.97 -18.79 10.04
C THR D 52 -36.82 -19.43 9.27
N ASP D 53 -36.02 -20.20 10.00
CA ASP D 53 -34.86 -20.86 9.43
C ASP D 53 -35.31 -21.99 8.51
N ARG D 54 -34.55 -22.18 7.43
CA ARG D 54 -34.75 -23.25 6.44
C ARG D 54 -36.15 -23.23 5.83
N CYS D 55 -36.69 -22.03 5.66
CA CYS D 55 -38.07 -21.89 5.24
C CYS D 55 -38.23 -22.12 3.74
N ASN D 56 -37.27 -21.66 2.95
CA ASN D 56 -37.35 -21.79 1.49
C ASN D 56 -37.08 -23.24 1.10
N LYS D 57 -38.12 -23.95 0.70
CA LYS D 57 -38.00 -25.35 0.32
C LYS D 57 -38.47 -25.55 -1.11
N LEU E 1 21.76 -23.36 16.29
CA LEU E 1 22.98 -23.69 15.59
C LEU E 1 23.68 -22.40 15.22
N LYS E 2 24.93 -22.25 15.60
CA LYS E 2 25.63 -20.98 15.52
C LYS E 2 27.00 -21.16 14.87
N CYS E 3 27.07 -21.83 13.73
CA CYS E 3 28.39 -22.13 13.18
C CYS E 3 28.87 -20.97 12.30
N TYR E 4 30.12 -21.08 11.86
CA TYR E 4 30.90 -19.96 11.37
C TYR E 4 30.62 -19.67 9.90
N GLN E 5 30.97 -18.44 9.50
CA GLN E 5 30.91 -17.99 8.09
C GLN E 5 32.12 -17.09 7.86
N HIS E 6 33.21 -17.69 7.38
CA HIS E 6 34.45 -17.00 6.99
C HIS E 6 35.09 -16.20 8.13
N GLY E 7 34.88 -16.63 9.38
CA GLY E 7 35.41 -15.91 10.51
C GLY E 7 34.42 -15.10 11.28
N LYS E 8 33.12 -15.35 11.13
CA LYS E 8 32.10 -14.68 11.91
C LYS E 8 31.07 -15.71 12.36
N VAL E 9 30.76 -15.69 13.64
CA VAL E 9 29.75 -16.57 14.21
C VAL E 9 28.37 -16.07 13.83
N VAL E 10 27.50 -16.95 13.35
CA VAL E 10 26.22 -16.48 12.85
C VAL E 10 25.18 -17.56 13.10
N THR E 11 24.07 -17.20 13.74
CA THR E 11 23.06 -18.21 14.01
C THR E 11 22.27 -18.50 12.75
N CYS E 12 21.77 -19.71 12.66
CA CYS E 12 20.98 -20.12 11.52
C CYS E 12 19.51 -19.85 11.78
N HIS E 13 18.69 -20.14 10.79
CA HIS E 13 17.26 -20.10 10.97
C HIS E 13 16.82 -21.36 11.71
N ARG E 14 15.74 -21.23 12.52
CA ARG E 14 15.33 -22.32 13.40
C ARG E 14 14.72 -23.49 12.64
N ASP E 15 14.40 -23.29 11.37
CA ASP E 15 13.98 -24.39 10.52
C ASP E 15 15.17 -25.13 9.92
N MET E 16 16.36 -24.56 9.99
CA MET E 16 17.51 -25.08 9.25
C MET E 16 18.33 -26.00 10.12
N LYS E 17 18.72 -27.14 9.54
CA LYS E 17 19.50 -28.18 10.21
C LYS E 17 20.99 -27.92 10.09
N PHE E 18 21.78 -28.99 10.28
CA PHE E 18 23.24 -29.03 10.32
C PHE E 18 23.94 -28.19 9.27
N CYS E 19 25.08 -27.60 9.63
CA CYS E 19 25.82 -26.80 8.68
C CYS E 19 27.05 -27.57 8.23
N TYR E 20 27.87 -26.94 7.39
CA TYR E 20 28.85 -27.71 6.65
C TYR E 20 30.01 -26.83 6.21
N HIS E 21 30.99 -27.47 5.59
CA HIS E 21 32.21 -26.87 5.11
C HIS E 21 32.64 -27.62 3.87
N ASN E 22 33.25 -26.91 2.93
CA ASN E 22 33.58 -27.52 1.65
C ASN E 22 34.70 -26.74 0.97
N THR E 23 35.82 -27.41 0.73
CA THR E 23 36.82 -26.90 -0.20
C THR E 23 36.69 -27.64 -1.53
N GLY E 24 35.51 -27.50 -2.14
CA GLY E 24 35.22 -28.24 -3.35
C GLY E 24 34.13 -27.60 -4.20
N MET E 25 33.23 -28.43 -4.74
CA MET E 25 32.13 -28.06 -5.64
C MET E 25 32.66 -27.24 -6.82
N PRO E 26 33.31 -27.89 -7.80
CA PRO E 26 34.09 -27.15 -8.81
C PRO E 26 33.28 -26.22 -9.71
N PHE E 27 32.27 -26.77 -10.39
CA PHE E 27 31.17 -26.06 -11.05
C PHE E 27 31.57 -25.30 -12.31
N ARG E 28 32.86 -25.01 -12.47
CA ARG E 28 33.41 -24.27 -13.60
C ARG E 28 34.84 -24.75 -13.76
N ASN E 29 35.67 -23.94 -14.41
CA ASN E 29 37.11 -24.17 -14.41
C ASN E 29 37.75 -23.61 -13.14
N LEU E 30 37.31 -24.10 -11.97
CA LEU E 30 37.71 -23.52 -10.69
C LEU E 30 37.43 -24.53 -9.58
N LYS E 31 37.93 -24.25 -8.37
CA LYS E 31 37.72 -25.14 -7.22
C LYS E 31 37.28 -24.24 -6.07
N LEU E 32 35.97 -24.25 -5.78
CA LEU E 32 35.41 -23.24 -4.90
C LEU E 32 35.72 -23.56 -3.43
N ILE E 33 35.43 -22.57 -2.59
CA ILE E 33 35.57 -22.71 -1.14
C ILE E 33 34.26 -22.21 -0.54
N LEU E 34 33.49 -23.11 0.03
CA LEU E 34 32.18 -22.77 0.54
C LEU E 34 32.10 -23.12 2.01
N GLN E 35 31.24 -22.38 2.71
CA GLN E 35 30.99 -22.61 4.12
C GLN E 35 29.72 -21.87 4.49
N GLY E 36 28.77 -22.57 5.08
CA GLY E 36 27.54 -21.92 5.52
C GLY E 36 26.57 -22.91 6.11
N CYS E 37 25.36 -22.41 6.36
CA CYS E 37 24.29 -23.23 6.89
C CYS E 37 23.65 -24.01 5.76
N SER E 38 22.98 -25.11 6.12
CA SER E 38 22.39 -25.97 5.10
C SER E 38 21.26 -26.79 5.71
N SER E 39 20.60 -27.56 4.85
CA SER E 39 19.54 -28.47 5.25
C SER E 39 19.66 -29.85 4.62
N SER E 40 20.62 -30.09 3.74
CA SER E 40 20.79 -31.39 3.11
C SER E 40 22.27 -31.66 2.90
N CYS E 41 22.75 -32.78 3.42
CA CYS E 41 24.13 -33.18 3.24
C CYS E 41 24.29 -34.07 2.02
N SER E 42 25.45 -33.94 1.38
CA SER E 42 25.85 -34.74 0.24
C SER E 42 27.31 -35.16 0.37
N GLU E 43 27.66 -35.75 1.52
CA GLU E 43 29.05 -36.04 1.85
C GLU E 43 29.66 -37.10 0.95
N THR E 44 30.48 -36.67 0.00
CA THR E 44 31.25 -37.56 -0.85
C THR E 44 32.74 -37.49 -0.55
N GLU E 45 33.33 -36.30 -0.59
CA GLU E 45 34.77 -36.15 -0.42
C GLU E 45 35.15 -35.25 0.74
N ASN E 46 34.51 -34.08 0.88
CA ASN E 46 34.87 -33.17 1.96
C ASN E 46 33.68 -32.46 2.61
N ASN E 47 32.45 -32.83 2.29
CA ASN E 47 31.28 -32.11 2.80
C ASN E 47 31.06 -32.53 4.25
N LYS E 48 31.73 -31.83 5.17
CA LYS E 48 31.65 -32.19 6.58
C LYS E 48 30.32 -31.76 7.18
N CYS E 49 29.26 -32.54 6.92
CA CYS E 49 27.95 -32.20 7.44
C CYS E 49 27.80 -32.61 8.90
N CYS E 50 28.48 -31.87 9.76
CA CYS E 50 28.48 -32.10 11.20
C CYS E 50 27.39 -31.26 11.84
N SER E 51 26.56 -31.89 12.67
CA SER E 51 25.45 -31.19 13.30
C SER E 51 25.81 -30.57 14.64
N THR E 52 27.09 -30.36 14.93
CA THR E 52 27.48 -29.72 16.17
C THR E 52 27.75 -28.24 15.96
N ASP E 53 27.60 -27.48 17.03
CA ASP E 53 27.81 -26.04 16.99
C ASP E 53 29.28 -25.73 16.81
N ARG E 54 29.55 -24.66 16.06
CA ARG E 54 30.91 -24.12 15.82
C ARG E 54 31.83 -25.17 15.20
N CYS E 55 31.27 -26.03 14.37
CA CYS E 55 32.03 -27.16 13.85
C CYS E 55 32.96 -26.74 12.72
N ASN E 56 32.51 -25.84 11.86
CA ASN E 56 33.32 -25.41 10.72
C ASN E 56 34.44 -24.51 11.19
N LYS E 57 35.66 -25.03 11.18
CA LYS E 57 36.82 -24.28 11.64
C LYS E 57 37.85 -24.17 10.53
N LEU F 1 -0.36 22.41 28.01
CA LEU F 1 -0.36 23.83 27.68
C LEU F 1 -1.49 24.09 26.71
N LYS F 2 -2.37 25.03 27.04
CA LYS F 2 -3.61 25.22 26.30
C LYS F 2 -3.83 26.68 25.96
N CYS F 3 -2.82 27.35 25.40
CA CYS F 3 -2.96 28.78 25.19
C CYS F 3 -3.64 29.07 23.86
N TYR F 4 -3.95 30.34 23.64
CA TYR F 4 -4.92 30.78 22.65
C TYR F 4 -4.33 30.90 21.26
N GLN F 5 -5.22 30.89 20.26
CA GLN F 5 -4.88 31.11 18.86
C GLN F 5 -6.02 31.93 18.24
N HIS F 6 -5.85 33.26 18.26
CA HIS F 6 -6.78 34.22 17.64
C HIS F 6 -8.20 34.14 18.19
N GLY F 7 -8.36 33.72 19.43
CA GLY F 7 -9.68 33.57 20.01
C GLY F 7 -10.19 32.17 20.12
N LYS F 8 -9.31 31.16 20.05
CA LYS F 8 -9.70 29.77 20.25
C LYS F 8 -8.65 29.09 21.12
N VAL F 9 -9.11 28.42 22.15
CA VAL F 9 -8.24 27.67 23.05
C VAL F 9 -7.80 26.39 22.35
N VAL F 10 -6.50 26.10 22.39
CA VAL F 10 -6.01 24.96 21.62
C VAL F 10 -4.83 24.35 22.37
N THR F 11 -4.88 23.04 22.62
CA THR F 11 -3.77 22.43 23.32
C THR F 11 -2.59 22.23 22.39
N CYS F 12 -1.41 22.25 22.97
CA CYS F 12 -0.20 22.07 22.19
C CYS F 12 0.16 20.59 22.16
N HIS F 13 1.23 20.29 21.44
CA HIS F 13 1.80 18.96 21.48
C HIS F 13 2.59 18.79 22.76
N ARG F 14 2.63 17.55 23.28
CA ARG F 14 3.23 17.29 24.60
C ARG F 14 4.75 17.41 24.57
N ASP F 15 5.35 17.46 23.39
CA ASP F 15 6.76 17.76 23.26
C ASP F 15 7.03 19.26 23.27
N MET F 16 6.02 20.08 23.09
CA MET F 16 6.20 21.50 22.85
C MET F 16 6.10 22.28 24.14
N LYS F 17 7.04 23.22 24.32
CA LYS F 17 7.14 24.06 25.50
C LYS F 17 6.30 25.32 25.36
N PHE F 18 6.64 26.33 26.17
CA PHE F 18 5.98 27.62 26.33
C PHE F 18 5.50 28.28 25.04
N CYS F 19 4.35 28.94 25.09
CA CYS F 19 3.84 29.61 23.90
C CYS F 19 4.04 31.11 24.04
N TYR F 20 3.59 31.87 23.05
CA TYR F 20 4.05 33.24 22.94
C TYR F 20 3.04 34.07 22.17
N HIS F 21 3.36 35.36 22.08
CA HIS F 21 2.54 36.37 21.44
C HIS F 21 3.49 37.41 20.85
N ASN F 22 3.11 37.99 19.71
CA ASN F 22 4.02 38.90 19.02
C ASN F 22 3.21 39.81 18.11
N THR F 23 3.29 41.12 18.35
CA THR F 23 2.87 42.11 17.37
C THR F 23 4.11 42.68 16.67
N GLY F 24 4.84 41.78 16.01
CA GLY F 24 6.10 42.16 15.39
C GLY F 24 6.53 41.26 14.27
N MET F 25 7.84 40.92 14.22
CA MET F 25 8.49 40.11 13.19
C MET F 25 8.18 40.65 11.80
N PRO F 26 8.82 41.75 11.39
CA PRO F 26 8.36 42.49 10.19
C PRO F 26 8.46 41.74 8.88
N PHE F 27 9.66 41.25 8.56
CA PHE F 27 9.96 40.24 7.54
C PHE F 27 9.79 40.72 6.09
N ARG F 28 9.04 41.80 5.90
CA ARG F 28 8.76 42.37 4.59
C ARG F 28 8.51 43.85 4.82
N ASN F 29 7.83 44.50 3.88
CA ASN F 29 7.31 45.84 4.10
C ASN F 29 6.00 45.81 4.90
N LEU F 30 6.03 45.24 6.11
CA LEU F 30 4.81 44.97 6.86
C LEU F 30 5.17 44.75 8.33
N LYS F 31 4.18 44.70 9.21
CA LYS F 31 4.40 44.47 10.64
C LYS F 31 3.40 43.39 11.05
N LEU F 32 3.89 42.17 11.21
CA LEU F 32 2.99 41.03 11.35
C LEU F 32 2.40 40.96 12.74
N ILE F 33 1.40 40.08 12.89
CA ILE F 33 0.76 39.80 14.16
C ILE F 33 0.73 38.29 14.29
N LEU F 34 1.50 37.75 15.21
CA LEU F 34 1.62 36.32 15.36
C LEU F 34 1.24 35.91 16.76
N GLN F 35 0.76 34.67 16.87
CA GLN F 35 0.40 34.08 18.15
C GLN F 35 0.27 32.58 17.96
N GLY F 36 0.98 31.81 18.77
CA GLY F 36 0.85 30.37 18.68
C GLY F 36 1.77 29.68 19.66
N CYS F 37 1.86 28.36 19.51
CA CYS F 37 2.73 27.55 20.32
C CYS F 37 4.14 27.62 19.78
N SER F 38 5.11 27.31 20.64
CA SER F 38 6.51 27.42 20.25
C SER F 38 7.37 26.53 21.13
N SER F 39 8.66 26.50 20.79
CA SER F 39 9.65 25.76 21.56
C SER F 39 10.92 26.55 21.83
N SER F 40 11.05 27.76 21.29
CA SER F 40 12.25 28.57 21.51
C SER F 40 11.85 30.04 21.59
N CYS F 41 12.22 30.70 22.68
CA CYS F 41 11.95 32.11 22.84
C CYS F 41 13.12 32.95 22.34
N SER F 42 12.76 34.13 21.82
CA SER F 42 13.71 35.13 21.34
C SER F 42 13.27 36.52 21.80
N GLU F 43 13.02 36.67 23.10
CA GLU F 43 12.43 37.90 23.64
C GLU F 43 13.37 39.10 23.53
N THR F 44 13.09 39.96 22.55
CA THR F 44 13.78 41.23 22.39
C THR F 44 12.89 42.42 22.70
N GLU F 45 11.74 42.51 22.04
CA GLU F 45 10.87 43.68 22.20
C GLU F 45 9.48 43.32 22.69
N ASN F 46 8.84 42.30 22.11
CA ASN F 46 7.49 41.95 22.51
C ASN F 46 7.22 40.46 22.58
N ASN F 47 8.21 39.60 22.42
CA ASN F 47 7.98 38.16 22.37
C ASN F 47 7.73 37.66 23.79
N LYS F 48 6.47 37.70 24.21
CA LYS F 48 6.11 37.32 25.57
C LYS F 48 6.15 35.81 25.73
N CYS F 49 7.34 35.25 25.89
CA CYS F 49 7.46 33.80 26.04
C CYS F 49 7.17 33.37 27.47
N CYS F 50 5.89 33.42 27.80
CA CYS F 50 5.39 33.05 29.12
C CYS F 50 4.98 31.58 29.11
N SER F 51 5.45 30.83 30.09
CA SER F 51 5.15 29.40 30.15
C SER F 51 3.90 29.07 30.94
N THR F 52 3.01 30.03 31.14
CA THR F 52 1.76 29.75 31.84
C THR F 52 0.62 29.53 30.86
N ASP F 53 -0.38 28.80 31.31
CA ASP F 53 -1.54 28.47 30.49
C ASP F 53 -2.39 29.71 30.27
N ARG F 54 -2.96 29.81 29.07
CA ARG F 54 -3.89 30.88 28.66
C ARG F 54 -3.25 32.26 28.80
N CYS F 55 -1.94 32.34 28.56
CA CYS F 55 -1.21 33.57 28.80
C CYS F 55 -1.44 34.59 27.70
N ASN F 56 -1.51 34.15 26.45
CA ASN F 56 -1.67 35.06 25.33
C ASN F 56 -3.11 35.58 25.29
N LYS F 57 -3.29 36.85 25.66
CA LYS F 57 -4.60 37.45 25.69
C LYS F 57 -4.65 38.66 24.80
C1 NAG G . 8.64 -11.09 -41.20
C2 NAG G . 8.07 -12.41 -41.70
C3 NAG G . 7.84 -12.33 -43.20
C4 NAG G . 6.94 -11.14 -43.54
C5 NAG G . 7.52 -9.85 -42.94
C6 NAG G . 6.59 -8.67 -43.09
C7 NAG G . 8.53 -14.56 -40.62
C8 NAG G . 9.56 -15.62 -40.38
N2 NAG G . 8.94 -13.52 -41.36
O3 NAG G . 7.23 -13.53 -43.66
O4 NAG G . 6.85 -10.99 -44.95
O5 NAG G . 7.74 -10.01 -41.53
O6 NAG G . 5.23 -9.07 -43.07
O7 NAG G . 7.38 -14.64 -40.19
C1 NAG H . -6.14 -24.47 7.68
C2 NAG H . -4.92 -25.15 7.03
C3 NAG H . -4.12 -25.98 8.05
C4 NAG H . -3.83 -25.18 9.32
C5 NAG H . -5.13 -24.65 9.89
C6 NAG H . -4.94 -23.81 11.13
C7 NAG H . -5.12 -25.72 4.64
C8 NAG H . -5.65 -26.70 3.65
N2 NAG H . -5.34 -26.00 5.93
O3 NAG H . -2.90 -26.39 7.46
O4 NAG H . -3.21 -26.02 10.29
O5 NAG H . -5.74 -23.80 8.91
O6 NAG H . -4.11 -22.69 10.86
O7 NAG H . -4.52 -24.70 4.30
C1 NAG I . 23.36 24.49 -27.42
C2 NAG I . 24.85 24.61 -27.14
C3 NAG I . 25.59 24.85 -28.45
C4 NAG I . 25.27 23.76 -29.46
C5 NAG I . 23.76 23.61 -29.64
C6 NAG I . 23.38 22.42 -30.48
C7 NAG I . 25.76 25.46 -25.03
C8 NAG I . 25.97 26.66 -24.17
N2 NAG I . 25.13 25.67 -26.19
O3 NAG I . 26.99 24.89 -28.20
O4 NAG I . 25.87 24.06 -30.71
O5 NAG I . 23.13 23.43 -28.36
O6 NAG I . 24.31 21.36 -30.33
O7 NAG I . 26.15 24.34 -24.70
C1 NAG J . 17.74 0.93 19.48
C2 NAG J . 17.98 2.46 19.41
C3 NAG J . 17.75 3.13 20.76
C4 NAG J . 16.43 2.71 21.40
C5 NAG J . 16.37 1.19 21.48
C6 NAG J . 15.08 0.68 22.06
C7 NAG J . 19.59 3.23 17.72
C8 NAG J . 21.05 3.43 17.42
N2 NAG J . 19.32 2.72 18.93
O3 NAG J . 17.77 4.53 20.60
O4 NAG J . 16.32 3.25 22.71
O5 NAG J . 16.48 0.66 20.15
O6 NAG J . 13.96 1.08 21.26
O7 NAG J . 18.71 3.51 16.92
C1 NAG K . -16.68 20.34 -34.70
C2 NAG K . -17.60 21.52 -34.43
C3 NAG K . -17.52 22.50 -35.60
C4 NAG K . -16.08 22.93 -35.84
C5 NAG K . -15.19 21.71 -36.02
C6 NAG K . -13.72 22.07 -36.08
C7 NAG K . -19.64 21.36 -33.09
C8 NAG K . -21.05 20.83 -33.02
N2 NAG K . -18.97 21.08 -34.21
O3 NAG K . -18.33 23.64 -35.32
O4 NAG K . -16.01 23.73 -37.02
O5 NAG K . -15.34 20.82 -34.89
O6 NAG K . -13.44 23.23 -35.30
O7 NAG K . -19.14 22.00 -32.17
C1 NAG L . -18.08 9.13 16.88
C2 NAG L . -19.30 8.82 15.98
C3 NAG L . -20.33 7.97 16.72
C4 NAG L . -19.68 6.75 17.38
C5 NAG L . -18.56 7.22 18.29
C6 NAG L . -17.83 6.09 18.96
C7 NAG L . -19.86 10.50 14.27
C8 NAG L . -20.56 11.80 14.00
N2 NAG L . -19.92 10.07 15.53
O3 NAG L . -21.32 7.52 15.79
O4 NAG L . -20.64 6.05 18.16
O5 NAG L . -17.60 7.93 17.49
O6 NAG L . -17.25 5.21 18.00
O7 NAG L . -19.28 9.88 13.38
#